data_8YJ7
#
_entry.id   8YJ7
#
_cell.length_a   72.591
_cell.length_b   129.272
_cell.length_c   245.588
_cell.angle_alpha   90.000
_cell.angle_beta   90.000
_cell.angle_gamma   90.000
#
_symmetry.space_group_name_H-M   'P 21 21 21'
#
loop_
_entity.id
_entity.type
_entity.pdbx_description
1 polymer 'Iron ABC transporter substrate-binding lipoprotein MtsA'
2 polymer scFv13
3 non-polymer 'ZINC ION'
#
loop_
_entity_poly.entity_id
_entity_poly.type
_entity_poly.pdbx_seq_one_letter_code
_entity_poly.pdbx_strand_id
1 'polypeptide(L)'
;DKLKVVATNSIIADMTKAIAGDKIDLHSIVPIGQDPHEYEPLPEDVEKTSNADVIFYNGINLEDGGQAWFTKLVKNAQKT
KNKDYFAVSDGIDVIYLEGASEKGKEDPHAWLNLENGIIYSKNIAKQLIAKDPKNKETYEKNLKAYVAKLEKLDKEAKSK
FDAIAENKKLIVTSEGCFKYFSKAYGVPSAYIWEINTEEEGTPDQISSLIEKLKVIKPSALFVESSVDRRPMETVSKDSG
IPIYSEIFTDSIAKKGKPGDSYYAMMKWNLDKISEGLAK
;
B,D,A,C
2 'polypeptide(L)'
;QSLEESGGRLVTPGTPLTLTCTASGFTISRHHMQWVRQAPGKGLEWIGLIDSSGSTYYANWAKGRFTISRTSTTVDLKMT
SLTTEDTATYFCARGGSMDFWGQGTLVTVSSGQPKAPSVGGGGSGGGGSGGGGSAQVLTQTPSPVSAAVGGTVTISCQSS
QSVAGNNFLSWYQQKPGQPPTQLIGATSTLASGVPSRFKGSGSGTQFTLTISDLESDDAATYYCAGGYSGNIFAFGGGTE
LEILRGPHHHHHH
;
G,E,F,H
#
# COMPACT_ATOMS: atom_id res chain seq x y z
N ASP A 1 27.21 -16.76 10.15
CA ASP A 1 26.75 -15.80 11.13
C ASP A 1 25.23 -15.67 11.04
N LYS A 2 24.55 -15.78 12.18
CA LYS A 2 23.09 -15.74 12.19
C LYS A 2 22.59 -14.30 12.10
N LEU A 3 21.45 -14.15 11.42
CA LEU A 3 20.82 -12.84 11.32
C LEU A 3 20.34 -12.38 12.68
N LYS A 4 20.67 -11.13 13.03
CA LYS A 4 20.34 -10.58 14.34
C LYS A 4 19.06 -9.76 14.21
N VAL A 5 17.97 -10.23 14.86
CA VAL A 5 16.66 -9.62 14.74
C VAL A 5 16.23 -9.10 16.10
N VAL A 6 15.63 -7.92 16.12
CA VAL A 6 15.07 -7.33 17.33
C VAL A 6 13.60 -7.02 17.08
N ALA A 7 12.73 -7.59 17.90
CA ALA A 7 11.31 -7.27 17.86
C ALA A 7 10.95 -6.49 19.11
N THR A 8 9.94 -5.65 19.00
CA THR A 8 9.63 -4.72 20.09
C THR A 8 8.73 -5.34 21.15
N ASN A 9 7.91 -6.32 20.80
CA ASN A 9 7.03 -6.96 21.77
C ASN A 9 6.93 -8.45 21.48
N SER A 10 6.32 -9.18 22.41
CA SER A 10 6.23 -10.63 22.29
C SER A 10 5.31 -11.08 21.15
N ILE A 11 4.35 -10.25 20.75
CA ILE A 11 3.49 -10.58 19.61
C ILE A 11 4.32 -10.61 18.34
N ILE A 12 5.03 -9.50 18.07
CA ILE A 12 5.87 -9.45 16.88
C ILE A 12 6.97 -10.52 16.94
N ALA A 13 7.58 -10.68 18.11
CA ALA A 13 8.63 -11.69 18.24
C ALA A 13 8.09 -13.08 17.94
N ASP A 14 6.89 -13.39 18.43
CA ASP A 14 6.31 -14.70 18.17
C ASP A 14 5.99 -14.88 16.69
N MET A 15 5.54 -13.79 16.02
CA MET A 15 5.30 -13.87 14.59
C MET A 15 6.59 -14.14 13.84
N THR A 16 7.70 -13.58 14.31
CA THR A 16 8.98 -13.81 13.66
C THR A 16 9.50 -15.22 13.90
N LYS A 17 9.28 -15.76 15.10
CA LYS A 17 9.64 -17.14 15.37
C LYS A 17 8.89 -18.07 14.42
N ALA A 18 7.62 -17.76 14.15
CA ALA A 18 6.80 -18.62 13.31
C ALA A 18 7.29 -18.65 11.88
N ILE A 19 8.00 -17.62 11.46
CA ILE A 19 8.49 -17.52 10.10
C ILE A 19 9.96 -17.93 9.99
N ALA A 20 10.79 -17.46 10.91
CA ALA A 20 12.22 -17.70 10.84
C ALA A 20 12.63 -19.02 11.45
N GLY A 21 11.92 -19.48 12.47
CA GLY A 21 12.34 -20.69 13.14
C GLY A 21 13.67 -20.51 13.84
N ASP A 22 14.55 -21.51 13.69
CA ASP A 22 15.83 -21.51 14.37
C ASP A 22 16.93 -20.80 13.58
N LYS A 23 16.56 -20.11 12.51
CA LYS A 23 17.54 -19.56 11.59
C LYS A 23 18.03 -18.15 11.96
N ILE A 24 17.50 -17.55 13.03
CA ILE A 24 17.84 -16.18 13.38
C ILE A 24 18.20 -16.08 14.86
N ASP A 25 18.85 -14.97 15.20
CA ASP A 25 19.08 -14.57 16.59
C ASP A 25 18.04 -13.51 16.93
N LEU A 26 17.05 -13.88 17.74
CA LEU A 26 15.90 -13.03 18.03
C LEU A 26 16.01 -12.45 19.44
N HIS A 27 15.72 -11.16 19.57
CA HIS A 27 15.59 -10.51 20.86
C HIS A 27 14.26 -9.76 20.89
N SER A 28 13.51 -9.93 21.97
CA SER A 28 12.25 -9.23 22.17
C SER A 28 12.46 -8.19 23.28
N ILE A 29 12.09 -6.95 23.00
CA ILE A 29 12.37 -5.86 23.93
C ILE A 29 11.37 -5.85 25.08
N VAL A 30 10.10 -5.64 24.77
CA VAL A 30 9.06 -5.63 25.80
C VAL A 30 8.81 -7.05 26.28
N PRO A 31 9.06 -7.35 27.55
CA PRO A 31 8.89 -8.73 28.02
C PRO A 31 7.42 -9.09 28.17
N ILE A 32 7.17 -10.40 28.23
CA ILE A 32 5.81 -10.91 28.32
C ILE A 32 5.11 -10.33 29.56
N GLY A 33 3.91 -9.78 29.34
CA GLY A 33 3.09 -9.26 30.40
C GLY A 33 3.17 -7.76 30.59
N GLN A 34 4.23 -7.12 30.07
CA GLN A 34 4.44 -5.70 30.26
C GLN A 34 3.74 -4.93 29.17
N ASP A 35 3.44 -3.66 29.48
CA ASP A 35 2.78 -2.80 28.50
C ASP A 35 3.78 -2.34 27.45
N PRO A 36 3.48 -2.54 26.16
CA PRO A 36 4.40 -2.13 25.09
C PRO A 36 4.32 -0.65 24.71
N HIS A 37 3.38 0.12 25.27
CA HIS A 37 3.32 1.54 24.97
C HIS A 37 4.34 2.33 25.77
N GLU A 38 4.53 1.98 27.05
CA GLU A 38 5.33 2.78 27.96
C GLU A 38 6.40 1.94 28.66
N TYR A 39 6.84 0.86 28.03
CA TYR A 39 7.96 0.09 28.57
C TYR A 39 9.27 0.82 28.30
N GLU A 40 10.15 0.83 29.31
CA GLU A 40 11.41 1.53 29.23
C GLU A 40 12.51 0.53 28.92
N PRO A 41 13.17 0.62 27.77
CA PRO A 41 14.18 -0.38 27.43
C PRO A 41 15.35 -0.38 28.39
N LEU A 42 15.96 -1.55 28.56
CA LEU A 42 17.10 -1.79 29.41
C LEU A 42 18.39 -1.77 28.59
N PRO A 43 19.55 -1.65 29.24
CA PRO A 43 20.81 -1.60 28.47
C PRO A 43 20.99 -2.75 27.51
N GLU A 44 20.61 -3.98 27.90
CA GLU A 44 20.72 -5.11 26.99
C GLU A 44 19.83 -4.92 25.76
N ASP A 45 18.72 -4.20 25.91
CA ASP A 45 17.86 -3.95 24.75
C ASP A 45 18.49 -2.92 23.84
N VAL A 46 19.10 -1.87 24.42
CA VAL A 46 19.82 -0.89 23.61
C VAL A 46 20.97 -1.56 22.87
N GLU A 47 21.69 -2.46 23.55
CA GLU A 47 22.86 -3.10 22.96
C GLU A 47 22.44 -4.00 21.80
N LYS A 48 21.48 -4.88 22.04
CA LYS A 48 21.05 -5.78 20.99
C LYS A 48 20.37 -5.07 19.83
N THR A 49 19.81 -3.88 20.08
CA THR A 49 19.23 -3.09 19.00
C THR A 49 20.33 -2.51 18.11
N SER A 50 21.38 -1.95 18.71
CA SER A 50 22.43 -1.33 17.93
C SER A 50 23.20 -2.33 17.08
N ASN A 51 23.22 -3.60 17.51
CA ASN A 51 23.86 -4.66 16.76
C ASN A 51 22.88 -5.49 15.93
N ALA A 52 21.66 -5.00 15.74
CA ALA A 52 20.65 -5.75 15.01
C ALA A 52 20.82 -5.55 13.51
N ASP A 53 20.70 -6.66 12.77
CA ASP A 53 20.62 -6.57 11.32
C ASP A 53 19.25 -6.13 10.85
N VAL A 54 18.21 -6.34 11.67
CA VAL A 54 16.86 -5.89 11.34
C VAL A 54 16.07 -5.73 12.64
N ILE A 55 15.28 -4.67 12.71
CA ILE A 55 14.41 -4.41 13.86
C ILE A 55 12.98 -4.33 13.36
N PHE A 56 12.06 -4.96 14.10
CA PHE A 56 10.64 -4.95 13.76
C PHE A 56 9.87 -4.29 14.89
N TYR A 57 9.10 -3.27 14.55
CA TYR A 57 8.22 -2.61 15.52
C TYR A 57 6.83 -2.53 14.95
N ASN A 58 5.86 -2.30 15.84
CA ASN A 58 4.47 -2.27 15.43
C ASN A 58 4.17 -1.01 14.61
N GLY A 59 4.56 0.16 15.11
CA GLY A 59 4.13 1.40 14.52
C GLY A 59 2.74 1.82 14.99
N ILE A 60 2.11 2.65 14.16
CA ILE A 60 0.75 3.18 14.36
C ILE A 60 0.43 3.49 15.81
N ASN A 61 1.33 4.20 16.50
CA ASN A 61 1.10 4.72 17.85
C ASN A 61 1.06 3.61 18.92
N LEU A 62 1.92 2.62 18.80
CA LEU A 62 2.15 1.72 19.92
C LEU A 62 3.40 2.09 20.67
N GLU A 63 4.48 2.33 19.95
CA GLU A 63 5.77 2.66 20.53
C GLU A 63 6.54 3.72 19.75
N ASP A 64 5.97 4.25 18.66
CA ASP A 64 6.69 5.10 17.71
C ASP A 64 6.22 6.57 17.79
N GLY A 65 5.69 6.96 18.93
CA GLY A 65 5.30 8.35 19.11
C GLY A 65 6.48 9.32 19.12
N GLY A 66 6.15 10.60 19.22
CA GLY A 66 7.18 11.61 19.26
C GLY A 66 8.10 11.45 20.45
N GLN A 67 7.53 11.34 21.63
CA GLN A 67 8.31 11.16 22.86
C GLN A 67 8.19 9.73 23.39
N ALA A 68 8.11 8.76 22.48
CA ALA A 68 7.96 7.36 22.81
C ALA A 68 9.31 6.65 22.80
N TRP A 69 9.32 5.46 23.37
CA TRP A 69 10.59 4.79 23.65
C TRP A 69 11.29 4.33 22.39
N PHE A 70 10.53 3.85 21.40
CA PHE A 70 11.15 3.31 20.21
C PHE A 70 11.77 4.42 19.38
N THR A 71 11.09 5.56 19.28
CA THR A 71 11.65 6.69 18.55
C THR A 71 12.95 7.15 19.19
N LYS A 72 13.00 7.20 20.51
CA LYS A 72 14.26 7.51 21.19
C LYS A 72 15.30 6.43 20.94
N LEU A 73 14.87 5.16 20.92
CA LEU A 73 15.81 4.06 20.73
C LEU A 73 16.52 4.15 19.37
N VAL A 74 15.75 4.23 18.29
CA VAL A 74 16.34 4.26 16.95
C VAL A 74 17.02 5.57 16.63
N LYS A 75 16.61 6.67 17.29
CA LYS A 75 17.30 7.95 17.10
C LYS A 75 18.66 7.92 17.77
N ASN A 76 18.69 7.49 19.04
CA ASN A 76 19.96 7.42 19.77
C ASN A 76 20.88 6.36 19.20
N ALA A 77 20.30 5.28 18.66
CA ALA A 77 21.08 4.26 17.98
C ALA A 77 21.42 4.63 16.54
N GLN A 78 20.85 5.73 16.02
CA GLN A 78 21.15 6.22 14.68
C GLN A 78 20.79 5.20 13.60
N LYS A 79 19.59 4.64 13.70
CA LYS A 79 19.06 3.71 12.72
C LYS A 79 18.17 4.44 11.74
N THR A 80 18.03 3.87 10.54
CA THR A 80 17.28 4.49 9.46
C THR A 80 16.01 3.69 9.21
N LYS A 81 14.88 4.38 9.11
CA LYS A 81 13.62 3.73 8.80
C LYS A 81 13.68 3.09 7.42
N ASN A 82 13.04 1.92 7.31
CA ASN A 82 12.94 1.16 6.07
C ASN A 82 14.29 0.67 5.56
N LYS A 83 15.34 0.82 6.38
CA LYS A 83 16.65 0.24 6.10
C LYS A 83 17.10 -0.67 7.24
N ASP A 84 16.97 -0.20 8.48
CA ASP A 84 17.26 -1.02 9.65
C ASP A 84 15.99 -1.50 10.35
N TYR A 85 15.06 -0.61 10.66
CA TYR A 85 13.83 -0.96 11.38
C TYR A 85 12.61 -0.76 10.48
N PHE A 86 11.65 -1.67 10.63
CA PHE A 86 10.49 -1.72 9.75
C PHE A 86 9.23 -1.82 10.58
N ALA A 87 8.22 -1.01 10.24
CA ALA A 87 6.91 -1.12 10.88
C ALA A 87 6.13 -2.28 10.25
N VAL A 88 5.82 -3.29 11.07
CA VAL A 88 5.12 -4.46 10.56
C VAL A 88 3.66 -4.17 10.27
N SER A 89 3.17 -2.99 10.62
CA SER A 89 1.80 -2.60 10.34
C SER A 89 1.63 -1.97 8.98
N ASP A 90 2.73 -1.77 8.24
CA ASP A 90 2.65 -1.10 6.96
C ASP A 90 1.69 -1.83 6.02
N GLY A 91 0.63 -1.14 5.58
CA GLY A 91 -0.28 -1.68 4.60
C GLY A 91 -1.65 -2.02 5.10
N ILE A 92 -1.99 -1.65 6.33
CA ILE A 92 -3.28 -1.97 6.92
C ILE A 92 -4.15 -0.72 6.89
N ASP A 93 -5.48 -0.93 6.83
CA ASP A 93 -6.42 0.18 6.98
C ASP A 93 -6.39 0.60 8.44
N VAL A 94 -5.93 1.80 8.68
CA VAL A 94 -5.76 2.31 10.04
C VAL A 94 -7.11 2.72 10.61
N ILE A 95 -7.30 2.43 11.89
CA ILE A 95 -8.41 2.98 12.68
C ILE A 95 -7.80 3.93 13.73
N TYR A 96 -8.39 5.11 13.87
CA TYR A 96 -7.88 6.14 14.76
C TYR A 96 -8.63 6.12 16.09
N LEU A 97 -8.00 6.72 17.10
CA LEU A 97 -8.59 6.81 18.43
C LEU A 97 -9.67 7.87 18.42
N GLU A 98 -10.91 7.47 18.78
CA GLU A 98 -12.05 8.39 18.68
C GLU A 98 -11.98 9.51 19.70
N GLY A 99 -11.51 9.19 20.91
CA GLY A 99 -11.46 10.13 22.00
C GLY A 99 -10.92 11.50 21.65
N ALA A 100 -11.69 12.54 22.00
CA ALA A 100 -11.24 13.90 21.79
C ALA A 100 -9.97 14.20 22.53
N SER A 101 -9.63 13.38 23.53
CA SER A 101 -8.36 13.54 24.23
C SER A 101 -7.18 13.19 23.32
N GLU A 102 -7.17 11.96 22.78
CA GLU A 102 -6.15 11.54 21.81
C GLU A 102 -6.50 12.07 20.42
N LYS A 103 -6.33 13.38 20.26
CA LYS A 103 -6.66 14.03 19.00
C LYS A 103 -5.74 13.55 17.90
N GLY A 104 -6.31 12.90 16.89
CA GLY A 104 -5.59 12.54 15.69
C GLY A 104 -4.71 11.32 15.79
N LYS A 105 -4.39 10.86 16.98
CA LYS A 105 -3.49 9.73 17.12
C LYS A 105 -4.15 8.44 16.63
N GLU A 106 -3.33 7.51 16.17
CA GLU A 106 -3.81 6.24 15.62
C GLU A 106 -3.95 5.20 16.72
N ASP A 107 -4.84 4.23 16.47
CA ASP A 107 -5.01 3.08 17.37
C ASP A 107 -4.10 1.95 16.92
N PRO A 108 -3.21 1.44 17.78
CA PRO A 108 -2.18 0.50 17.31
C PRO A 108 -2.59 -0.96 17.28
N HIS A 109 -3.69 -1.33 17.93
CA HIS A 109 -4.00 -2.73 18.18
C HIS A 109 -4.56 -3.42 16.94
N ALA A 110 -3.76 -3.32 15.86
CA ALA A 110 -4.20 -3.86 14.58
C ALA A 110 -4.18 -5.38 14.55
N TRP A 111 -3.26 -6.00 15.30
CA TRP A 111 -3.11 -7.45 15.25
C TRP A 111 -4.36 -8.20 15.73
N LEU A 112 -5.27 -7.51 16.42
CA LEU A 112 -6.51 -8.16 16.86
C LEU A 112 -7.44 -8.49 15.68
N ASN A 113 -7.16 -7.96 14.50
CA ASN A 113 -7.79 -8.42 13.27
C ASN A 113 -6.80 -9.39 12.65
N LEU A 114 -7.22 -10.66 12.52
CA LEU A 114 -6.30 -11.69 12.05
C LEU A 114 -5.73 -11.36 10.67
N GLU A 115 -6.52 -10.70 9.81
CA GLU A 115 -6.01 -10.34 8.50
C GLU A 115 -4.85 -9.35 8.61
N ASN A 116 -4.85 -8.52 9.64
CA ASN A 116 -3.71 -7.63 9.86
C ASN A 116 -2.51 -8.39 10.37
N GLY A 117 -2.75 -9.40 11.22
CA GLY A 117 -1.65 -10.26 11.64
C GLY A 117 -0.99 -10.95 10.47
N ILE A 118 -1.77 -11.30 9.43
CA ILE A 118 -1.18 -11.82 8.21
C ILE A 118 -0.32 -10.76 7.52
N ILE A 119 -0.81 -9.52 7.49
CA ILE A 119 -0.02 -8.42 6.94
C ILE A 119 1.26 -8.22 7.75
N TYR A 120 1.15 -8.30 9.08
CA TYR A 120 2.33 -8.24 9.92
C TYR A 120 3.33 -9.31 9.51
N SER A 121 2.86 -10.55 9.38
CA SER A 121 3.76 -11.65 9.08
C SER A 121 4.36 -11.52 7.69
N LYS A 122 3.57 -11.08 6.71
CA LYS A 122 4.10 -10.86 5.37
C LYS A 122 5.21 -9.80 5.37
N ASN A 123 5.06 -8.75 6.19
CA ASN A 123 6.10 -7.72 6.28
C ASN A 123 7.34 -8.26 6.98
N ILE A 124 7.16 -9.18 7.93
CA ILE A 124 8.30 -9.76 8.62
C ILE A 124 9.11 -10.65 7.68
N ALA A 125 8.44 -11.56 6.97
CA ALA A 125 9.13 -12.47 6.07
C ALA A 125 9.74 -11.72 4.89
N LYS A 126 9.11 -10.60 4.48
CA LYS A 126 9.66 -9.82 3.37
C LYS A 126 11.06 -9.31 3.71
N GLN A 127 11.25 -8.79 4.92
CA GLN A 127 12.55 -8.26 5.30
C GLN A 127 13.54 -9.36 5.68
N LEU A 128 13.03 -10.46 6.23
CA LEU A 128 13.91 -11.59 6.54
C LEU A 128 14.50 -12.18 5.27
N ILE A 129 13.68 -12.25 4.21
CA ILE A 129 14.16 -12.79 2.94
C ILE A 129 15.14 -11.84 2.27
N ALA A 130 14.91 -10.53 2.40
CA ALA A 130 15.77 -9.55 1.75
C ALA A 130 17.17 -9.53 2.37
N LYS A 131 17.26 -9.70 3.69
CA LYS A 131 18.55 -9.62 4.37
C LYS A 131 19.23 -10.96 4.56
N ASP A 132 18.49 -12.06 4.53
CA ASP A 132 19.03 -13.41 4.67
C ASP A 132 18.50 -14.28 3.54
N PRO A 133 18.89 -13.99 2.29
CA PRO A 133 18.34 -14.75 1.16
C PRO A 133 18.77 -16.19 1.15
N LYS A 134 19.76 -16.57 1.96
CA LYS A 134 20.11 -17.98 2.11
C LYS A 134 18.88 -18.78 2.51
N ASN A 135 18.15 -18.30 3.51
CA ASN A 135 17.04 -19.07 4.04
C ASN A 135 15.69 -18.64 3.49
N LYS A 136 15.69 -18.03 2.29
CA LYS A 136 14.43 -17.70 1.63
C LYS A 136 13.51 -18.91 1.55
N GLU A 137 14.10 -20.10 1.32
CA GLU A 137 13.32 -21.32 1.25
C GLU A 137 12.49 -21.52 2.52
N THR A 138 13.14 -21.46 3.68
CA THR A 138 12.45 -21.80 4.92
C THR A 138 11.48 -20.69 5.32
N TYR A 139 11.86 -19.43 5.09
CA TYR A 139 10.97 -18.32 5.44
C TYR A 139 9.66 -18.40 4.67
N GLU A 140 9.74 -18.73 3.37
CA GLU A 140 8.54 -18.74 2.56
C GLU A 140 7.62 -19.91 2.94
N LYS A 141 8.20 -21.08 3.19
CA LYS A 141 7.37 -22.23 3.55
C LYS A 141 6.74 -22.07 4.92
N ASN A 142 7.41 -21.37 5.84
CA ASN A 142 6.83 -21.13 7.16
C ASN A 142 5.79 -20.02 7.10
N LEU A 143 6.04 -18.98 6.30
CA LEU A 143 5.04 -17.95 6.10
C LEU A 143 3.77 -18.53 5.47
N LYS A 144 3.94 -19.32 4.40
CA LYS A 144 2.80 -19.92 3.72
C LYS A 144 1.96 -20.77 4.67
N ALA A 145 2.63 -21.55 5.53
CA ALA A 145 1.91 -22.35 6.52
C ALA A 145 1.30 -21.48 7.61
N TYR A 146 1.99 -20.40 8.00
CA TYR A 146 1.47 -19.52 9.04
C TYR A 146 0.25 -18.75 8.54
N VAL A 147 0.36 -18.20 7.32
CA VAL A 147 -0.77 -17.45 6.76
C VAL A 147 -2.00 -18.34 6.68
N ALA A 148 -1.84 -19.57 6.18
CA ALA A 148 -2.96 -20.50 6.09
C ALA A 148 -3.54 -20.81 7.46
N LYS A 149 -2.68 -21.02 8.47
CA LYS A 149 -3.16 -21.28 9.83
C LYS A 149 -3.94 -20.10 10.37
N LEU A 150 -3.53 -18.89 10.01
CA LEU A 150 -4.25 -17.69 10.42
C LEU A 150 -5.52 -17.46 9.60
N GLU A 151 -5.51 -17.79 8.31
CA GLU A 151 -6.72 -17.60 7.50
C GLU A 151 -7.85 -18.47 8.00
N LYS A 152 -7.55 -19.74 8.34
CA LYS A 152 -8.58 -20.64 8.85
C LYS A 152 -9.21 -20.06 10.11
N LEU A 153 -8.37 -19.52 11.00
CA LEU A 153 -8.86 -18.90 12.21
C LEU A 153 -9.64 -17.63 11.91
N ASP A 154 -9.27 -16.92 10.84
CA ASP A 154 -10.01 -15.72 10.44
C ASP A 154 -11.41 -16.08 9.97
N LYS A 155 -11.52 -17.08 9.09
CA LYS A 155 -12.83 -17.53 8.63
C LYS A 155 -13.68 -17.98 9.80
N GLU A 156 -13.04 -18.52 10.86
CA GLU A 156 -13.79 -18.92 12.05
C GLU A 156 -14.32 -17.72 12.81
N ALA A 157 -13.48 -16.69 12.99
CA ALA A 157 -13.89 -15.50 13.72
C ALA A 157 -14.99 -14.73 13.02
N LYS A 158 -15.15 -14.90 11.70
CA LYS A 158 -16.18 -14.16 10.97
C LYS A 158 -17.58 -14.61 11.36
N SER A 159 -17.74 -15.87 11.76
CA SER A 159 -19.04 -16.42 12.11
C SER A 159 -19.07 -16.99 13.52
N LYS A 160 -18.04 -16.72 14.32
CA LYS A 160 -18.00 -17.25 15.68
C LYS A 160 -19.16 -16.75 16.51
N PHE A 161 -19.59 -15.50 16.30
CA PHE A 161 -20.51 -14.82 17.19
C PHE A 161 -21.91 -14.68 16.59
N ASP A 162 -22.22 -15.44 15.54
CA ASP A 162 -23.50 -15.29 14.86
C ASP A 162 -24.69 -15.73 15.71
N ALA A 163 -24.46 -16.58 16.72
CA ALA A 163 -25.55 -17.09 17.55
C ALA A 163 -25.97 -16.13 18.65
N ILE A 164 -25.17 -15.09 18.92
CA ILE A 164 -25.43 -14.17 20.02
C ILE A 164 -26.30 -13.03 19.53
N ALA A 165 -27.29 -12.65 20.34
CA ALA A 165 -28.15 -11.52 20.00
C ALA A 165 -27.35 -10.23 19.94
N GLU A 166 -27.80 -9.32 19.07
CA GLU A 166 -27.05 -8.07 18.88
C GLU A 166 -27.04 -7.22 20.14
N ASN A 167 -28.09 -7.33 20.97
CA ASN A 167 -28.14 -6.56 22.22
C ASN A 167 -27.21 -7.11 23.28
N LYS A 168 -26.44 -8.16 22.96
CA LYS A 168 -25.47 -8.72 23.90
C LYS A 168 -24.08 -8.89 23.29
N LYS A 169 -23.85 -8.35 22.08
CA LYS A 169 -22.54 -8.41 21.42
C LYS A 169 -21.73 -7.19 21.84
N LEU A 170 -21.09 -7.28 23.01
CA LEU A 170 -20.24 -6.20 23.50
C LEU A 170 -19.03 -6.78 24.20
N ILE A 171 -17.85 -6.61 23.61
CA ILE A 171 -16.59 -7.03 24.20
C ILE A 171 -16.09 -5.89 25.09
N VAL A 172 -16.08 -6.10 26.40
CA VAL A 172 -15.68 -5.07 27.36
C VAL A 172 -14.31 -5.44 27.92
N THR A 173 -13.30 -4.65 27.59
CA THR A 173 -11.95 -4.82 28.11
C THR A 173 -11.56 -3.56 28.84
N SER A 174 -10.43 -3.64 29.58
CA SER A 174 -9.97 -2.46 30.31
C SER A 174 -9.53 -1.36 29.35
N GLU A 175 -8.73 -1.72 28.34
CA GLU A 175 -8.25 -0.77 27.35
C GLU A 175 -9.03 -0.92 26.05
N GLY A 176 -9.28 0.22 25.38
CA GLY A 176 -9.97 0.24 24.10
C GLY A 176 -9.12 -0.28 22.95
N CYS A 177 -8.72 -1.54 23.04
CA CYS A 177 -7.78 -2.14 22.10
C CYS A 177 -8.45 -3.03 21.05
N PHE A 178 -9.80 -3.08 21.06
CA PHE A 178 -10.51 -4.02 20.21
C PHE A 178 -11.11 -3.38 18.97
N LYS A 179 -10.61 -2.20 18.56
CA LYS A 179 -11.23 -1.49 17.44
C LYS A 179 -11.09 -2.29 16.15
N TYR A 180 -9.91 -2.88 15.91
CA TYR A 180 -9.71 -3.66 14.69
C TYR A 180 -10.45 -4.97 14.75
N PHE A 181 -10.61 -5.50 15.96
CA PHE A 181 -11.43 -6.70 16.13
C PHE A 181 -12.90 -6.39 15.85
N SER A 182 -13.40 -5.28 16.38
CA SER A 182 -14.79 -4.92 16.21
C SER A 182 -15.12 -4.67 14.73
N LYS A 183 -14.26 -3.93 14.02
CA LYS A 183 -14.47 -3.67 12.61
C LYS A 183 -14.45 -4.97 11.80
N ALA A 184 -13.53 -5.86 12.13
CA ALA A 184 -13.34 -7.06 11.33
C ALA A 184 -14.38 -8.13 11.60
N TYR A 185 -14.85 -8.24 12.84
CA TYR A 185 -15.68 -9.37 13.24
C TYR A 185 -17.08 -8.98 13.70
N GLY A 186 -17.48 -7.72 13.50
CA GLY A 186 -18.86 -7.32 13.75
C GLY A 186 -19.29 -7.42 15.19
N VAL A 187 -18.36 -7.17 16.13
CA VAL A 187 -18.69 -7.19 17.56
C VAL A 187 -18.25 -5.86 18.16
N PRO A 188 -19.16 -4.94 18.48
CA PRO A 188 -18.77 -3.68 19.12
C PRO A 188 -18.04 -3.93 20.44
N SER A 189 -17.26 -2.93 20.85
CA SER A 189 -16.44 -3.07 22.04
C SER A 189 -16.53 -1.80 22.89
N ALA A 190 -16.39 -1.98 24.21
CA ALA A 190 -16.38 -0.90 25.17
C ALA A 190 -15.12 -1.01 26.01
N TYR A 191 -14.80 0.07 26.74
CA TYR A 191 -13.55 0.14 27.48
C TYR A 191 -13.67 1.06 28.68
N ILE A 192 -12.60 1.08 29.49
CA ILE A 192 -12.46 2.00 30.61
C ILE A 192 -11.62 3.19 30.14
N TRP A 193 -10.40 2.90 29.70
CA TRP A 193 -9.55 3.89 29.06
C TRP A 193 -9.25 3.43 27.65
N GLU A 194 -9.09 4.39 26.73
CA GLU A 194 -8.95 4.04 25.32
C GLU A 194 -7.57 3.47 25.03
N ILE A 195 -6.52 4.12 25.50
CA ILE A 195 -5.16 3.68 25.23
C ILE A 195 -4.37 3.75 26.54
N ASN A 196 -3.33 2.92 26.64
CA ASN A 196 -2.57 2.86 27.88
C ASN A 196 -1.82 4.15 28.20
N THR A 197 -1.75 5.09 27.25
CA THR A 197 -1.10 6.38 27.53
C THR A 197 -1.94 7.24 28.48
N GLU A 198 -3.26 7.04 28.49
CA GLU A 198 -4.10 7.78 29.41
C GLU A 198 -3.94 7.23 30.83
N GLU A 199 -4.55 7.93 31.79
CA GLU A 199 -4.59 7.42 33.15
C GLU A 199 -5.57 6.26 33.21
N GLU A 200 -5.16 5.16 33.85
CA GLU A 200 -5.84 3.87 33.72
C GLU A 200 -6.76 3.65 34.93
N GLY A 201 -8.05 3.94 34.76
CA GLY A 201 -9.05 3.57 35.74
C GLY A 201 -9.49 4.70 36.64
N THR A 202 -9.82 5.85 36.06
CA THR A 202 -10.30 6.99 36.84
C THR A 202 -11.75 6.75 37.23
N PRO A 203 -12.25 7.45 38.25
CA PRO A 203 -13.66 7.23 38.64
C PRO A 203 -14.64 7.60 37.54
N ASP A 204 -14.34 8.64 36.74
CA ASP A 204 -15.20 8.97 35.62
C ASP A 204 -15.18 7.87 34.57
N GLN A 205 -13.97 7.41 34.18
CA GLN A 205 -13.88 6.31 33.21
C GLN A 205 -14.64 5.08 33.68
N ILE A 206 -14.54 4.75 34.96
CA ILE A 206 -15.24 3.59 35.50
C ILE A 206 -16.75 3.82 35.48
N SER A 207 -17.19 5.01 35.91
CA SER A 207 -18.62 5.28 35.98
C SER A 207 -19.26 5.40 34.59
N SER A 208 -18.49 5.86 33.60
CA SER A 208 -19.02 5.93 32.24
C SER A 208 -19.30 4.53 31.71
N LEU A 209 -18.36 3.61 31.93
CA LEU A 209 -18.57 2.24 31.47
C LEU A 209 -19.71 1.57 32.22
N ILE A 210 -19.88 1.90 33.50
CA ILE A 210 -21.00 1.35 34.27
C ILE A 210 -22.32 1.76 33.62
N GLU A 211 -22.42 3.02 33.20
CA GLU A 211 -23.64 3.47 32.53
C GLU A 211 -23.79 2.83 31.15
N LYS A 212 -22.67 2.66 30.45
CA LYS A 212 -22.70 2.01 29.14
C LYS A 212 -23.24 0.61 29.27
N LEU A 213 -22.89 -0.11 30.33
CA LEU A 213 -23.33 -1.48 30.51
C LEU A 213 -24.82 -1.56 30.77
N LYS A 214 -25.41 -0.57 31.45
CA LYS A 214 -26.85 -0.59 31.69
C LYS A 214 -27.63 -0.62 30.38
N VAL A 215 -27.13 0.07 29.36
CA VAL A 215 -27.81 0.11 28.06
C VAL A 215 -27.61 -1.20 27.30
N ILE A 216 -26.35 -1.58 27.08
CA ILE A 216 -25.98 -2.82 26.43
C ILE A 216 -25.32 -3.68 27.49
N LYS A 217 -26.06 -4.68 28.01
CA LYS A 217 -25.54 -5.53 29.08
C LYS A 217 -25.01 -6.81 28.48
N PRO A 218 -23.71 -7.03 28.43
CA PRO A 218 -23.19 -8.33 27.99
C PRO A 218 -23.19 -9.33 29.12
N SER A 219 -23.14 -10.62 28.74
CA SER A 219 -23.12 -11.69 29.72
C SER A 219 -21.79 -11.77 30.47
N ALA A 220 -20.76 -11.06 30.02
CA ALA A 220 -19.43 -11.28 30.52
C ALA A 220 -18.53 -10.10 30.18
N LEU A 221 -17.63 -9.77 31.10
CA LEU A 221 -16.57 -8.82 30.85
C LEU A 221 -15.25 -9.57 30.73
N PHE A 222 -14.22 -8.88 30.27
CA PHE A 222 -12.93 -9.50 30.04
C PHE A 222 -11.85 -8.59 30.57
N VAL A 223 -10.69 -9.19 30.85
CA VAL A 223 -9.55 -8.45 31.39
C VAL A 223 -8.28 -8.94 30.71
N GLU A 224 -7.39 -8.01 30.43
CA GLU A 224 -6.17 -8.29 29.70
C GLU A 224 -5.07 -8.82 30.63
N SER A 225 -4.20 -9.65 30.06
CA SER A 225 -3.05 -10.15 30.80
C SER A 225 -2.05 -9.04 31.14
N SER A 226 -2.11 -7.91 30.46
CA SER A 226 -1.07 -6.89 30.59
C SER A 226 -1.56 -5.62 31.31
N VAL A 227 -2.64 -5.70 32.06
CA VAL A 227 -3.18 -4.53 32.77
C VAL A 227 -3.48 -4.92 34.20
N ASP A 228 -3.46 -3.91 35.08
CA ASP A 228 -3.92 -4.11 36.45
C ASP A 228 -5.39 -4.42 36.44
N ARG A 229 -5.77 -5.51 37.10
CA ARG A 229 -7.14 -5.99 37.05
C ARG A 229 -8.11 -5.22 37.94
N ARG A 230 -7.59 -4.35 38.81
CA ARG A 230 -8.46 -3.65 39.77
C ARG A 230 -9.49 -2.73 39.11
N PRO A 231 -9.16 -1.97 38.05
CA PRO A 231 -10.22 -1.20 37.37
C PRO A 231 -11.37 -2.06 36.85
N MET A 232 -11.06 -3.07 36.02
CA MET A 232 -12.11 -3.94 35.50
C MET A 232 -12.84 -4.69 36.63
N GLU A 233 -12.15 -4.99 37.74
CA GLU A 233 -12.81 -5.67 38.86
C GLU A 233 -13.80 -4.74 39.57
N THR A 234 -13.53 -3.43 39.59
CA THR A 234 -14.50 -2.49 40.14
C THR A 234 -15.73 -2.42 39.24
N VAL A 235 -15.52 -2.38 37.92
CA VAL A 235 -16.63 -2.41 36.98
C VAL A 235 -17.43 -3.69 37.13
N SER A 236 -16.73 -4.81 37.31
CA SER A 236 -17.42 -6.10 37.45
C SER A 236 -18.21 -6.17 38.76
N LYS A 237 -17.61 -5.74 39.87
CA LYS A 237 -18.32 -5.76 41.13
C LYS A 237 -19.52 -4.83 41.09
N ASP A 238 -19.35 -3.63 40.52
CA ASP A 238 -20.42 -2.65 40.55
C ASP A 238 -21.54 -3.03 39.59
N SER A 239 -21.19 -3.46 38.38
CA SER A 239 -22.20 -3.83 37.39
C SER A 239 -22.84 -5.18 37.68
N GLY A 240 -22.15 -6.05 38.41
CA GLY A 240 -22.63 -7.40 38.63
C GLY A 240 -22.43 -8.34 37.47
N ILE A 241 -21.63 -7.96 36.48
CA ILE A 241 -21.30 -8.81 35.35
C ILE A 241 -19.92 -9.42 35.60
N PRO A 242 -19.81 -10.72 35.83
CA PRO A 242 -18.49 -11.31 36.14
C PRO A 242 -17.57 -11.28 34.94
N ILE A 243 -16.28 -11.14 35.23
CA ILE A 243 -15.25 -11.25 34.19
C ILE A 243 -15.11 -12.72 33.81
N TYR A 244 -15.55 -13.09 32.61
CA TYR A 244 -15.55 -14.50 32.23
C TYR A 244 -14.14 -15.07 32.08
N SER A 245 -13.17 -14.26 31.65
CA SER A 245 -11.88 -14.84 31.30
C SER A 245 -10.83 -13.75 31.15
N GLU A 246 -9.59 -14.10 31.48
CA GLU A 246 -8.45 -13.33 31.06
C GLU A 246 -8.28 -13.47 29.54
N ILE A 247 -7.95 -12.36 28.87
CA ILE A 247 -7.70 -12.36 27.44
C ILE A 247 -6.36 -11.70 27.17
N PHE A 248 -5.92 -11.82 25.92
CA PHE A 248 -4.58 -11.42 25.52
C PHE A 248 -4.67 -10.37 24.43
N THR A 249 -4.09 -9.20 24.68
CA THR A 249 -4.16 -8.09 23.73
C THR A 249 -2.77 -7.58 23.39
N ASP A 250 -2.11 -6.94 24.34
CA ASP A 250 -0.83 -6.30 24.11
C ASP A 250 0.36 -7.22 24.41
N SER A 251 0.10 -8.49 24.70
CA SER A 251 1.18 -9.43 25.01
C SER A 251 0.63 -10.84 24.87
N ILE A 252 1.53 -11.78 24.56
CA ILE A 252 1.19 -13.20 24.62
C ILE A 252 1.34 -13.68 26.05
N ALA A 253 1.03 -14.95 26.28
CA ALA A 253 1.18 -15.52 27.61
C ALA A 253 2.62 -15.98 27.83
N LYS A 254 2.97 -16.21 29.10
CA LYS A 254 4.28 -16.77 29.41
C LYS A 254 4.43 -18.17 28.81
N LYS A 255 5.66 -18.50 28.43
CA LYS A 255 5.99 -19.82 27.88
C LYS A 255 5.39 -20.92 28.75
N GLY A 256 4.51 -21.73 28.14
CA GLY A 256 3.86 -22.85 28.80
C GLY A 256 2.40 -22.61 29.10
N LYS A 257 1.98 -21.36 29.29
CA LYS A 257 0.60 -21.06 29.60
C LYS A 257 -0.25 -21.07 28.33
N PRO A 258 -1.57 -21.19 28.47
CA PRO A 258 -2.43 -21.09 27.28
C PRO A 258 -2.32 -19.71 26.65
N GLY A 259 -2.22 -19.68 25.33
CA GLY A 259 -2.04 -18.42 24.62
C GLY A 259 -0.62 -17.88 24.62
N ASP A 260 0.40 -18.75 24.76
CA ASP A 260 1.78 -18.31 24.76
C ASP A 260 2.33 -18.13 23.35
N SER A 261 1.46 -17.82 22.41
CA SER A 261 1.85 -17.46 21.05
C SER A 261 0.74 -16.58 20.47
N TYR A 262 1.05 -15.91 19.34
CA TYR A 262 0.04 -15.04 18.73
C TYR A 262 -1.18 -15.84 18.25
N TYR A 263 -0.93 -16.96 17.55
CA TYR A 263 -2.04 -17.77 17.10
C TYR A 263 -2.84 -18.31 18.28
N ALA A 264 -2.14 -18.82 19.29
CA ALA A 264 -2.83 -19.40 20.44
C ALA A 264 -3.59 -18.35 21.23
N MET A 265 -3.05 -17.12 21.30
CA MET A 265 -3.74 -16.06 22.01
C MET A 265 -5.00 -15.64 21.27
N MET A 266 -4.98 -15.74 19.94
CA MET A 266 -6.16 -15.37 19.16
C MET A 266 -7.24 -16.44 19.27
N LYS A 267 -6.85 -17.71 19.11
CA LYS A 267 -7.78 -18.81 19.34
C LYS A 267 -8.34 -18.74 20.76
N TRP A 268 -7.47 -18.47 21.74
CA TRP A 268 -7.93 -18.28 23.12
C TRP A 268 -8.95 -17.14 23.21
N ASN A 269 -8.62 -15.98 22.61
CA ASN A 269 -9.53 -14.85 22.66
C ASN A 269 -10.86 -15.18 21.98
N LEU A 270 -10.81 -15.83 20.80
CA LEU A 270 -12.04 -16.24 20.13
C LEU A 270 -12.84 -17.21 20.99
N ASP A 271 -12.15 -18.20 21.60
CA ASP A 271 -12.86 -19.20 22.39
C ASP A 271 -13.52 -18.57 23.60
N LYS A 272 -12.73 -17.80 24.38
CA LYS A 272 -13.23 -17.29 25.66
C LYS A 272 -14.28 -16.20 25.45
N ILE A 273 -14.07 -15.33 24.46
CA ILE A 273 -15.00 -14.23 24.26
C ILE A 273 -16.33 -14.73 23.70
N SER A 274 -16.28 -15.72 22.80
CA SER A 274 -17.53 -16.31 22.34
C SER A 274 -18.22 -17.08 23.45
N GLU A 275 -17.44 -17.76 24.30
CA GLU A 275 -18.03 -18.48 25.43
C GLU A 275 -18.73 -17.51 26.38
N GLY A 276 -18.03 -16.45 26.77
CA GLY A 276 -18.56 -15.55 27.77
C GLY A 276 -19.81 -14.81 27.29
N LEU A 277 -19.77 -14.31 26.06
CA LEU A 277 -20.89 -13.53 25.57
C LEU A 277 -22.17 -14.35 25.40
N ALA A 278 -22.04 -15.68 25.29
CA ALA A 278 -23.23 -16.53 25.23
C ALA A 278 -24.00 -16.51 26.55
N LYS A 279 -23.36 -16.93 27.64
CA LYS A 279 -23.94 -16.78 28.97
C LYS A 279 -22.83 -16.36 29.94
N ASP B 1 -4.58 2.21 -41.61
CA ASP B 1 -3.93 1.15 -40.84
C ASP B 1 -4.35 1.19 -39.37
N LYS B 2 -5.53 1.75 -39.10
CA LYS B 2 -6.08 1.72 -37.75
C LYS B 2 -6.42 0.28 -37.36
N LEU B 3 -6.44 0.04 -36.06
CA LEU B 3 -6.69 -1.31 -35.56
C LEU B 3 -8.09 -1.74 -35.95
N LYS B 4 -8.20 -2.93 -36.54
CA LYS B 4 -9.50 -3.47 -36.96
C LYS B 4 -10.05 -4.35 -35.85
N VAL B 5 -11.15 -3.91 -35.22
CA VAL B 5 -11.71 -4.57 -34.06
C VAL B 5 -13.11 -5.08 -34.38
N VAL B 6 -13.46 -6.25 -33.85
CA VAL B 6 -14.79 -6.81 -34.02
C VAL B 6 -15.31 -7.17 -32.63
N ALA B 7 -16.46 -6.63 -32.27
CA ALA B 7 -17.15 -6.98 -31.03
C ALA B 7 -18.40 -7.78 -31.38
N THR B 8 -18.82 -8.64 -30.46
CA THR B 8 -19.92 -9.54 -30.78
C THR B 8 -21.28 -8.86 -30.63
N ASN B 9 -21.43 -7.91 -29.71
CA ASN B 9 -22.71 -7.25 -29.48
C ASN B 9 -22.49 -5.75 -29.25
N SER B 10 -23.60 -5.02 -29.20
CA SER B 10 -23.53 -3.57 -29.04
C SER B 10 -23.00 -3.16 -27.67
N ILE B 11 -23.20 -4.00 -26.65
CA ILE B 11 -22.71 -3.67 -25.31
C ILE B 11 -21.19 -3.66 -25.30
N ILE B 12 -20.58 -4.74 -25.78
CA ILE B 12 -19.13 -4.80 -25.86
C ILE B 12 -18.60 -3.75 -26.84
N ALA B 13 -19.33 -3.52 -27.92
CA ALA B 13 -18.93 -2.49 -28.87
C ALA B 13 -18.91 -1.10 -28.24
N ASP B 14 -19.95 -0.78 -27.47
CA ASP B 14 -20.00 0.52 -26.82
C ASP B 14 -18.85 0.67 -25.83
N MET B 15 -18.58 -0.39 -25.07
CA MET B 15 -17.46 -0.34 -24.14
C MET B 15 -16.15 -0.14 -24.85
N THR B 16 -16.02 -0.68 -26.06
CA THR B 16 -14.81 -0.45 -26.85
C THR B 16 -14.79 0.98 -27.41
N LYS B 17 -15.95 1.50 -27.83
CA LYS B 17 -16.01 2.87 -28.32
C LYS B 17 -15.52 3.84 -27.25
N ALA B 18 -15.97 3.64 -26.01
CA ALA B 18 -15.65 4.56 -24.93
C ALA B 18 -14.17 4.58 -24.60
N ILE B 19 -13.44 3.54 -24.99
CA ILE B 19 -12.01 3.46 -24.74
C ILE B 19 -11.20 3.95 -25.93
N ALA B 20 -11.60 3.55 -27.14
CA ALA B 20 -10.79 3.77 -28.33
C ALA B 20 -11.08 5.11 -29.00
N GLY B 21 -12.26 5.67 -28.80
CA GLY B 21 -12.59 6.88 -29.54
C GLY B 21 -12.58 6.60 -31.03
N ASP B 22 -11.89 7.46 -31.77
CA ASP B 22 -11.86 7.38 -33.23
C ASP B 22 -10.65 6.59 -33.73
N LYS B 23 -9.92 5.92 -32.84
CA LYS B 23 -8.62 5.36 -33.18
C LYS B 23 -8.70 3.97 -33.82
N ILE B 24 -9.87 3.36 -33.89
CA ILE B 24 -9.99 1.98 -34.36
C ILE B 24 -11.07 1.87 -35.43
N ASP B 25 -11.10 0.71 -36.09
CA ASP B 25 -12.20 0.31 -36.96
C ASP B 25 -13.02 -0.70 -36.19
N LEU B 26 -14.19 -0.29 -35.72
CA LEU B 26 -15.05 -1.13 -34.92
C LEU B 26 -16.16 -1.73 -35.78
N HIS B 27 -16.45 -3.01 -35.53
CA HIS B 27 -17.59 -3.68 -36.13
C HIS B 27 -18.29 -4.47 -35.03
N SER B 28 -19.60 -4.22 -34.86
CA SER B 28 -20.42 -4.95 -33.92
C SER B 28 -21.30 -5.93 -34.69
N ILE B 29 -21.25 -7.20 -34.28
CA ILE B 29 -21.95 -8.24 -35.03
C ILE B 29 -23.45 -8.20 -34.76
N VAL B 30 -23.85 -8.40 -33.52
CA VAL B 30 -25.28 -8.45 -33.18
C VAL B 30 -25.87 -7.05 -33.22
N PRO B 31 -26.85 -6.80 -34.09
CA PRO B 31 -27.43 -5.45 -34.17
C PRO B 31 -28.22 -5.11 -32.92
N ILE B 32 -28.38 -3.80 -32.71
CA ILE B 32 -29.14 -3.30 -31.58
C ILE B 32 -30.54 -3.88 -31.62
N GLY B 33 -30.99 -4.40 -30.46
CA GLY B 33 -32.32 -4.96 -30.33
C GLY B 33 -32.41 -6.47 -30.60
N GLN B 34 -31.38 -7.06 -31.19
CA GLN B 34 -31.37 -8.48 -31.46
C GLN B 34 -30.85 -9.23 -30.25
N ASP B 35 -31.28 -10.48 -30.13
CA ASP B 35 -30.76 -11.33 -29.08
C ASP B 35 -29.33 -11.72 -29.43
N PRO B 36 -28.36 -11.48 -28.53
CA PRO B 36 -26.98 -11.89 -28.79
C PRO B 36 -26.69 -13.37 -28.56
N HIS B 37 -27.64 -14.17 -28.04
CA HIS B 37 -27.39 -15.61 -27.88
C HIS B 37 -27.55 -16.37 -29.19
N GLU B 38 -28.46 -15.93 -30.06
CA GLU B 38 -28.86 -16.74 -31.22
C GLU B 38 -28.85 -15.96 -32.53
N TYR B 39 -28.18 -14.82 -32.59
CA TYR B 39 -28.09 -14.08 -33.83
C TYR B 39 -27.14 -14.79 -34.79
N GLU B 40 -27.55 -14.91 -36.06
CA GLU B 40 -26.77 -15.62 -37.05
C GLU B 40 -25.94 -14.62 -37.83
N PRO B 41 -24.61 -14.72 -37.81
CA PRO B 41 -23.78 -13.75 -38.54
C PRO B 41 -24.00 -13.80 -40.04
N LEU B 42 -23.97 -12.63 -40.66
CA LEU B 42 -24.13 -12.47 -42.11
C LEU B 42 -22.76 -12.49 -42.78
N PRO B 43 -22.73 -12.57 -44.13
CA PRO B 43 -21.43 -12.55 -44.81
C PRO B 43 -20.52 -11.38 -44.40
N GLU B 44 -21.10 -10.19 -44.20
CA GLU B 44 -20.30 -9.05 -43.76
C GLU B 44 -19.65 -9.29 -42.41
N ASP B 45 -20.35 -10.00 -41.52
CA ASP B 45 -19.79 -10.29 -40.21
C ASP B 45 -18.65 -11.30 -40.32
N VAL B 46 -18.83 -12.33 -41.16
CA VAL B 46 -17.75 -13.29 -41.37
C VAL B 46 -16.56 -12.61 -42.02
N GLU B 47 -16.82 -11.68 -42.95
CA GLU B 47 -15.72 -10.95 -43.58
C GLU B 47 -14.98 -10.07 -42.58
N LYS B 48 -15.72 -9.22 -41.86
CA LYS B 48 -15.10 -8.33 -40.87
C LYS B 48 -14.36 -9.10 -39.80
N THR B 49 -14.83 -10.30 -39.45
CA THR B 49 -14.15 -11.10 -38.43
C THR B 49 -12.84 -11.66 -38.97
N SER B 50 -12.85 -12.15 -40.20
CA SER B 50 -11.65 -12.75 -40.77
C SER B 50 -10.53 -11.74 -40.97
N ASN B 51 -10.88 -10.46 -41.09
CA ASN B 51 -9.89 -9.40 -41.26
C ASN B 51 -9.62 -8.63 -39.98
N ALA B 52 -10.14 -9.09 -38.85
CA ALA B 52 -10.02 -8.34 -37.60
C ALA B 52 -8.65 -8.57 -36.96
N ASP B 53 -8.06 -7.49 -36.47
CA ASP B 53 -6.84 -7.60 -35.68
C ASP B 53 -7.13 -8.14 -34.29
N VAL B 54 -8.34 -7.89 -33.77
CA VAL B 54 -8.73 -8.37 -32.45
C VAL B 54 -10.25 -8.51 -32.42
N ILE B 55 -10.72 -9.56 -31.77
CA ILE B 55 -12.15 -9.85 -31.65
C ILE B 55 -12.49 -9.92 -30.17
N PHE B 56 -13.57 -9.23 -29.78
CA PHE B 56 -14.03 -9.20 -28.40
C PHE B 56 -15.37 -9.89 -28.31
N TYR B 57 -15.48 -10.87 -27.42
CA TYR B 57 -16.73 -11.58 -27.18
C TYR B 57 -16.97 -11.68 -25.67
N ASN B 58 -18.23 -11.85 -25.30
CA ASN B 58 -18.58 -11.92 -23.88
C ASN B 58 -18.08 -13.21 -23.27
N GLY B 59 -18.37 -14.34 -23.91
CA GLY B 59 -18.03 -15.64 -23.34
C GLY B 59 -19.07 -16.09 -22.33
N ILE B 60 -18.64 -16.94 -21.40
CA ILE B 60 -19.46 -17.49 -20.32
C ILE B 60 -20.89 -17.79 -20.76
N ASN B 61 -21.04 -18.52 -21.87
CA ASN B 61 -22.34 -19.01 -22.32
C ASN B 61 -23.28 -17.90 -22.79
N LEU B 62 -22.74 -16.83 -23.36
CA LEU B 62 -23.58 -15.88 -24.07
C LEU B 62 -23.66 -16.26 -25.53
N GLU B 63 -22.51 -16.35 -26.18
CA GLU B 63 -22.45 -16.70 -27.59
C GLU B 63 -21.39 -17.73 -27.92
N ASP B 64 -20.56 -18.14 -26.95
CA ASP B 64 -19.56 -19.19 -27.22
C ASP B 64 -20.19 -20.57 -27.22
N GLY B 65 -20.53 -21.08 -26.04
CA GLY B 65 -21.28 -22.31 -25.87
C GLY B 65 -20.75 -23.46 -26.70
N GLY B 66 -21.65 -24.38 -27.05
CA GLY B 66 -21.30 -25.56 -27.81
C GLY B 66 -21.15 -25.22 -29.28
N GLN B 67 -22.06 -25.71 -30.11
CA GLN B 67 -22.14 -25.24 -31.50
C GLN B 67 -23.05 -24.00 -31.57
N ALA B 68 -22.62 -22.97 -30.85
CA ALA B 68 -23.22 -21.66 -30.92
C ALA B 68 -22.49 -20.81 -31.94
N TRP B 69 -23.09 -19.67 -32.28
CA TRP B 69 -22.72 -18.97 -33.49
C TRP B 69 -21.29 -18.45 -33.45
N PHE B 70 -20.78 -18.11 -32.26
CA PHE B 70 -19.44 -17.54 -32.21
C PHE B 70 -18.36 -18.61 -32.32
N THR B 71 -18.57 -19.76 -31.67
CA THR B 71 -17.61 -20.85 -31.78
C THR B 71 -17.45 -21.28 -33.25
N LYS B 72 -18.56 -21.36 -33.99
CA LYS B 72 -18.48 -21.67 -35.42
C LYS B 72 -17.74 -20.57 -36.16
N LEU B 73 -17.97 -19.31 -35.79
CA LEU B 73 -17.40 -18.18 -36.51
C LEU B 73 -15.88 -18.20 -36.45
N VAL B 74 -15.32 -18.30 -35.23
CA VAL B 74 -13.87 -18.29 -35.09
C VAL B 74 -13.25 -19.59 -35.58
N LYS B 75 -14.01 -20.70 -35.51
CA LYS B 75 -13.50 -21.97 -36.03
C LYS B 75 -13.31 -21.90 -37.54
N ASN B 76 -14.32 -21.39 -38.26
CA ASN B 76 -14.25 -21.30 -39.70
C ASN B 76 -13.20 -20.29 -40.14
N ALA B 77 -13.08 -19.18 -39.40
CA ALA B 77 -12.04 -18.19 -39.68
C ALA B 77 -10.67 -18.62 -39.18
N GLN B 78 -10.58 -19.74 -38.45
CA GLN B 78 -9.31 -20.29 -37.97
C GLN B 78 -8.56 -19.28 -37.10
N LYS B 79 -9.28 -18.73 -36.11
CA LYS B 79 -8.69 -17.82 -35.13
C LYS B 79 -8.28 -18.59 -33.89
N THR B 80 -7.34 -18.01 -33.14
CA THR B 80 -6.79 -18.64 -31.95
C THR B 80 -7.25 -17.87 -30.72
N LYS B 81 -7.71 -18.60 -29.71
CA LYS B 81 -8.16 -17.97 -28.48
C LYS B 81 -7.00 -17.26 -27.79
N ASN B 82 -7.29 -16.10 -27.20
CA ASN B 82 -6.31 -15.26 -26.52
C ASN B 82 -5.19 -14.78 -27.44
N LYS B 83 -5.34 -14.98 -28.74
CA LYS B 83 -4.41 -14.45 -29.74
C LYS B 83 -5.15 -13.54 -30.71
N ASP B 84 -6.30 -13.99 -31.22
CA ASP B 84 -7.18 -13.19 -32.05
C ASP B 84 -8.42 -12.73 -31.32
N TYR B 85 -9.12 -13.64 -30.64
CA TYR B 85 -10.35 -13.30 -29.92
C TYR B 85 -10.16 -13.46 -28.43
N PHE B 86 -10.79 -12.57 -27.66
CA PHE B 86 -10.65 -12.52 -26.21
C PHE B 86 -12.03 -12.39 -25.57
N ALA B 87 -12.26 -13.17 -24.52
CA ALA B 87 -13.49 -13.05 -23.76
C ALA B 87 -13.33 -11.90 -22.79
N VAL B 88 -14.21 -10.90 -22.92
CA VAL B 88 -14.13 -9.73 -22.05
C VAL B 88 -14.64 -9.99 -20.64
N SER B 89 -15.23 -11.17 -20.40
CA SER B 89 -15.68 -11.56 -19.07
C SER B 89 -14.64 -12.30 -18.25
N ASP B 90 -13.45 -12.51 -18.79
CA ASP B 90 -12.43 -13.26 -18.07
C ASP B 90 -12.06 -12.53 -16.79
N GLY B 91 -12.31 -13.16 -15.65
CA GLY B 91 -11.93 -12.60 -14.38
C GLY B 91 -13.07 -12.13 -13.52
N ILE B 92 -14.30 -12.49 -13.85
CA ILE B 92 -15.46 -12.18 -13.02
C ILE B 92 -15.90 -13.44 -12.27
N ASP B 93 -16.50 -13.27 -11.10
CA ASP B 93 -17.07 -14.39 -10.37
C ASP B 93 -18.31 -14.89 -11.12
N VAL B 94 -18.18 -16.03 -11.78
CA VAL B 94 -19.26 -16.52 -12.61
C VAL B 94 -20.41 -17.02 -11.73
N ILE B 95 -21.64 -16.68 -12.13
CA ILE B 95 -22.84 -17.27 -11.56
C ILE B 95 -23.42 -18.22 -12.60
N TYR B 96 -23.77 -19.43 -12.16
CA TYR B 96 -24.28 -20.43 -13.08
C TYR B 96 -25.80 -20.40 -13.11
N LEU B 97 -26.37 -20.96 -14.16
CA LEU B 97 -27.81 -21.02 -14.28
C LEU B 97 -28.38 -22.04 -13.31
N GLU B 98 -29.47 -21.67 -12.65
CA GLU B 98 -30.02 -22.49 -11.58
C GLU B 98 -31.01 -23.55 -12.07
N GLY B 99 -31.68 -23.30 -13.19
CA GLY B 99 -32.66 -24.24 -13.71
C GLY B 99 -32.13 -25.64 -13.91
N ALA B 100 -32.88 -26.65 -13.46
CA ALA B 100 -32.47 -28.04 -13.67
C ALA B 100 -32.42 -28.38 -15.15
N SER B 101 -33.27 -27.74 -15.96
CA SER B 101 -33.28 -27.99 -17.40
C SER B 101 -32.02 -27.47 -18.08
N GLU B 102 -31.37 -26.47 -17.50
CA GLU B 102 -30.16 -25.90 -18.10
C GLU B 102 -28.88 -26.55 -17.58
N LYS B 103 -28.98 -27.39 -16.56
CA LYS B 103 -27.83 -28.14 -16.03
C LYS B 103 -26.74 -27.15 -15.60
N GLY B 104 -25.48 -27.55 -15.75
CA GLY B 104 -24.39 -26.73 -15.27
C GLY B 104 -23.79 -25.82 -16.32
N LYS B 105 -24.52 -24.80 -16.72
CA LYS B 105 -24.02 -23.82 -17.66
C LYS B 105 -23.96 -22.45 -16.99
N GLU B 106 -23.10 -21.59 -17.52
CA GLU B 106 -22.83 -20.30 -16.90
C GLU B 106 -23.86 -19.26 -17.35
N ASP B 107 -24.32 -18.45 -16.41
CA ASP B 107 -25.15 -17.31 -16.79
C ASP B 107 -24.25 -16.20 -17.31
N PRO B 108 -24.50 -15.68 -18.53
CA PRO B 108 -23.54 -14.77 -19.15
C PRO B 108 -23.74 -13.30 -18.81
N HIS B 109 -24.87 -12.93 -18.23
CA HIS B 109 -25.22 -11.52 -18.10
C HIS B 109 -24.45 -10.83 -16.96
N ALA B 110 -23.12 -10.94 -17.03
CA ALA B 110 -22.29 -10.36 -15.98
C ALA B 110 -22.29 -8.84 -16.02
N TRP B 111 -22.44 -8.26 -17.22
CA TRP B 111 -22.31 -6.81 -17.37
C TRP B 111 -23.33 -6.03 -16.57
N LEU B 112 -24.42 -6.66 -16.12
CA LEU B 112 -25.40 -5.96 -15.32
C LEU B 112 -24.88 -5.63 -13.92
N ASN B 113 -23.74 -6.20 -13.53
CA ASN B 113 -23.00 -5.74 -12.37
C ASN B 113 -21.94 -4.77 -12.89
N LEU B 114 -22.03 -3.51 -12.45
CA LEU B 114 -21.15 -2.48 -13.01
C LEU B 114 -19.67 -2.79 -12.74
N GLU B 115 -19.36 -3.43 -11.62
CA GLU B 115 -17.98 -3.80 -11.36
C GLU B 115 -17.49 -4.84 -12.36
N ASN B 116 -18.41 -5.66 -12.87
CA ASN B 116 -18.04 -6.60 -13.93
C ASN B 116 -17.80 -5.84 -15.24
N GLY B 117 -18.63 -4.82 -15.50
CA GLY B 117 -18.38 -3.97 -16.65
C GLY B 117 -17.03 -3.29 -16.59
N ILE B 118 -16.55 -2.98 -15.40
CA ILE B 118 -15.20 -2.45 -15.26
C ILE B 118 -14.16 -3.50 -15.64
N ILE B 119 -14.36 -4.73 -15.20
CA ILE B 119 -13.46 -5.82 -15.61
C ILE B 119 -13.52 -6.02 -17.13
N TYR B 120 -14.73 -5.91 -17.70
CA TYR B 120 -14.90 -6.02 -19.15
C TYR B 120 -14.05 -4.98 -19.86
N SER B 121 -14.09 -3.74 -19.37
CA SER B 121 -13.42 -2.64 -20.06
C SER B 121 -11.92 -2.70 -19.87
N LYS B 122 -11.47 -3.14 -18.69
CA LYS B 122 -10.04 -3.30 -18.49
C LYS B 122 -9.49 -4.40 -19.40
N ASN B 123 -10.28 -5.46 -19.62
CA ASN B 123 -9.88 -6.50 -20.56
C ASN B 123 -9.83 -5.99 -21.99
N ILE B 124 -10.79 -5.14 -22.36
CA ILE B 124 -10.77 -4.57 -23.71
C ILE B 124 -9.56 -3.67 -23.89
N ALA B 125 -9.32 -2.77 -22.94
CA ALA B 125 -8.19 -1.86 -23.04
C ALA B 125 -6.85 -2.60 -23.01
N LYS B 126 -6.79 -3.71 -22.27
CA LYS B 126 -5.57 -4.49 -22.23
C LYS B 126 -5.14 -4.94 -23.62
N GLN B 127 -6.10 -5.41 -24.42
CA GLN B 127 -5.77 -5.90 -25.77
C GLN B 127 -5.66 -4.78 -26.80
N LEU B 128 -6.40 -3.68 -26.60
CA LEU B 128 -6.22 -2.52 -27.47
C LEU B 128 -4.82 -1.94 -27.32
N ILE B 129 -4.32 -1.93 -26.09
CA ILE B 129 -2.96 -1.44 -25.83
C ILE B 129 -1.93 -2.39 -26.41
N ALA B 130 -2.16 -3.70 -26.29
CA ALA B 130 -1.17 -4.68 -26.71
C ALA B 130 -1.01 -4.70 -28.22
N LYS B 131 -2.10 -4.52 -28.96
CA LYS B 131 -2.07 -4.63 -30.41
C LYS B 131 -1.91 -3.29 -31.11
N ASP B 132 -2.24 -2.19 -30.44
CA ASP B 132 -2.10 -0.84 -30.98
C ASP B 132 -1.44 0.02 -29.91
N PRO B 133 -0.18 -0.26 -29.55
CA PRO B 133 0.47 0.54 -28.50
C PRO B 133 0.77 1.96 -28.94
N LYS B 134 0.59 2.28 -30.23
CA LYS B 134 0.75 3.64 -30.69
C LYS B 134 -0.19 4.59 -29.93
N ASN B 135 -1.41 4.14 -29.67
CA ASN B 135 -2.41 4.94 -28.97
C ASN B 135 -2.62 4.48 -27.54
N LYS B 136 -1.57 3.92 -26.92
CA LYS B 136 -1.63 3.54 -25.52
C LYS B 136 -2.04 4.73 -24.64
N GLU B 137 -1.59 5.93 -24.99
CA GLU B 137 -1.95 7.12 -24.23
C GLU B 137 -3.46 7.32 -24.20
N THR B 138 -4.11 7.26 -25.36
CA THR B 138 -5.54 7.52 -25.43
C THR B 138 -6.35 6.42 -24.75
N TYR B 139 -5.93 5.16 -24.92
CA TYR B 139 -6.70 4.06 -24.33
C TYR B 139 -6.70 4.14 -22.81
N GLU B 140 -5.56 4.52 -22.22
CA GLU B 140 -5.45 4.55 -20.77
C GLU B 140 -6.25 5.71 -20.18
N LYS B 141 -6.16 6.89 -20.79
CA LYS B 141 -6.91 8.03 -20.26
C LYS B 141 -8.41 7.84 -20.44
N ASN B 142 -8.82 7.17 -21.53
CA ASN B 142 -10.24 6.90 -21.73
C ASN B 142 -10.73 5.81 -20.79
N LEU B 143 -9.92 4.77 -20.61
CA LEU B 143 -10.26 3.71 -19.66
C LEU B 143 -10.37 4.24 -18.23
N LYS B 144 -9.40 5.08 -17.82
CA LYS B 144 -9.46 5.64 -16.48
C LYS B 144 -10.70 6.49 -16.29
N ALA B 145 -11.05 7.28 -17.30
CA ALA B 145 -12.26 8.11 -17.20
C ALA B 145 -13.51 7.25 -17.23
N TYR B 146 -13.51 6.19 -18.05
CA TYR B 146 -14.67 5.30 -18.14
C TYR B 146 -14.87 4.55 -16.84
N VAL B 147 -13.78 3.94 -16.31
CA VAL B 147 -13.87 3.21 -15.05
C VAL B 147 -14.32 4.13 -13.93
N ALA B 148 -13.77 5.35 -13.89
CA ALA B 148 -14.19 6.33 -12.89
C ALA B 148 -15.67 6.62 -13.00
N LYS B 149 -16.15 6.86 -14.24
CA LYS B 149 -17.56 7.12 -14.47
C LYS B 149 -18.40 5.94 -14.01
N LEU B 150 -17.93 4.71 -14.28
CA LEU B 150 -18.69 3.53 -13.92
C LEU B 150 -18.69 3.29 -12.41
N GLU B 151 -17.55 3.55 -11.76
CA GLU B 151 -17.47 3.36 -10.31
C GLU B 151 -18.47 4.28 -9.59
N LYS B 152 -18.56 5.53 -10.02
CA LYS B 152 -19.54 6.43 -9.43
C LYS B 152 -20.94 5.86 -9.55
N LEU B 153 -21.27 5.30 -10.72
CA LEU B 153 -22.59 4.70 -10.92
C LEU B 153 -22.76 3.45 -10.09
N ASP B 154 -21.69 2.67 -9.93
CA ASP B 154 -21.77 1.48 -9.08
C ASP B 154 -22.09 1.84 -7.64
N LYS B 155 -21.46 2.90 -7.11
CA LYS B 155 -21.76 3.32 -5.75
C LYS B 155 -23.22 3.72 -5.62
N GLU B 156 -23.80 4.31 -6.66
CA GLU B 156 -25.22 4.63 -6.62
C GLU B 156 -26.07 3.36 -6.61
N ALA B 157 -25.70 2.37 -7.42
CA ALA B 157 -26.46 1.13 -7.46
C ALA B 157 -26.39 0.38 -6.13
N LYS B 158 -25.30 0.56 -5.38
CA LYS B 158 -25.16 -0.15 -4.12
C LYS B 158 -26.23 0.28 -3.12
N SER B 159 -26.71 1.53 -3.23
CA SER B 159 -27.60 2.10 -2.22
C SER B 159 -28.86 2.71 -2.81
N LYS B 160 -29.09 2.57 -4.12
CA LYS B 160 -30.23 3.23 -4.73
C LYS B 160 -31.55 2.70 -4.19
N PHE B 161 -31.59 1.43 -3.77
CA PHE B 161 -32.82 0.76 -3.39
C PHE B 161 -33.04 0.73 -1.89
N ASP B 162 -32.26 1.48 -1.12
CA ASP B 162 -32.30 1.39 0.34
C ASP B 162 -33.63 1.83 0.92
N ALA B 163 -34.43 2.56 0.16
CA ALA B 163 -35.70 3.08 0.66
C ALA B 163 -36.85 2.10 0.50
N ILE B 164 -36.68 1.05 -0.32
CA ILE B 164 -37.76 0.12 -0.63
C ILE B 164 -37.74 -1.00 0.38
N ALA B 165 -38.92 -1.43 0.82
CA ALA B 165 -39.04 -2.55 1.74
C ALA B 165 -38.52 -3.83 1.08
N GLU B 166 -37.92 -4.70 1.91
CA GLU B 166 -37.34 -5.94 1.39
C GLU B 166 -38.40 -6.84 0.77
N ASN B 167 -39.62 -6.80 1.31
CA ASN B 167 -40.73 -7.57 0.77
C ASN B 167 -41.28 -7.00 -0.54
N LYS B 168 -40.65 -5.96 -1.10
CA LYS B 168 -41.04 -5.41 -2.38
C LYS B 168 -39.85 -5.22 -3.32
N LYS B 169 -38.68 -5.76 -2.96
CA LYS B 169 -37.49 -5.69 -3.81
C LYS B 169 -37.47 -6.95 -4.68
N LEU B 170 -38.15 -6.90 -5.82
CA LEU B 170 -38.15 -8.00 -6.78
C LEU B 170 -38.15 -7.43 -8.18
N ILE B 171 -37.06 -7.65 -8.92
CA ILE B 171 -36.97 -7.22 -10.31
C ILE B 171 -37.51 -8.34 -11.18
N VAL B 172 -38.58 -8.06 -11.90
CA VAL B 172 -39.24 -9.06 -12.75
C VAL B 172 -38.98 -8.68 -14.21
N THR B 173 -38.20 -9.51 -14.90
CA THR B 173 -37.90 -9.34 -16.31
C THR B 173 -38.29 -10.61 -17.05
N SER B 174 -38.40 -10.50 -18.38
CA SER B 174 -38.77 -11.66 -19.18
C SER B 174 -37.72 -12.76 -19.08
N GLU B 175 -36.44 -12.38 -19.17
CA GLU B 175 -35.32 -13.31 -19.08
C GLU B 175 -34.63 -13.18 -17.72
N GLY B 176 -34.14 -14.29 -17.20
CA GLY B 176 -33.40 -14.29 -15.95
C GLY B 176 -31.98 -13.78 -16.11
N CYS B 177 -31.84 -12.56 -16.61
CA CYS B 177 -30.55 -11.96 -16.89
C CYS B 177 -30.03 -11.06 -15.77
N PHE B 178 -30.74 -10.99 -14.64
CA PHE B 178 -30.42 -10.08 -13.56
C PHE B 178 -29.71 -10.76 -12.40
N LYS B 179 -29.09 -11.92 -12.61
CA LYS B 179 -28.44 -12.63 -11.52
C LYS B 179 -27.23 -11.86 -10.99
N TYR B 180 -26.39 -11.34 -11.89
CA TYR B 180 -25.23 -10.57 -11.46
C TYR B 180 -25.65 -9.23 -10.85
N PHE B 181 -26.72 -8.65 -11.36
CA PHE B 181 -27.28 -7.45 -10.76
C PHE B 181 -27.80 -7.73 -9.37
N SER B 182 -28.46 -8.88 -9.18
CA SER B 182 -29.07 -9.19 -7.89
C SER B 182 -28.00 -9.45 -6.83
N LYS B 183 -26.95 -10.17 -7.18
CA LYS B 183 -25.91 -10.46 -6.19
C LYS B 183 -25.18 -9.19 -5.80
N ALA B 184 -25.00 -8.28 -6.74
CA ALA B 184 -24.17 -7.10 -6.49
C ALA B 184 -24.93 -5.98 -5.78
N TYR B 185 -26.24 -5.87 -6.02
CA TYR B 185 -27.01 -4.73 -5.55
C TYR B 185 -28.17 -5.11 -4.64
N GLY B 186 -28.21 -6.35 -4.15
CA GLY B 186 -29.18 -6.73 -3.13
C GLY B 186 -30.62 -6.59 -3.53
N VAL B 187 -30.93 -6.88 -4.80
CA VAL B 187 -32.32 -6.87 -5.25
C VAL B 187 -32.62 -8.20 -5.93
N PRO B 188 -33.33 -9.11 -5.27
CA PRO B 188 -33.67 -10.38 -5.90
C PRO B 188 -34.45 -10.17 -7.19
N SER B 189 -34.37 -11.15 -8.09
CA SER B 189 -35.00 -11.04 -9.40
C SER B 189 -35.67 -12.36 -9.76
N ALA B 190 -36.75 -12.25 -10.51
CA ALA B 190 -37.51 -13.39 -11.03
C ALA B 190 -37.64 -13.24 -12.54
N TYR B 191 -38.14 -14.30 -13.17
CA TYR B 191 -38.18 -14.35 -14.63
C TYR B 191 -39.32 -15.24 -15.10
N ILE B 192 -39.52 -15.22 -16.42
CA ILE B 192 -40.42 -16.15 -17.11
C ILE B 192 -39.59 -17.33 -17.61
N TRP B 193 -38.59 -17.05 -18.43
CA TRP B 193 -37.60 -18.03 -18.85
C TRP B 193 -36.23 -17.56 -18.39
N GLU B 194 -35.39 -18.51 -17.98
CA GLU B 194 -34.12 -18.15 -17.35
C GLU B 194 -33.12 -17.60 -18.37
N ILE B 195 -33.07 -18.18 -19.56
CA ILE B 195 -32.16 -17.75 -20.61
C ILE B 195 -32.85 -17.91 -21.95
N ASN B 196 -32.48 -17.06 -22.90
CA ASN B 196 -33.23 -16.94 -24.15
C ASN B 196 -33.18 -18.20 -24.99
N THR B 197 -32.26 -19.12 -24.70
CA THR B 197 -32.18 -20.36 -25.46
C THR B 197 -33.40 -21.25 -25.23
N GLU B 198 -34.14 -21.04 -24.14
CA GLU B 198 -35.31 -21.84 -23.84
C GLU B 198 -36.51 -21.42 -24.70
N GLU B 199 -37.61 -22.16 -24.55
CA GLU B 199 -38.89 -21.69 -25.06
C GLU B 199 -39.29 -20.43 -24.29
N GLU B 200 -39.59 -19.37 -25.02
CA GLU B 200 -39.79 -18.05 -24.42
C GLU B 200 -41.28 -17.76 -24.27
N GLY B 201 -41.81 -18.03 -23.07
CA GLY B 201 -43.16 -17.62 -22.74
C GLY B 201 -44.20 -18.71 -22.80
N THR B 202 -43.88 -19.89 -22.27
CA THR B 202 -44.85 -20.97 -22.24
C THR B 202 -45.89 -20.71 -21.14
N PRO B 203 -47.07 -21.32 -21.22
CA PRO B 203 -48.06 -21.11 -20.16
C PRO B 203 -47.59 -21.61 -18.81
N ASP B 204 -46.77 -22.67 -18.78
CA ASP B 204 -46.22 -23.15 -17.50
C ASP B 204 -45.24 -22.14 -16.90
N GLN B 205 -44.38 -21.53 -17.73
CA GLN B 205 -43.45 -20.52 -17.24
C GLN B 205 -44.20 -19.26 -16.81
N ILE B 206 -45.25 -18.88 -17.55
CA ILE B 206 -46.03 -17.71 -17.20
C ILE B 206 -46.80 -17.95 -15.91
N SER B 207 -47.43 -19.11 -15.77
CA SER B 207 -48.19 -19.41 -14.55
C SER B 207 -47.29 -19.49 -13.33
N SER B 208 -46.05 -20.00 -13.50
CA SER B 208 -45.13 -20.11 -12.37
C SER B 208 -44.78 -18.74 -11.81
N LEU B 209 -44.50 -17.79 -12.70
CA LEU B 209 -44.15 -16.45 -12.25
C LEU B 209 -45.35 -15.74 -11.63
N ILE B 210 -46.55 -15.98 -12.15
CA ILE B 210 -47.75 -15.38 -11.57
C ILE B 210 -47.94 -15.86 -10.14
N GLU B 211 -47.73 -17.15 -9.89
CA GLU B 211 -47.83 -17.68 -8.53
C GLU B 211 -46.74 -17.09 -7.64
N LYS B 212 -45.54 -16.87 -8.18
CA LYS B 212 -44.50 -16.22 -7.41
C LYS B 212 -44.87 -14.78 -7.08
N LEU B 213 -45.53 -14.09 -8.01
CA LEU B 213 -45.90 -12.70 -7.79
C LEU B 213 -46.93 -12.55 -6.67
N LYS B 214 -47.62 -13.64 -6.31
CA LYS B 214 -48.50 -13.59 -5.14
C LYS B 214 -47.71 -13.47 -3.84
N VAL B 215 -46.72 -14.35 -3.65
CA VAL B 215 -45.95 -14.35 -2.41
C VAL B 215 -45.16 -13.03 -2.27
N ILE B 216 -44.53 -12.60 -3.34
CA ILE B 216 -43.76 -11.36 -3.36
C ILE B 216 -44.36 -10.50 -4.45
N LYS B 217 -45.04 -9.42 -4.06
CA LYS B 217 -45.78 -8.58 -5.01
C LYS B 217 -45.08 -7.26 -5.19
N PRO B 218 -44.24 -7.10 -6.21
CA PRO B 218 -43.60 -5.81 -6.46
C PRO B 218 -44.57 -4.84 -7.11
N SER B 219 -44.23 -3.56 -7.01
CA SER B 219 -45.10 -2.51 -7.54
C SER B 219 -44.91 -2.29 -9.03
N ALA B 220 -44.05 -3.07 -9.68
CA ALA B 220 -43.77 -2.83 -11.08
C ALA B 220 -43.07 -4.04 -11.69
N LEU B 221 -43.38 -4.29 -12.96
CA LEU B 221 -42.63 -5.23 -13.79
C LEU B 221 -41.84 -4.45 -14.85
N PHE B 222 -40.94 -5.15 -15.51
CA PHE B 222 -40.08 -4.52 -16.51
C PHE B 222 -39.94 -5.46 -17.70
N VAL B 223 -39.62 -4.89 -18.85
CA VAL B 223 -39.49 -5.65 -20.09
C VAL B 223 -38.27 -5.15 -20.85
N GLU B 224 -37.53 -6.09 -21.45
CA GLU B 224 -36.28 -5.78 -22.12
C GLU B 224 -36.52 -5.32 -23.55
N SER B 225 -35.63 -4.45 -24.02
CA SER B 225 -35.71 -3.99 -25.40
C SER B 225 -35.47 -5.12 -26.39
N SER B 226 -34.85 -6.22 -25.95
CA SER B 226 -34.35 -7.25 -26.86
C SER B 226 -35.16 -8.53 -26.82
N VAL B 227 -36.41 -8.47 -26.34
CA VAL B 227 -37.26 -9.65 -26.25
C VAL B 227 -38.65 -9.32 -26.75
N ASP B 228 -39.38 -10.36 -27.15
CA ASP B 228 -40.79 -10.21 -27.48
C ASP B 228 -41.54 -9.90 -26.19
N ARG B 229 -42.36 -8.85 -26.23
CA ARG B 229 -43.05 -8.36 -25.05
C ARG B 229 -44.38 -9.06 -24.78
N ARG B 230 -44.85 -9.91 -25.69
CA ARG B 230 -46.12 -10.59 -25.46
C ARG B 230 -46.14 -11.45 -24.20
N PRO B 231 -45.08 -12.20 -23.84
CA PRO B 231 -45.13 -12.96 -22.58
C PRO B 231 -45.29 -12.09 -21.36
N MET B 232 -44.45 -11.06 -21.21
CA MET B 232 -44.55 -10.23 -20.01
C MET B 232 -45.86 -9.47 -19.94
N GLU B 233 -46.44 -9.11 -21.10
CA GLU B 233 -47.67 -8.35 -21.08
C GLU B 233 -48.81 -9.17 -20.50
N THR B 234 -48.88 -10.47 -20.82
CA THR B 234 -49.91 -11.32 -20.23
C THR B 234 -49.67 -11.54 -18.74
N VAL B 235 -48.40 -11.67 -18.35
CA VAL B 235 -48.07 -11.72 -16.92
C VAL B 235 -48.54 -10.43 -16.25
N SER B 236 -48.26 -9.29 -16.87
CA SER B 236 -48.67 -8.01 -16.31
C SER B 236 -50.19 -7.88 -16.29
N LYS B 237 -50.86 -8.27 -17.37
CA LYS B 237 -52.31 -8.14 -17.44
C LYS B 237 -52.99 -9.03 -16.39
N ASP B 238 -52.52 -10.28 -16.27
CA ASP B 238 -53.17 -11.23 -15.37
C ASP B 238 -52.89 -10.89 -13.92
N SER B 239 -51.63 -10.57 -13.59
CA SER B 239 -51.27 -10.25 -12.21
C SER B 239 -51.74 -8.87 -11.78
N GLY B 240 -51.99 -7.96 -12.72
CA GLY B 240 -52.39 -6.62 -12.39
C GLY B 240 -51.24 -5.68 -12.06
N ILE B 241 -50.00 -6.14 -12.20
CA ILE B 241 -48.82 -5.32 -11.89
C ILE B 241 -48.33 -4.74 -13.22
N PRO B 242 -48.46 -3.44 -13.44
CA PRO B 242 -48.09 -2.88 -14.75
C PRO B 242 -46.58 -2.89 -14.96
N ILE B 243 -46.20 -3.06 -16.23
CA ILE B 243 -44.81 -2.97 -16.63
C ILE B 243 -44.41 -1.51 -16.57
N TYR B 244 -43.57 -1.16 -15.60
CA TYR B 244 -43.29 0.26 -15.37
C TYR B 244 -42.45 0.87 -16.50
N SER B 245 -41.52 0.11 -17.06
CA SER B 245 -40.58 0.71 -18.00
C SER B 245 -39.88 -0.37 -18.80
N GLU B 246 -39.57 -0.03 -20.04
CA GLU B 246 -38.62 -0.79 -20.82
C GLU B 246 -37.24 -0.67 -20.18
N ILE B 247 -36.52 -1.79 -20.10
CA ILE B 247 -35.16 -1.79 -19.61
C ILE B 247 -34.25 -2.41 -20.66
N PHE B 248 -32.95 -2.28 -20.43
CA PHE B 248 -31.94 -2.73 -21.38
C PHE B 248 -31.06 -3.78 -20.73
N THR B 249 -30.99 -4.95 -21.35
CA THR B 249 -30.21 -6.06 -20.79
C THR B 249 -29.22 -6.60 -21.82
N ASP B 250 -29.73 -7.26 -22.87
CA ASP B 250 -28.89 -7.88 -23.87
C ASP B 250 -28.50 -6.92 -24.98
N SER B 251 -28.86 -5.65 -24.87
CA SER B 251 -28.57 -4.71 -25.94
C SER B 251 -28.70 -3.31 -25.39
N ILE B 252 -27.95 -2.37 -25.97
CA ILE B 252 -28.17 -0.96 -25.71
C ILE B 252 -29.31 -0.48 -26.60
N ALA B 253 -29.72 0.77 -26.45
CA ALA B 253 -30.79 1.31 -27.27
C ALA B 253 -30.25 1.70 -28.64
N LYS B 254 -31.17 1.90 -29.58
CA LYS B 254 -30.80 2.47 -30.87
C LYS B 254 -30.19 3.86 -30.65
N LYS B 255 -29.12 4.14 -31.41
CA LYS B 255 -28.39 5.39 -31.26
C LYS B 255 -29.32 6.58 -31.35
N GLY B 256 -29.26 7.45 -30.33
CA GLY B 256 -30.12 8.60 -30.26
C GLY B 256 -31.18 8.46 -29.19
N LYS B 257 -31.71 7.26 -29.03
CA LYS B 257 -32.73 7.00 -28.03
C LYS B 257 -32.10 6.98 -26.63
N PRO B 258 -32.91 7.07 -25.58
CA PRO B 258 -32.38 6.94 -24.22
C PRO B 258 -31.83 5.55 -23.99
N GLY B 259 -30.63 5.50 -23.39
CA GLY B 259 -29.99 4.23 -23.11
C GLY B 259 -29.15 3.68 -24.24
N ASP B 260 -28.67 4.52 -25.16
CA ASP B 260 -27.92 4.09 -26.33
C ASP B 260 -26.44 3.90 -26.04
N SER B 261 -26.08 3.66 -24.78
CA SER B 261 -24.70 3.41 -24.37
C SER B 261 -24.75 2.48 -23.19
N TYR B 262 -23.67 1.71 -22.98
CA TYR B 262 -23.64 0.83 -21.82
C TYR B 262 -23.79 1.63 -20.53
N TYR B 263 -23.11 2.77 -20.44
CA TYR B 263 -23.33 3.64 -19.29
C TYR B 263 -24.76 4.16 -19.26
N ALA B 264 -25.28 4.57 -20.41
CA ALA B 264 -26.62 5.16 -20.46
C ALA B 264 -27.69 4.13 -20.08
N MET B 265 -27.54 2.87 -20.53
CA MET B 265 -28.55 1.87 -20.22
C MET B 265 -28.52 1.49 -18.76
N MET B 266 -27.33 1.47 -18.15
CA MET B 266 -27.26 1.11 -16.74
C MET B 266 -27.85 2.22 -15.86
N LYS B 267 -27.48 3.47 -16.12
CA LYS B 267 -28.12 4.57 -15.42
C LYS B 267 -29.62 4.56 -15.61
N TRP B 268 -30.08 4.32 -16.84
CA TRP B 268 -31.51 4.22 -17.13
C TRP B 268 -32.14 3.08 -16.34
N ASN B 269 -31.49 1.90 -16.33
CA ASN B 269 -32.01 0.76 -15.58
C ASN B 269 -32.16 1.09 -14.10
N LEU B 270 -31.13 1.73 -13.53
CA LEU B 270 -31.20 2.07 -12.11
C LEU B 270 -32.30 3.08 -11.84
N ASP B 271 -32.42 4.11 -12.70
CA ASP B 271 -33.48 5.11 -12.52
C ASP B 271 -34.86 4.45 -12.60
N LYS B 272 -35.12 3.69 -13.66
CA LYS B 272 -36.44 3.14 -13.87
C LYS B 272 -36.78 2.08 -12.83
N ILE B 273 -35.82 1.22 -12.49
CA ILE B 273 -36.12 0.13 -11.57
C ILE B 273 -36.35 0.67 -10.16
N SER B 274 -35.52 1.62 -9.73
CA SER B 274 -35.73 2.21 -8.41
C SER B 274 -37.04 3.00 -8.36
N GLU B 275 -37.40 3.66 -9.48
CA GLU B 275 -38.63 4.44 -9.50
C GLU B 275 -39.85 3.53 -9.43
N GLY B 276 -39.83 2.45 -10.23
CA GLY B 276 -40.98 1.56 -10.29
C GLY B 276 -41.17 0.74 -9.03
N LEU B 277 -40.08 0.24 -8.45
CA LEU B 277 -40.17 -0.53 -7.22
C LEU B 277 -40.61 0.32 -6.02
N ALA B 278 -40.33 1.63 -6.06
CA ALA B 278 -40.71 2.49 -4.96
C ALA B 278 -42.22 2.70 -4.91
N LYS B 279 -42.83 2.98 -6.06
CA LYS B 279 -44.27 3.21 -6.22
C LYS B 279 -45.19 2.56 -5.19
N GLN C 1 5.19 9.98 42.06
CA GLN C 1 5.39 11.36 42.46
C GLN C 1 6.36 11.43 43.65
N SER C 2 6.53 10.31 44.35
CA SER C 2 7.35 10.31 45.55
C SER C 2 7.78 8.90 45.87
N LEU C 3 9.02 8.75 46.36
CA LEU C 3 9.54 7.48 46.83
C LEU C 3 10.08 7.69 48.25
N GLU C 4 9.83 6.72 49.13
CA GLU C 4 10.24 6.85 50.52
C GLU C 4 10.81 5.53 51.02
N GLU C 5 12.08 5.53 51.37
CA GLU C 5 12.76 4.37 51.91
C GLU C 5 12.56 4.29 53.42
N SER C 6 12.65 3.06 53.93
CA SER C 6 12.50 2.82 55.36
C SER C 6 13.21 1.52 55.70
N GLY C 7 13.42 1.32 56.99
CA GLY C 7 14.04 0.11 57.49
C GLY C 7 15.48 0.26 57.92
N GLY C 8 16.15 1.31 57.45
CA GLY C 8 17.53 1.55 57.87
C GLY C 8 17.62 1.78 59.37
N ARG C 9 18.72 1.29 59.95
CA ARG C 9 18.99 1.44 61.38
C ARG C 9 20.47 1.13 61.62
N LEU C 10 20.89 1.29 62.86
CA LEU C 10 22.27 1.00 63.25
C LEU C 10 22.33 -0.43 63.78
N VAL C 11 23.24 -1.22 63.23
CA VAL C 11 23.31 -2.65 63.50
C VAL C 11 24.77 -3.07 63.68
N THR C 12 24.95 -4.28 64.25
CA THR C 12 26.26 -4.87 64.42
C THR C 12 26.60 -5.67 63.17
N PRO C 13 27.89 -5.91 62.91
CA PRO C 13 28.25 -6.76 61.77
C PRO C 13 27.60 -8.13 61.88
N GLY C 14 27.14 -8.63 60.74
CA GLY C 14 26.46 -9.90 60.66
C GLY C 14 24.96 -9.80 60.81
N THR C 15 24.43 -8.63 61.20
CA THR C 15 22.98 -8.46 61.34
C THR C 15 22.35 -8.37 59.96
N PRO C 16 21.37 -9.21 59.66
CA PRO C 16 20.61 -9.03 58.42
C PRO C 16 19.60 -7.90 58.58
N LEU C 17 19.20 -7.33 57.44
CA LEU C 17 18.31 -6.19 57.46
C LEU C 17 17.57 -6.15 56.12
N THR C 18 16.34 -5.68 56.16
CA THR C 18 15.50 -5.50 54.97
C THR C 18 15.05 -4.05 54.87
N LEU C 19 15.32 -3.42 53.72
CA LEU C 19 14.88 -2.07 53.44
C LEU C 19 13.67 -2.11 52.52
N THR C 20 12.83 -1.09 52.62
CA THR C 20 11.58 -1.03 51.87
C THR C 20 11.44 0.35 51.23
N CYS C 21 11.22 0.35 49.91
CA CYS C 21 10.99 1.57 49.14
C CYS C 21 9.50 1.60 48.80
N THR C 22 8.78 2.54 49.39
CA THR C 22 7.33 2.62 49.24
C THR C 22 6.99 3.76 48.29
N ALA C 23 6.15 3.45 47.29
CA ALA C 23 5.75 4.43 46.29
C ALA C 23 4.46 5.11 46.70
N SER C 24 4.38 6.42 46.42
CA SER C 24 3.21 7.23 46.76
C SER C 24 2.89 8.11 45.57
N GLY C 25 1.75 7.86 44.94
CA GLY C 25 1.32 8.63 43.79
C GLY C 25 1.47 7.94 42.46
N PHE C 26 1.79 6.64 42.44
CA PHE C 26 1.93 5.86 41.22
C PHE C 26 2.22 4.41 41.61
N THR C 27 2.18 3.55 40.61
CA THR C 27 2.42 2.12 40.79
C THR C 27 3.83 1.76 40.33
N ILE C 28 4.38 0.72 40.94
CA ILE C 28 5.72 0.26 40.60
C ILE C 28 5.70 -0.84 39.52
N SER C 29 4.57 -1.50 39.31
CA SER C 29 4.46 -2.63 38.40
C SER C 29 4.92 -2.33 36.98
N ARG C 30 5.12 -1.05 36.62
CA ARG C 30 5.48 -0.69 35.25
C ARG C 30 6.69 0.22 35.21
N HIS C 31 7.61 0.06 36.17
CA HIS C 31 8.83 0.84 36.22
C HIS C 31 9.96 -0.07 36.72
N HIS C 32 11.16 0.10 36.15
CA HIS C 32 12.33 -0.54 36.74
C HIS C 32 12.73 0.22 38.00
N MET C 33 13.21 -0.50 39.01
CA MET C 33 13.59 0.10 40.29
C MET C 33 15.00 -0.33 40.63
N GLN C 34 15.85 0.64 40.95
CA GLN C 34 17.25 0.41 41.26
C GLN C 34 17.48 0.70 42.75
N TRP C 35 18.41 -0.04 43.35
CA TRP C 35 18.90 0.26 44.68
C TRP C 35 20.33 0.79 44.58
N VAL C 36 20.56 1.98 45.12
CA VAL C 36 21.86 2.66 45.06
C VAL C 36 22.23 3.08 46.47
N ARG C 37 23.46 2.78 46.89
CA ARG C 37 23.93 3.20 48.20
C ARG C 37 25.02 4.26 48.04
N GLN C 38 25.19 5.03 49.13
CA GLN C 38 26.20 6.08 49.15
C GLN C 38 26.73 6.17 50.58
N ALA C 39 27.98 5.76 50.79
CA ALA C 39 28.57 5.83 52.10
C ALA C 39 28.80 7.31 52.49
N PRO C 40 28.84 7.60 53.80
CA PRO C 40 29.11 8.98 54.23
C PRO C 40 30.39 9.56 53.66
N GLY C 41 30.26 10.62 52.85
CA GLY C 41 31.41 11.26 52.24
C GLY C 41 31.85 10.60 50.96
N LYS C 42 31.75 9.27 50.89
CA LYS C 42 32.07 8.55 49.67
C LYS C 42 30.95 8.78 48.64
N GLY C 43 31.11 8.22 47.44
CA GLY C 43 30.22 8.50 46.34
C GLY C 43 29.09 7.48 46.18
N LEU C 44 28.38 7.61 45.07
CA LEU C 44 27.23 6.76 44.78
C LEU C 44 27.69 5.41 44.26
N GLU C 45 27.10 4.34 44.78
CA GLU C 45 27.46 2.99 44.40
C GLU C 45 26.20 2.22 44.04
N TRP C 46 26.18 1.64 42.84
CA TRP C 46 25.03 0.88 42.37
C TRP C 46 25.03 -0.53 42.98
N ILE C 47 23.86 -0.97 43.40
CA ILE C 47 23.69 -2.28 44.01
C ILE C 47 23.01 -3.25 43.06
N GLY C 48 21.86 -2.85 42.52
CA GLY C 48 21.13 -3.73 41.63
C GLY C 48 19.83 -3.07 41.22
N LEU C 49 19.08 -3.78 40.38
CA LEU C 49 17.80 -3.30 39.86
C LEU C 49 16.84 -4.48 39.78
N ILE C 50 15.56 -4.20 39.92
CA ILE C 50 14.51 -5.15 39.59
C ILE C 50 13.80 -4.59 38.37
N ASP C 51 13.81 -5.36 37.29
CA ASP C 51 13.11 -4.98 36.06
C ASP C 51 11.60 -5.10 36.28
N SER C 52 10.85 -4.24 35.58
CA SER C 52 9.40 -4.20 35.75
C SER C 52 8.76 -5.57 35.55
N SER C 53 9.31 -6.40 34.66
CA SER C 53 8.81 -7.76 34.50
C SER C 53 9.16 -8.63 35.70
N GLY C 54 10.32 -8.40 36.33
CA GLY C 54 10.70 -9.15 37.50
C GLY C 54 12.13 -9.66 37.54
N SER C 55 12.88 -9.44 36.46
CA SER C 55 14.27 -9.88 36.40
C SER C 55 15.13 -9.04 37.33
N THR C 56 16.16 -9.67 37.90
CA THR C 56 17.04 -9.03 38.89
C THR C 56 18.47 -9.05 38.37
N TYR C 57 19.14 -7.92 38.50
CA TYR C 57 20.54 -7.80 38.14
C TYR C 57 21.24 -7.10 39.28
N TYR C 58 22.50 -7.47 39.53
CA TYR C 58 23.23 -6.96 40.67
C TYR C 58 24.66 -6.68 40.25
N ALA C 59 25.32 -5.82 41.02
CA ALA C 59 26.74 -5.56 40.80
C ALA C 59 27.56 -6.81 41.15
N ASN C 60 28.77 -6.88 40.58
CA ASN C 60 29.59 -8.08 40.74
C ASN C 60 30.08 -8.28 42.16
N TRP C 61 30.06 -7.23 42.98
CA TRP C 61 30.52 -7.34 44.36
C TRP C 61 29.44 -7.79 45.33
N ALA C 62 28.18 -7.87 44.87
CA ALA C 62 27.08 -8.19 45.78
C ALA C 62 27.23 -9.59 46.39
N LYS C 63 27.84 -10.52 45.64
CA LYS C 63 28.07 -11.88 46.15
C LYS C 63 26.80 -12.54 46.63
N GLY C 64 25.64 -12.13 46.12
CA GLY C 64 24.40 -12.65 46.61
C GLY C 64 24.01 -12.19 48.00
N ARG C 65 24.72 -11.23 48.58
CA ARG C 65 24.40 -10.74 49.91
C ARG C 65 23.25 -9.73 49.93
N PHE C 66 22.81 -9.27 48.75
CA PHE C 66 21.75 -8.29 48.62
C PHE C 66 20.72 -8.82 47.60
N THR C 67 19.45 -8.83 47.99
CA THR C 67 18.39 -9.43 47.20
C THR C 67 17.27 -8.44 47.02
N ILE C 68 16.76 -8.34 45.80
CA ILE C 68 15.72 -7.37 45.48
C ILE C 68 14.45 -8.11 45.07
N SER C 69 13.32 -7.70 45.63
CA SER C 69 12.01 -8.23 45.29
C SER C 69 11.05 -7.06 45.18
N ARG C 70 9.93 -7.29 44.50
CA ARG C 70 8.98 -6.22 44.20
C ARG C 70 7.55 -6.65 44.45
N THR C 71 6.72 -5.69 44.84
CA THR C 71 5.27 -5.86 44.90
C THR C 71 4.61 -4.75 44.09
N SER C 72 3.28 -4.62 44.22
CA SER C 72 2.58 -3.56 43.50
C SER C 72 2.90 -2.18 44.05
N THR C 73 3.37 -2.09 45.29
CA THR C 73 3.59 -0.79 45.93
C THR C 73 4.94 -0.64 46.60
N THR C 74 5.69 -1.72 46.83
CA THR C 74 6.97 -1.64 47.52
C THR C 74 8.04 -2.45 46.78
N VAL C 75 9.30 -2.02 46.96
CA VAL C 75 10.47 -2.74 46.47
C VAL C 75 11.36 -3.04 47.68
N ASP C 76 11.76 -4.29 47.82
CA ASP C 76 12.53 -4.74 48.97
C ASP C 76 14.00 -4.92 48.61
N LEU C 77 14.87 -4.62 49.57
CA LEU C 77 16.29 -4.90 49.46
C LEU C 77 16.68 -5.72 50.69
N LYS C 78 16.78 -7.03 50.54
CA LYS C 78 17.07 -7.93 51.65
C LYS C 78 18.59 -8.10 51.73
N MET C 79 19.20 -7.45 52.72
CA MET C 79 20.61 -7.63 53.04
C MET C 79 20.76 -8.76 54.03
N THR C 80 21.56 -9.78 53.66
CA THR C 80 21.62 -10.99 54.46
C THR C 80 22.68 -10.91 55.57
N SER C 81 23.74 -10.14 55.37
CA SER C 81 24.81 -10.09 56.36
C SER C 81 25.62 -8.82 56.16
N LEU C 82 25.37 -7.82 57.01
CA LEU C 82 25.96 -6.51 56.83
C LEU C 82 27.37 -6.47 57.43
N THR C 83 28.27 -5.75 56.75
CA THR C 83 29.59 -5.44 57.23
C THR C 83 29.71 -3.93 57.44
N THR C 84 30.76 -3.52 58.15
CA THR C 84 30.96 -2.09 58.37
C THR C 84 31.11 -1.36 57.05
N GLU C 85 31.63 -2.03 56.02
CA GLU C 85 31.78 -1.41 54.71
C GLU C 85 30.46 -1.23 54.01
N ASP C 86 29.38 -1.80 54.55
CA ASP C 86 28.04 -1.56 54.04
C ASP C 86 27.37 -0.35 54.66
N THR C 87 28.08 0.39 55.51
CA THR C 87 27.54 1.61 56.10
C THR C 87 27.34 2.63 54.99
N ALA C 88 26.09 3.00 54.74
CA ALA C 88 25.77 3.92 53.66
C ALA C 88 24.31 4.36 53.78
N THR C 89 23.95 5.34 52.98
CA THR C 89 22.56 5.72 52.78
C THR C 89 22.06 4.98 51.55
N TYR C 90 20.89 4.34 51.68
CA TYR C 90 20.37 3.47 50.63
C TYR C 90 19.19 4.13 49.94
N PHE C 91 19.33 4.39 48.64
CA PHE C 91 18.31 5.01 47.81
C PHE C 91 17.65 3.97 46.93
N CYS C 92 16.39 4.21 46.60
CA CYS C 92 15.76 3.57 45.45
C CYS C 92 15.54 4.63 44.39
N ALA C 93 15.68 4.24 43.12
CA ALA C 93 15.51 5.14 42.00
C ALA C 93 14.68 4.46 40.92
N ARG C 94 13.76 5.21 40.31
CA ARG C 94 12.83 4.64 39.36
C ARG C 94 13.37 4.73 37.93
N GLY C 95 13.16 3.67 37.16
CA GLY C 95 13.39 3.69 35.74
C GLY C 95 14.83 3.39 35.37
N GLY C 96 14.99 3.04 34.08
CA GLY C 96 16.32 2.75 33.57
C GLY C 96 17.27 3.92 33.70
N SER C 97 16.75 5.14 33.64
CA SER C 97 17.56 6.35 33.77
C SER C 97 17.57 6.91 35.19
N MET C 98 16.95 6.21 36.14
CA MET C 98 16.91 6.66 37.55
C MET C 98 16.36 8.08 37.66
N ASP C 99 15.19 8.28 37.08
CA ASP C 99 14.65 9.64 36.91
C ASP C 99 14.46 10.32 38.26
N PHE C 100 13.79 9.65 39.19
CA PHE C 100 13.54 10.26 40.49
C PHE C 100 13.84 9.27 41.61
N TRP C 101 14.38 9.82 42.71
CA TRP C 101 14.93 9.04 43.81
C TRP C 101 14.18 9.34 45.11
N GLY C 102 14.27 8.41 46.05
CA GLY C 102 13.76 8.67 47.38
C GLY C 102 14.74 9.46 48.20
N GLN C 103 14.31 9.86 49.39
CA GLN C 103 15.15 10.63 50.29
C GLN C 103 16.34 9.81 50.81
N GLY C 104 16.22 8.48 50.82
CA GLY C 104 17.28 7.63 51.33
C GLY C 104 17.11 7.26 52.78
N THR C 105 17.47 6.03 53.12
CA THR C 105 17.44 5.57 54.50
C THR C 105 18.87 5.22 54.96
N LEU C 106 19.20 5.58 56.21
CA LEU C 106 20.55 5.45 56.71
C LEU C 106 20.76 4.09 57.38
N VAL C 107 21.79 3.37 56.93
CA VAL C 107 22.21 2.11 57.53
C VAL C 107 23.62 2.33 58.04
N THR C 108 23.81 2.17 59.35
CA THR C 108 25.12 2.24 59.98
C THR C 108 25.44 0.87 60.54
N VAL C 109 26.67 0.40 60.26
CA VAL C 109 27.16 -0.88 60.77
C VAL C 109 28.40 -0.60 61.63
N SER C 110 28.39 -1.07 62.87
CA SER C 110 29.36 -0.57 63.84
C SER C 110 30.27 -1.64 64.45
N SER C 111 30.46 -1.57 65.76
CA SER C 111 31.53 -2.28 66.44
C SER C 111 31.43 -3.79 66.32
N THR C 139 33.66 -0.46 35.04
CA THR C 139 33.81 0.68 35.94
C THR C 139 33.97 1.97 35.12
N GLN C 140 33.72 3.09 35.79
CA GLN C 140 33.74 4.39 35.09
C GLN C 140 34.50 5.36 35.97
N THR C 141 35.46 6.07 35.39
CA THR C 141 36.28 7.00 36.19
C THR C 141 36.11 8.41 35.64
N PRO C 142 35.62 9.38 36.43
CA PRO C 142 35.57 10.77 36.00
C PRO C 142 36.97 11.32 36.25
N SER C 143 37.60 11.87 35.21
CA SER C 143 38.98 12.33 35.38
C SER C 143 39.19 13.29 36.55
N PRO C 144 38.35 14.29 36.81
CA PRO C 144 38.64 15.21 37.93
C PRO C 144 37.84 14.89 39.19
N VAL C 145 38.41 15.26 40.34
CA VAL C 145 37.68 15.21 41.59
C VAL C 145 36.93 16.53 41.86
N SER C 146 37.45 17.65 41.36
CA SER C 146 36.87 18.97 41.60
C SER C 146 37.07 19.88 40.39
N ALA C 147 36.24 20.92 40.31
CA ALA C 147 36.33 21.96 39.29
C ALA C 147 35.65 23.20 39.85
N ALA C 148 35.96 24.37 39.28
CA ALA C 148 35.53 25.62 39.91
C ALA C 148 35.61 26.79 38.94
N VAL C 149 34.50 27.55 38.83
CA VAL C 149 34.47 28.89 38.24
C VAL C 149 33.42 29.72 39.01
N GLY C 150 33.23 31.00 38.65
CA GLY C 150 32.21 31.85 39.22
C GLY C 150 30.93 31.96 38.40
N GLY C 151 31.01 32.50 37.20
CA GLY C 151 29.82 32.58 36.36
C GLY C 151 30.01 32.08 34.93
N THR C 152 30.99 31.20 34.72
CA THR C 152 31.38 30.80 33.38
C THR C 152 31.14 29.31 33.15
N VAL C 153 32.12 28.55 32.68
CA VAL C 153 31.92 27.20 32.16
C VAL C 153 32.92 26.23 32.79
N THR C 154 32.42 25.06 33.20
CA THR C 154 33.21 23.99 33.77
C THR C 154 32.89 22.72 32.98
N ILE C 155 33.81 21.76 33.01
CA ILE C 155 33.68 20.52 32.27
C ILE C 155 33.90 19.34 33.20
N SER C 156 32.91 18.43 33.24
CA SER C 156 33.00 17.16 33.98
C SER C 156 33.12 16.05 32.94
N CYS C 157 34.27 15.40 32.89
CA CYS C 157 34.56 14.42 31.87
C CYS C 157 34.49 13.00 32.41
N GLN C 158 34.45 12.02 31.51
CA GLN C 158 34.17 10.62 31.84
C GLN C 158 34.94 9.69 30.95
N SER C 159 35.60 8.71 31.53
CA SER C 159 36.26 7.66 30.77
C SER C 159 35.71 6.33 31.27
N SER C 160 35.26 5.51 30.35
CA SER C 160 34.75 4.18 30.68
C SER C 160 35.68 3.08 30.13
N GLN C 161 35.77 1.98 30.89
CA GLN C 161 36.63 0.88 30.48
C GLN C 161 36.10 0.19 29.24
N SER C 162 34.78 -0.01 29.14
CA SER C 162 34.17 -0.65 27.99
C SER C 162 33.02 0.19 27.50
N VAL C 163 32.63 -0.04 26.25
CA VAL C 163 31.52 0.70 25.64
C VAL C 163 30.21 0.27 26.28
N ALA C 164 29.22 1.18 26.23
CA ALA C 164 28.03 1.09 27.07
C ALA C 164 26.75 0.61 26.34
N GLY C 165 26.79 0.38 25.06
CA GLY C 165 25.62 0.55 24.21
C GLY C 165 25.81 1.75 23.31
N ASN C 166 26.90 2.49 23.55
CA ASN C 166 27.42 3.68 22.92
C ASN C 166 26.70 4.93 23.36
N ASN C 167 25.57 4.81 24.07
CA ASN C 167 24.83 5.99 24.45
C ASN C 167 24.16 5.92 25.82
N PHE C 168 24.24 4.80 26.54
N PHE C 168 24.07 4.75 26.47
CA PHE C 168 23.62 4.71 27.87
CA PHE C 168 23.57 4.81 27.83
C PHE C 168 24.52 5.37 28.93
C PHE C 168 24.65 5.40 28.71
N LEU C 169 24.57 6.70 28.90
CA LEU C 169 25.30 7.46 29.90
C LEU C 169 24.32 8.51 30.43
N SER C 170 24.38 8.73 31.74
CA SER C 170 23.49 9.70 32.35
C SER C 170 24.28 10.50 33.38
N TRP C 171 23.88 11.77 33.54
CA TRP C 171 24.54 12.68 34.46
C TRP C 171 23.57 13.06 35.57
N TYR C 172 24.08 13.09 36.80
CA TYR C 172 23.26 13.39 37.96
C TYR C 172 23.92 14.48 38.77
N GLN C 173 23.09 15.36 39.33
CA GLN C 173 23.55 16.43 40.22
C GLN C 173 23.08 16.06 41.61
N GLN C 174 23.98 16.18 42.59
CA GLN C 174 23.65 15.84 43.97
C GLN C 174 24.11 16.93 44.91
N LYS C 175 23.20 17.84 45.25
CA LYS C 175 23.47 18.81 46.30
C LYS C 175 23.53 18.09 47.64
N PRO C 176 24.36 18.55 48.57
CA PRO C 176 24.65 17.75 49.77
C PRO C 176 23.43 17.55 50.67
N GLY C 177 23.29 16.31 51.15
CA GLY C 177 22.18 15.93 51.99
C GLY C 177 20.88 15.70 51.27
N GLN C 178 20.89 15.69 49.94
CA GLN C 178 19.72 15.54 49.11
C GLN C 178 19.86 14.33 48.18
N PRO C 179 18.76 13.82 47.66
CA PRO C 179 18.84 12.74 46.66
C PRO C 179 19.45 13.27 45.38
N PRO C 180 20.00 12.39 44.55
CA PRO C 180 20.47 12.84 43.23
C PRO C 180 19.31 13.27 42.34
N THR C 181 19.54 14.34 41.58
CA THR C 181 18.61 14.79 40.55
C THR C 181 19.23 14.49 39.19
N GLN C 182 18.49 13.80 38.34
CA GLN C 182 18.99 13.48 37.02
C GLN C 182 18.95 14.71 36.10
N LEU C 183 20.05 14.94 35.37
CA LEU C 183 20.15 16.06 34.45
C LEU C 183 20.01 15.60 33.01
N ILE C 184 20.84 14.65 32.60
CA ILE C 184 20.91 14.24 31.19
C ILE C 184 20.88 12.72 31.13
N GLY C 185 19.88 12.17 30.42
CA GLY C 185 19.83 10.75 30.14
C GLY C 185 20.24 10.50 28.71
N ALA C 186 20.59 9.26 28.38
CA ALA C 186 20.99 8.88 27.00
C ALA C 186 22.16 9.71 26.48
N THR C 187 22.91 10.41 27.35
CA THR C 187 24.17 11.13 27.01
C THR C 187 24.01 12.51 26.39
N SER C 188 22.81 12.91 25.99
CA SER C 188 22.66 14.21 25.29
C SER C 188 21.24 14.70 25.49
N THR C 189 20.38 13.84 26.05
CA THR C 189 18.98 14.23 26.14
C THR C 189 18.71 14.84 27.52
N LEU C 190 18.20 16.06 27.53
CA LEU C 190 17.88 16.72 28.79
C LEU C 190 16.66 16.08 29.44
N ALA C 191 16.58 16.21 30.75
CA ALA C 191 15.40 15.82 31.50
C ALA C 191 14.44 17.00 31.61
N SER C 192 13.21 16.69 32.01
CA SER C 192 12.19 17.72 32.12
C SER C 192 12.63 18.80 33.09
N GLY C 193 12.78 20.03 32.56
CA GLY C 193 13.07 21.17 33.40
C GLY C 193 14.53 21.44 33.65
N VAL C 194 15.42 20.79 32.93
CA VAL C 194 16.86 21.07 33.01
C VAL C 194 17.20 22.00 31.86
N PRO C 195 17.90 23.11 32.12
CA PRO C 195 18.20 24.06 31.03
C PRO C 195 19.19 23.48 30.05
N SER C 196 19.12 23.97 28.79
CA SER C 196 20.14 23.64 27.80
C SER C 196 21.52 24.13 28.22
N ARG C 197 21.58 24.93 29.30
CA ARG C 197 22.82 25.28 29.96
C ARG C 197 23.66 24.02 30.27
N PHE C 198 23.00 22.94 30.69
CA PHE C 198 23.69 21.66 30.89
C PHE C 198 23.75 20.92 29.56
N LYS C 199 24.96 20.71 29.06
CA LYS C 199 25.19 20.08 27.76
C LYS C 199 25.95 18.79 27.99
N GLY C 200 25.44 17.69 27.45
CA GLY C 200 26.10 16.40 27.50
C GLY C 200 26.52 15.95 26.11
N SER C 201 27.75 15.45 26.02
CA SER C 201 28.31 14.94 24.77
C SER C 201 29.09 13.66 25.07
N GLY C 202 29.45 12.95 24.01
CA GLY C 202 30.26 11.76 24.13
C GLY C 202 29.60 10.54 23.50
N SER C 203 30.41 9.50 23.36
CA SER C 203 29.98 8.28 22.69
C SER C 203 30.95 7.17 23.07
N GLY C 204 30.41 5.96 23.20
CA GLY C 204 31.23 4.79 23.45
C GLY C 204 31.84 4.72 24.84
N THR C 205 33.00 5.35 25.03
CA THR C 205 33.72 5.28 26.29
C THR C 205 34.02 6.63 26.89
N GLN C 206 34.00 7.72 26.11
CA GLN C 206 34.35 9.05 26.60
C GLN C 206 33.09 9.89 26.51
N PHE C 207 32.68 10.46 27.65
CA PHE C 207 31.48 11.29 27.75
C PHE C 207 31.84 12.56 28.53
N THR C 208 31.07 13.62 28.30
CA THR C 208 31.44 14.92 28.84
C THR C 208 30.20 15.71 29.23
N LEU C 209 30.17 16.20 30.48
CA LEU C 209 29.14 17.11 30.95
C LEU C 209 29.73 18.53 31.01
N THR C 210 29.14 19.46 30.24
CA THR C 210 29.61 20.84 30.17
C THR C 210 28.52 21.75 30.71
N ILE C 211 28.86 22.56 31.71
CA ILE C 211 27.92 23.44 32.38
C ILE C 211 28.34 24.87 32.08
N SER C 212 27.48 25.59 31.36
CA SER C 212 27.71 27.00 31.04
C SER C 212 26.99 27.91 32.03
N ASP C 213 27.16 29.22 31.87
CA ASP C 213 26.48 30.24 32.67
C ASP C 213 26.37 29.84 34.14
N LEU C 214 27.54 29.54 34.71
CA LEU C 214 27.59 28.96 36.05
C LEU C 214 26.85 29.83 37.07
N GLU C 215 26.14 29.17 37.98
CA GLU C 215 25.37 29.83 39.01
C GLU C 215 25.84 29.37 40.39
N SER C 216 25.44 30.12 41.42
CA SER C 216 25.87 29.80 42.77
C SER C 216 25.36 28.44 43.20
N ASP C 217 24.13 28.10 42.84
CA ASP C 217 23.53 26.82 43.20
C ASP C 217 23.78 25.74 42.15
N ASP C 218 24.81 25.92 41.34
CA ASP C 218 25.35 24.79 40.60
C ASP C 218 26.37 24.01 41.43
N ALA C 219 26.74 24.54 42.59
CA ALA C 219 27.65 23.85 43.50
C ALA C 219 27.06 22.52 43.93
N ALA C 220 27.58 21.44 43.35
CA ALA C 220 27.15 20.10 43.70
C ALA C 220 28.21 19.13 43.18
N THR C 221 28.10 17.88 43.61
CA THR C 221 28.99 16.82 43.16
C THR C 221 28.27 16.08 42.03
N TYR C 222 28.72 16.27 40.80
CA TYR C 222 28.06 15.70 39.64
C TYR C 222 28.57 14.27 39.39
N TYR C 223 27.67 13.30 39.48
CA TYR C 223 27.96 11.90 39.22
C TYR C 223 27.49 11.53 37.82
N CYS C 224 27.87 10.34 37.42
CA CYS C 224 27.61 9.83 36.08
C CYS C 224 27.27 8.34 36.20
N ALA C 225 26.29 7.88 35.42
CA ALA C 225 25.90 6.48 35.48
C ALA C 225 25.82 5.91 34.06
N GLY C 226 26.53 4.81 33.85
CA GLY C 226 26.50 4.10 32.59
C GLY C 226 25.78 2.76 32.73
N GLY C 227 25.16 2.32 31.65
CA GLY C 227 24.50 1.03 31.59
C GLY C 227 25.24 0.17 30.58
N TYR C 228 25.34 -1.12 30.87
CA TYR C 228 26.19 -2.01 30.09
C TYR C 228 25.45 -3.27 29.69
N SER C 229 26.12 -4.10 28.88
CA SER C 229 25.56 -5.39 28.53
C SER C 229 25.41 -6.24 29.79
N GLY C 230 24.37 -7.08 29.79
CA GLY C 230 24.01 -7.78 30.99
C GLY C 230 23.22 -6.96 31.98
N ASN C 231 22.79 -5.75 31.59
CA ASN C 231 21.96 -4.89 32.42
C ASN C 231 22.65 -4.50 33.72
N ILE C 232 23.92 -4.14 33.63
CA ILE C 232 24.68 -3.72 34.80
C ILE C 232 24.85 -2.22 34.71
N PHE C 233 24.70 -1.55 35.84
CA PHE C 233 24.89 -0.10 35.91
C PHE C 233 26.10 0.19 36.79
N ALA C 234 26.72 1.33 36.55
CA ALA C 234 27.88 1.71 37.35
C ALA C 234 27.98 3.24 37.40
N PHE C 235 28.22 3.77 38.58
CA PHE C 235 28.45 5.19 38.76
C PHE C 235 29.94 5.46 38.74
N GLY C 236 30.31 6.62 38.25
CA GLY C 236 31.66 7.09 38.43
C GLY C 236 31.84 7.73 39.81
N GLY C 237 33.07 8.03 40.15
CA GLY C 237 33.34 8.83 41.32
C GLY C 237 32.69 10.21 41.21
N GLY C 238 32.75 10.94 42.30
CA GLY C 238 32.23 12.28 42.28
C GLY C 238 33.05 13.23 41.43
N THR C 239 32.42 14.35 41.05
CA THR C 239 33.12 15.52 40.50
C THR C 239 32.46 16.77 41.10
N GLU C 240 33.02 17.24 42.21
CA GLU C 240 32.43 18.38 42.89
C GLU C 240 32.66 19.64 42.07
N LEU C 241 31.73 20.59 42.20
CA LEU C 241 31.78 21.82 41.43
C LEU C 241 31.62 23.02 42.34
N GLU C 242 32.43 24.06 42.07
CA GLU C 242 32.38 25.34 42.80
C GLU C 242 31.87 26.46 41.89
N ASP D 1 -7.87 16.23 -21.91
CA ASP D 1 -7.67 17.58 -21.42
C ASP D 1 -6.51 17.68 -20.42
N LYS D 2 -6.52 18.75 -19.62
CA LYS D 2 -5.41 19.03 -18.71
C LYS D 2 -5.52 18.16 -17.46
N LEU D 3 -4.36 17.94 -16.83
CA LEU D 3 -4.31 17.20 -15.58
C LEU D 3 -5.01 17.99 -14.48
N LYS D 4 -5.90 17.31 -13.74
CA LYS D 4 -6.67 17.94 -12.67
C LYS D 4 -5.96 17.67 -11.34
N VAL D 5 -5.41 18.72 -10.74
CA VAL D 5 -4.60 18.62 -9.53
C VAL D 5 -5.28 19.39 -8.42
N VAL D 6 -5.23 18.83 -7.20
CA VAL D 6 -5.77 19.46 -6.00
C VAL D 6 -4.64 19.58 -4.98
N ALA D 7 -4.39 20.79 -4.51
CA ALA D 7 -3.47 21.02 -3.40
C ALA D 7 -4.27 21.48 -2.19
N THR D 8 -3.78 21.14 -1.00
CA THR D 8 -4.56 21.43 0.20
C THR D 8 -4.44 22.88 0.64
N ASN D 9 -3.27 23.49 0.48
CA ASN D 9 -3.07 24.86 0.91
C ASN D 9 -2.26 25.59 -0.15
N SER D 10 -2.16 26.92 0.00
CA SER D 10 -1.52 27.74 -1.01
C SER D 10 -0.02 27.52 -1.07
N ILE D 11 0.59 27.03 0.00
CA ILE D 11 2.02 26.77 -0.02
C ILE D 11 2.33 25.67 -1.00
N ILE D 12 1.61 24.56 -0.88
CA ILE D 12 1.77 23.46 -1.84
C ILE D 12 1.27 23.88 -3.22
N ALA D 13 0.19 24.67 -3.26
CA ALA D 13 -0.37 25.09 -4.53
C ALA D 13 0.63 25.95 -5.31
N ASP D 14 1.33 26.85 -4.61
CA ASP D 14 2.32 27.68 -5.29
C ASP D 14 3.49 26.84 -5.77
N MET D 15 3.91 25.87 -4.97
CA MET D 15 4.99 24.98 -5.38
C MET D 15 4.63 24.25 -6.68
N THR D 16 3.37 23.80 -6.78
CA THR D 16 2.95 23.11 -7.99
C THR D 16 2.88 24.07 -9.18
N LYS D 17 2.42 25.30 -8.94
CA LYS D 17 2.47 26.31 -9.98
C LYS D 17 3.88 26.45 -10.52
N ALA D 18 4.87 26.50 -9.61
CA ALA D 18 6.25 26.71 -10.00
C ALA D 18 6.80 25.55 -10.82
N ILE D 19 6.17 24.39 -10.74
CA ILE D 19 6.60 23.22 -11.48
C ILE D 19 5.80 23.05 -12.77
N ALA D 20 4.47 23.16 -12.68
CA ALA D 20 3.60 22.81 -13.81
C ALA D 20 3.32 23.98 -14.73
N GLY D 21 3.32 25.20 -14.20
CA GLY D 21 2.95 26.35 -15.01
C GLY D 21 1.51 26.24 -15.47
N ASP D 22 1.31 26.50 -16.77
CA ASP D 22 -0.03 26.48 -17.36
C ASP D 22 -0.45 25.11 -17.88
N LYS D 23 0.27 24.06 -17.52
CA LYS D 23 0.02 22.74 -18.09
C LYS D 23 -0.96 21.90 -17.27
N ILE D 24 -1.50 22.44 -16.18
CA ILE D 24 -2.43 21.71 -15.31
C ILE D 24 -3.61 22.59 -14.96
N ASP D 25 -4.69 21.96 -14.48
CA ASP D 25 -5.80 22.65 -13.83
C ASP D 25 -5.59 22.48 -12.34
N LEU D 26 -5.24 23.56 -11.67
CA LEU D 26 -4.92 23.50 -10.25
C LEU D 26 -6.06 24.05 -9.40
N HIS D 27 -6.31 23.38 -8.26
CA HIS D 27 -7.23 23.86 -7.24
C HIS D 27 -6.54 23.81 -5.88
N SER D 28 -6.69 24.88 -5.12
CA SER D 28 -6.16 24.96 -3.77
C SER D 28 -7.34 24.98 -2.81
N ILE D 29 -7.31 24.10 -1.80
CA ILE D 29 -8.45 23.94 -0.89
C ILE D 29 -8.47 25.04 0.16
N VAL D 30 -7.47 25.08 1.03
CA VAL D 30 -7.43 26.08 2.09
C VAL D 30 -7.10 27.44 1.47
N PRO D 31 -8.00 28.41 1.61
CA PRO D 31 -7.75 29.71 0.99
C PRO D 31 -6.70 30.52 1.76
N ILE D 32 -6.15 31.53 1.06
CA ILE D 32 -5.04 32.29 1.58
C ILE D 32 -5.46 32.96 2.89
N GLY D 33 -4.60 32.85 3.90
CA GLY D 33 -4.84 33.47 5.19
C GLY D 33 -5.50 32.57 6.20
N GLN D 34 -6.06 31.45 5.77
CA GLN D 34 -6.79 30.58 6.67
C GLN D 34 -5.86 29.54 7.30
N ASP D 35 -6.25 29.06 8.47
CA ASP D 35 -5.48 28.01 9.13
C ASP D 35 -5.66 26.68 8.39
N PRO D 36 -4.60 26.07 7.90
CA PRO D 36 -4.74 24.80 7.18
C PRO D 36 -4.96 23.61 8.09
N HIS D 37 -4.81 23.76 9.41
CA HIS D 37 -5.08 22.64 10.32
C HIS D 37 -6.57 22.40 10.45
N GLU D 38 -7.37 23.45 10.60
CA GLU D 38 -8.77 23.31 10.96
C GLU D 38 -9.72 23.93 9.93
N TYR D 39 -9.27 24.12 8.71
CA TYR D 39 -10.16 24.64 7.69
C TYR D 39 -11.13 23.56 7.23
N GLU D 40 -12.38 23.95 6.97
CA GLU D 40 -13.42 23.01 6.62
C GLU D 40 -13.70 23.06 5.12
N PRO D 41 -13.43 21.99 4.37
CA PRO D 41 -13.65 22.03 2.92
C PRO D 41 -15.08 22.35 2.55
N LEU D 42 -15.23 23.14 1.48
CA LEU D 42 -16.53 23.53 0.95
C LEU D 42 -16.97 22.56 -0.13
N PRO D 43 -18.25 22.60 -0.51
CA PRO D 43 -18.69 21.70 -1.60
C PRO D 43 -17.80 21.73 -2.84
N GLU D 44 -17.35 22.91 -3.24
CA GLU D 44 -16.46 22.99 -4.40
C GLU D 44 -15.17 22.24 -4.16
N ASP D 45 -14.69 22.23 -2.90
CA ASP D 45 -13.47 21.50 -2.57
C ASP D 45 -13.70 20.01 -2.66
N VAL D 46 -14.83 19.53 -2.12
CA VAL D 46 -15.18 18.11 -2.23
C VAL D 46 -15.33 17.73 -3.69
N GLU D 47 -15.98 18.59 -4.48
CA GLU D 47 -16.18 18.29 -5.89
C GLU D 47 -14.85 18.19 -6.63
N LYS D 48 -13.99 19.21 -6.49
CA LYS D 48 -12.74 19.20 -7.20
C LYS D 48 -11.86 18.02 -6.79
N THR D 49 -11.95 17.61 -5.54
CA THR D 49 -11.15 16.49 -5.06
C THR D 49 -11.61 15.19 -5.71
N SER D 50 -12.93 14.99 -5.80
CA SER D 50 -13.44 13.73 -6.33
C SER D 50 -13.11 13.56 -7.81
N ASN D 51 -12.92 14.66 -8.54
CA ASN D 51 -12.54 14.61 -9.94
C ASN D 51 -11.04 14.82 -10.18
N ALA D 52 -10.26 14.92 -9.12
CA ALA D 52 -8.83 15.15 -9.24
C ALA D 52 -8.10 13.88 -9.69
N ASP D 53 -7.16 14.06 -10.61
CA ASP D 53 -6.28 12.98 -10.97
C ASP D 53 -5.19 12.77 -9.94
N VAL D 54 -4.86 13.80 -9.17
CA VAL D 54 -3.83 13.71 -8.15
C VAL D 54 -4.09 14.78 -7.09
N ILE D 55 -3.91 14.41 -5.83
CA ILE D 55 -4.10 15.31 -4.70
C ILE D 55 -2.77 15.41 -3.97
N PHE D 56 -2.38 16.64 -3.59
CA PHE D 56 -1.17 16.88 -2.84
C PHE D 56 -1.54 17.50 -1.49
N TYR D 57 -1.06 16.88 -0.40
CA TYR D 57 -1.25 17.42 0.94
C TYR D 57 0.07 17.39 1.68
N ASN D 58 0.12 18.15 2.78
CA ASN D 58 1.35 18.24 3.55
C ASN D 58 1.59 16.96 4.34
N GLY D 59 0.60 16.54 5.13
CA GLY D 59 0.80 15.40 6.00
C GLY D 59 1.43 15.81 7.32
N ILE D 60 2.10 14.85 7.96
CA ILE D 60 2.78 15.01 9.24
C ILE D 60 2.02 15.91 10.22
N ASN D 61 0.71 15.68 10.36
CA ASN D 61 -0.12 16.35 11.34
C ASN D 61 -0.40 17.80 10.98
N LEU D 62 -0.52 18.12 9.69
CA LEU D 62 -1.03 19.43 9.30
C LEU D 62 -2.53 19.38 9.05
N GLU D 63 -2.95 18.48 8.17
CA GLU D 63 -4.35 18.32 7.84
C GLU D 63 -4.82 16.87 7.91
N ASP D 64 -3.92 15.93 8.22
CA ASP D 64 -4.26 14.51 8.28
C ASP D 64 -4.36 14.03 9.73
N GLY D 65 -4.57 12.72 9.89
CA GLY D 65 -4.75 12.13 11.20
C GLY D 65 -6.22 11.94 11.53
N GLY D 66 -6.47 11.37 12.71
CA GLY D 66 -7.82 11.11 13.16
C GLY D 66 -8.69 12.35 13.22
N GLN D 67 -9.85 12.30 12.57
CA GLN D 67 -10.83 13.38 12.56
C GLN D 67 -10.24 14.71 12.09
N ALA D 68 -9.17 14.66 11.31
CA ALA D 68 -8.70 15.85 10.60
C ALA D 68 -9.40 15.96 9.24
N TRP D 69 -9.48 17.18 8.73
CA TRP D 69 -10.36 17.44 7.61
C TRP D 69 -9.94 16.66 6.37
N PHE D 70 -8.64 16.49 6.16
CA PHE D 70 -8.19 15.80 4.94
C PHE D 70 -8.48 14.32 5.01
N THR D 71 -8.35 13.73 6.20
CA THR D 71 -8.59 12.31 6.34
C THR D 71 -10.05 11.96 6.04
N LYS D 72 -10.98 12.79 6.52
CA LYS D 72 -12.39 12.61 6.15
C LYS D 72 -12.59 12.79 4.66
N LEU D 73 -11.92 13.80 4.07
CA LEU D 73 -12.10 14.11 2.66
C LEU D 73 -11.78 12.90 1.78
N VAL D 74 -10.59 12.32 1.96
CA VAL D 74 -10.18 11.21 1.09
C VAL D 74 -10.92 9.93 1.45
N LYS D 75 -11.35 9.79 2.70
CA LYS D 75 -12.20 8.67 3.06
C LYS D 75 -13.54 8.76 2.35
N ASN D 76 -14.18 9.93 2.45
CA ASN D 76 -15.49 10.12 1.84
C ASN D 76 -15.41 10.02 0.33
N ALA D 77 -14.32 10.52 -0.26
CA ALA D 77 -14.09 10.39 -1.70
C ALA D 77 -13.56 9.02 -2.11
N GLN D 78 -13.20 8.17 -1.14
CA GLN D 78 -12.70 6.81 -1.40
C GLN D 78 -11.45 6.82 -2.28
N LYS D 79 -10.55 7.77 -2.00
CA LYS D 79 -9.27 7.86 -2.68
C LYS D 79 -8.23 6.99 -1.96
N THR D 80 -7.18 6.64 -2.69
CA THR D 80 -6.15 5.73 -2.21
C THR D 80 -4.84 6.48 -2.00
N LYS D 81 -4.21 6.28 -0.84
CA LYS D 81 -2.95 6.94 -0.57
C LYS D 81 -1.88 6.43 -1.52
N ASN D 82 -1.00 7.33 -1.95
CA ASN D 82 0.09 7.03 -2.87
C ASN D 82 -0.41 6.47 -4.22
N LYS D 83 -1.69 6.67 -4.52
CA LYS D 83 -2.25 6.34 -5.82
C LYS D 83 -2.99 7.58 -6.31
N ASP D 84 -3.82 8.16 -5.44
CA ASP D 84 -4.51 9.41 -5.71
C ASP D 84 -3.91 10.61 -4.98
N TYR D 85 -3.80 10.52 -3.66
CA TYR D 85 -3.27 11.61 -2.86
C TYR D 85 -1.91 11.27 -2.29
N PHE D 86 -1.01 12.26 -2.27
CA PHE D 86 0.38 12.05 -1.89
C PHE D 86 0.79 13.13 -0.88
N ALA D 87 1.44 12.71 0.19
CA ALA D 87 2.02 13.63 1.16
C ALA D 87 3.33 14.17 0.61
N VAL D 88 3.39 15.49 0.43
CA VAL D 88 4.59 16.11 -0.14
C VAL D 88 5.70 16.20 0.87
N SER D 89 5.44 15.79 2.11
CA SER D 89 6.46 15.79 3.15
C SER D 89 7.23 14.47 3.19
N ASP D 90 6.83 13.46 2.40
CA ASP D 90 7.48 12.15 2.40
C ASP D 90 8.97 12.29 2.11
N GLY D 91 9.82 11.98 3.09
CA GLY D 91 11.25 12.04 2.91
C GLY D 91 11.94 13.14 3.68
N ILE D 92 11.25 13.79 4.62
CA ILE D 92 11.88 14.78 5.47
C ILE D 92 12.23 14.13 6.80
N ASP D 93 13.19 14.74 7.52
CA ASP D 93 13.45 14.33 8.90
C ASP D 93 12.40 15.00 9.78
N VAL D 94 11.47 14.20 10.30
CA VAL D 94 10.30 14.74 10.98
C VAL D 94 10.70 15.19 12.38
N ILE D 95 10.22 16.36 12.77
CA ILE D 95 10.34 16.86 14.14
C ILE D 95 8.98 16.74 14.80
N TYR D 96 8.97 16.29 16.05
CA TYR D 96 7.74 16.06 16.79
C TYR D 96 7.49 17.22 17.76
N LEU D 97 6.23 17.36 18.16
CA LEU D 97 5.87 18.39 19.12
C LEU D 97 6.44 18.06 20.49
N GLU D 98 6.67 19.11 21.29
CA GLU D 98 7.31 18.95 22.59
C GLU D 98 6.34 18.96 23.76
N GLY D 99 5.19 19.62 23.63
CA GLY D 99 4.31 19.79 24.76
C GLY D 99 3.75 18.49 25.29
N ALA D 100 3.40 18.50 26.56
CA ALA D 100 2.84 17.31 27.20
C ALA D 100 1.50 16.94 26.58
N SER D 101 0.61 17.93 26.43
CA SER D 101 -0.70 17.67 25.83
C SER D 101 -0.60 17.19 24.39
N GLU D 102 0.49 17.52 23.70
CA GLU D 102 0.61 17.17 22.29
C GLU D 102 0.89 15.69 22.08
N LYS D 103 1.36 14.99 23.10
CA LYS D 103 1.64 13.55 23.03
C LYS D 103 2.65 13.32 21.90
N GLY D 104 2.58 12.15 21.28
CA GLY D 104 3.53 11.80 20.25
C GLY D 104 3.09 12.22 18.85
N LYS D 105 2.96 13.51 18.63
CA LYS D 105 2.46 14.03 17.37
C LYS D 105 3.56 14.81 16.66
N GLU D 106 3.61 14.66 15.36
CA GLU D 106 4.64 15.32 14.55
C GLU D 106 4.33 16.80 14.37
N ASP D 107 5.40 17.60 14.24
CA ASP D 107 5.25 19.02 13.89
C ASP D 107 5.18 19.15 12.37
N PRO D 108 4.11 19.73 11.81
CA PRO D 108 3.94 19.74 10.36
C PRO D 108 4.66 20.85 9.60
N HIS D 109 5.21 21.84 10.28
CA HIS D 109 5.71 23.05 9.61
C HIS D 109 7.07 22.83 8.99
N ALA D 110 7.19 21.79 8.18
CA ALA D 110 8.48 21.41 7.62
C ALA D 110 8.96 22.38 6.53
N TRP D 111 8.03 23.05 5.85
CA TRP D 111 8.40 23.86 4.70
C TRP D 111 9.22 25.08 5.09
N LEU D 112 9.26 25.44 6.38
CA LEU D 112 10.06 26.58 6.81
C LEU D 112 11.55 26.29 6.78
N ASN D 113 11.94 25.03 6.53
CA ASN D 113 13.29 24.69 6.11
C ASN D 113 13.25 24.61 4.59
N LEU D 114 14.04 25.46 3.93
CA LEU D 114 13.96 25.50 2.47
C LEU D 114 14.35 24.18 1.83
N GLU D 115 15.28 23.44 2.45
CA GLU D 115 15.66 22.13 1.93
C GLU D 115 14.49 21.16 1.95
N ASN D 116 13.61 21.26 2.95
CA ASN D 116 12.38 20.46 2.94
C ASN D 116 11.42 20.94 1.86
N GLY D 117 11.39 22.25 1.58
CA GLY D 117 10.63 22.72 0.43
C GLY D 117 11.13 22.15 -0.87
N ILE D 118 12.44 21.90 -0.96
CA ILE D 118 12.99 21.19 -2.10
C ILE D 118 12.42 19.78 -2.18
N ILE D 119 12.35 19.09 -1.04
CA ILE D 119 11.74 17.77 -1.00
C ILE D 119 10.28 17.86 -1.43
N TYR D 120 9.57 18.89 -0.94
CA TYR D 120 8.17 19.06 -1.32
C TYR D 120 8.04 19.17 -2.83
N SER D 121 8.95 19.91 -3.47
CA SER D 121 8.84 20.13 -4.91
C SER D 121 9.23 18.87 -5.69
N LYS D 122 10.27 18.17 -5.24
CA LYS D 122 10.62 16.91 -5.91
C LYS D 122 9.47 15.92 -5.86
N ASN D 123 8.76 15.88 -4.72
CA ASN D 123 7.63 14.96 -4.59
C ASN D 123 6.46 15.37 -5.47
N ILE D 124 6.26 16.68 -5.65
CA ILE D 124 5.21 17.17 -6.53
C ILE D 124 5.54 16.83 -7.99
N ALA D 125 6.76 17.17 -8.42
CA ALA D 125 7.16 16.90 -9.79
C ALA D 125 7.19 15.39 -10.08
N LYS D 126 7.50 14.59 -9.05
CA LYS D 126 7.52 13.14 -9.25
C LYS D 126 6.17 12.63 -9.70
N GLN D 127 5.10 13.12 -9.07
CA GLN D 127 3.77 12.61 -9.38
C GLN D 127 3.16 13.30 -10.58
N LEU D 128 3.54 14.55 -10.85
CA LEU D 128 3.09 15.20 -12.08
C LEU D 128 3.66 14.51 -13.32
N ILE D 129 4.91 14.08 -13.23
CA ILE D 129 5.53 13.35 -14.34
C ILE D 129 4.93 11.96 -14.49
N ALA D 130 4.62 11.31 -13.36
CA ALA D 130 4.07 9.97 -13.40
C ALA D 130 2.67 9.93 -13.99
N LYS D 131 1.88 11.00 -13.80
CA LYS D 131 0.50 11.02 -14.25
C LYS D 131 0.27 11.86 -15.50
N ASP D 132 1.19 12.76 -15.83
CA ASP D 132 1.12 13.55 -17.06
C ASP D 132 2.47 13.44 -17.77
N PRO D 133 2.79 12.24 -18.30
CA PRO D 133 4.11 12.07 -18.93
C PRO D 133 4.29 12.91 -20.18
N LYS D 134 3.20 13.41 -20.78
CA LYS D 134 3.32 14.25 -21.97
C LYS D 134 4.13 15.51 -21.67
N ASN D 135 4.08 16.01 -20.43
CA ASN D 135 4.78 17.22 -20.04
C ASN D 135 5.97 16.95 -19.12
N LYS D 136 6.58 15.77 -19.22
CA LYS D 136 7.76 15.48 -18.43
C LYS D 136 8.85 16.53 -18.69
N GLU D 137 9.03 16.93 -19.95
CA GLU D 137 10.01 17.94 -20.29
C GLU D 137 9.79 19.21 -19.48
N THR D 138 8.55 19.73 -19.50
CA THR D 138 8.29 21.03 -18.90
C THR D 138 8.34 20.96 -17.38
N TYR D 139 7.94 19.83 -16.79
CA TYR D 139 7.99 19.70 -15.33
C TYR D 139 9.43 19.71 -14.81
N GLU D 140 10.33 19.02 -15.52
CA GLU D 140 11.71 18.90 -15.04
C GLU D 140 12.49 20.19 -15.25
N LYS D 141 12.27 20.86 -16.39
CA LYS D 141 12.92 22.15 -16.61
C LYS D 141 12.50 23.17 -15.56
N ASN D 142 11.22 23.15 -15.18
CA ASN D 142 10.76 24.07 -14.16
C ASN D 142 11.19 23.64 -12.77
N LEU D 143 11.20 22.32 -12.51
CA LEU D 143 11.65 21.84 -11.21
C LEU D 143 13.12 22.17 -10.97
N LYS D 144 13.99 21.83 -11.96
CA LYS D 144 15.41 22.09 -11.80
C LYS D 144 15.68 23.56 -11.50
N ALA D 145 14.95 24.47 -12.18
CA ALA D 145 15.15 25.89 -11.92
C ALA D 145 14.64 26.27 -10.55
N TYR D 146 13.50 25.68 -10.14
CA TYR D 146 12.93 26.00 -8.83
C TYR D 146 13.84 25.54 -7.71
N VAL D 147 14.32 24.29 -7.80
CA VAL D 147 15.25 23.76 -6.82
C VAL D 147 16.47 24.65 -6.72
N ALA D 148 16.99 25.08 -7.89
CA ALA D 148 18.17 25.93 -7.91
C ALA D 148 17.90 27.27 -7.23
N LYS D 149 16.73 27.85 -7.50
CA LYS D 149 16.39 29.13 -6.90
C LYS D 149 16.16 29.02 -5.39
N LEU D 150 15.66 27.86 -4.93
CA LEU D 150 15.51 27.65 -3.49
C LEU D 150 16.84 27.38 -2.82
N GLU D 151 17.72 26.59 -3.46
CA GLU D 151 19.01 26.28 -2.88
C GLU D 151 19.82 27.55 -2.64
N LYS D 152 19.74 28.52 -3.56
CA LYS D 152 20.43 29.79 -3.37
C LYS D 152 19.92 30.50 -2.13
N LEU D 153 18.59 30.55 -1.98
CA LEU D 153 17.99 31.17 -0.80
C LEU D 153 18.36 30.42 0.46
N ASP D 154 18.51 29.09 0.35
CA ASP D 154 18.92 28.31 1.50
C ASP D 154 20.34 28.66 1.94
N LYS D 155 21.23 28.89 0.98
CA LYS D 155 22.59 29.32 1.32
C LYS D 155 22.55 30.61 2.12
N GLU D 156 21.71 31.57 1.69
CA GLU D 156 21.59 32.83 2.42
C GLU D 156 21.10 32.60 3.84
N ALA D 157 20.14 31.70 4.00
CA ALA D 157 19.58 31.44 5.32
C ALA D 157 20.60 30.78 6.24
N LYS D 158 21.53 30.00 5.69
CA LYS D 158 22.55 29.37 6.54
C LYS D 158 23.48 30.40 7.18
N SER D 159 23.65 31.56 6.56
CA SER D 159 24.54 32.60 7.08
C SER D 159 23.84 33.94 7.27
N LYS D 160 22.51 33.97 7.23
CA LYS D 160 21.78 35.23 7.36
C LYS D 160 21.91 35.82 8.77
N PHE D 161 21.96 34.96 9.79
CA PHE D 161 21.95 35.40 11.18
C PHE D 161 23.32 35.33 11.83
N ASP D 162 24.40 35.34 11.03
CA ASP D 162 25.74 35.19 11.59
C ASP D 162 26.14 36.41 12.42
N ALA D 163 25.58 37.57 12.11
CA ALA D 163 25.92 38.81 12.80
C ALA D 163 24.99 39.10 13.98
N ILE D 164 24.30 38.10 14.50
CA ILE D 164 23.34 38.25 15.58
C ILE D 164 23.88 37.52 16.80
N ALA D 165 23.98 38.23 17.92
CA ALA D 165 24.51 37.64 19.15
C ALA D 165 23.63 36.49 19.62
N GLU D 166 24.28 35.48 20.21
CA GLU D 166 23.54 34.29 20.61
C GLU D 166 22.48 34.59 21.66
N ASN D 167 22.74 35.54 22.55
CA ASN D 167 21.78 35.86 23.62
C ASN D 167 20.55 36.60 23.11
N LYS D 168 20.46 36.88 21.80
CA LYS D 168 19.26 37.51 21.24
C LYS D 168 18.80 36.85 19.95
N LYS D 169 19.27 35.62 19.68
CA LYS D 169 18.78 34.85 18.53
C LYS D 169 17.60 34.01 18.98
N LEU D 170 16.42 34.65 19.01
CA LEU D 170 15.19 33.96 19.39
C LEU D 170 14.05 34.50 18.52
N ILE D 171 13.57 33.67 17.60
CA ILE D 171 12.41 34.01 16.80
C ILE D 171 11.16 33.74 17.63
N VAL D 172 10.33 34.76 17.82
CA VAL D 172 9.11 34.65 18.62
C VAL D 172 7.90 34.80 17.70
N THR D 173 7.13 33.73 17.58
CA THR D 173 5.90 33.72 16.79
C THR D 173 4.76 33.22 17.66
N SER D 174 3.53 33.41 17.17
CA SER D 174 2.35 32.99 17.94
C SER D 174 2.28 31.47 18.06
N GLU D 175 2.54 30.76 16.97
CA GLU D 175 2.51 29.31 16.93
C GLU D 175 3.93 28.75 16.87
N GLY D 176 4.15 27.62 17.52
CA GLY D 176 5.45 26.96 17.50
C GLY D 176 5.78 26.31 16.16
N CYS D 177 5.72 27.11 15.10
CA CYS D 177 5.86 26.60 13.73
C CYS D 177 7.28 26.71 13.20
N PHE D 178 8.21 27.17 14.02
CA PHE D 178 9.56 27.44 13.55
C PHE D 178 10.58 26.36 13.94
N LYS D 179 10.12 25.13 14.21
CA LYS D 179 11.04 24.06 14.60
C LYS D 179 11.99 23.69 13.46
N TYR D 180 11.44 23.55 12.26
CA TYR D 180 12.30 23.19 11.12
C TYR D 180 13.19 24.35 10.70
N PHE D 181 12.73 25.58 10.89
CA PHE D 181 13.57 26.73 10.62
C PHE D 181 14.70 26.80 11.64
N SER D 182 14.41 26.48 12.90
CA SER D 182 15.42 26.57 13.96
C SER D 182 16.50 25.50 13.79
N LYS D 183 16.10 24.26 13.55
CA LYS D 183 17.08 23.20 13.29
C LYS D 183 17.95 23.54 12.09
N ALA D 184 17.34 24.07 11.03
CA ALA D 184 18.05 24.24 9.77
C ALA D 184 18.97 25.47 9.77
N TYR D 185 18.60 26.55 10.46
CA TYR D 185 19.34 27.80 10.36
C TYR D 185 19.91 28.29 11.68
N GLY D 186 19.87 27.47 12.74
CA GLY D 186 20.55 27.78 13.98
C GLY D 186 19.97 28.94 14.76
N VAL D 187 18.66 29.16 14.69
CA VAL D 187 18.00 30.26 15.37
C VAL D 187 16.88 29.69 16.21
N PRO D 188 17.08 29.57 17.53
CA PRO D 188 16.00 29.07 18.41
C PRO D 188 14.72 29.90 18.26
N SER D 189 13.60 29.26 18.57
CA SER D 189 12.30 29.89 18.45
C SER D 189 11.45 29.60 19.67
N ALA D 190 10.52 30.50 19.95
CA ALA D 190 9.57 30.36 21.03
C ALA D 190 8.17 30.61 20.50
N TYR D 191 7.16 30.34 21.34
CA TYR D 191 5.78 30.44 20.88
C TYR D 191 4.88 30.86 22.03
N ILE D 192 3.61 31.11 21.70
CA ILE D 192 2.53 31.24 22.66
C ILE D 192 1.86 29.87 22.80
N TRP D 193 1.34 29.36 21.68
CA TRP D 193 0.80 28.02 21.61
C TRP D 193 1.62 27.23 20.58
N GLU D 194 1.83 25.93 20.84
CA GLU D 194 2.74 25.16 19.99
C GLU D 194 2.13 24.86 18.61
N ILE D 195 0.85 24.56 18.58
CA ILE D 195 0.19 24.22 17.33
C ILE D 195 -1.24 24.76 17.37
N ASN D 196 -1.77 25.10 16.20
CA ASN D 196 -3.06 25.78 16.12
C ASN D 196 -4.21 24.96 16.69
N THR D 197 -4.07 23.64 16.75
CA THR D 197 -5.12 22.81 17.34
C THR D 197 -5.31 23.08 18.84
N GLU D 198 -4.32 23.68 19.49
CA GLU D 198 -4.44 24.01 20.90
C GLU D 198 -5.33 25.25 21.08
N GLU D 199 -5.60 25.59 22.34
CA GLU D 199 -6.21 26.87 22.65
C GLU D 199 -5.22 27.99 22.36
N GLU D 200 -5.66 29.01 21.65
CA GLU D 200 -4.76 30.01 21.08
C GLU D 200 -4.77 31.28 21.91
N GLY D 201 -3.84 31.37 22.88
CA GLY D 201 -3.61 32.60 23.60
C GLY D 201 -4.21 32.66 24.99
N THR D 202 -4.00 31.62 25.78
CA THR D 202 -4.49 31.59 27.16
C THR D 202 -3.59 32.46 28.04
N PRO D 203 -4.07 32.84 29.22
CA PRO D 203 -3.21 33.62 30.13
C PRO D 203 -1.93 32.89 30.51
N ASP D 204 -2.01 31.56 30.71
CA ASP D 204 -0.83 30.81 31.07
C ASP D 204 0.20 30.83 29.94
N GLN D 205 -0.26 30.66 28.70
CA GLN D 205 0.65 30.66 27.56
C GLN D 205 1.31 32.02 27.39
N ILE D 206 0.55 33.10 27.57
CA ILE D 206 1.11 34.43 27.45
C ILE D 206 2.15 34.67 28.52
N SER D 207 1.83 34.28 29.77
CA SER D 207 2.74 34.51 30.90
C SER D 207 4.03 33.69 30.76
N SER D 208 3.92 32.48 30.23
CA SER D 208 5.12 31.67 30.00
C SER D 208 6.06 32.34 29.03
N LEU D 209 5.53 32.80 27.90
CA LEU D 209 6.34 33.49 26.91
C LEU D 209 6.91 34.80 27.46
N ILE D 210 6.12 35.51 28.29
CA ILE D 210 6.62 36.72 28.94
C ILE D 210 7.86 36.41 29.78
N GLU D 211 7.83 35.31 30.53
CA GLU D 211 8.97 34.94 31.35
C GLU D 211 10.16 34.53 30.51
N LYS D 212 9.92 33.82 29.41
CA LYS D 212 11.02 33.46 28.51
C LYS D 212 11.70 34.70 27.92
N LEU D 213 10.90 35.73 27.61
CA LEU D 213 11.45 36.96 27.05
C LEU D 213 12.24 37.78 28.07
N LYS D 214 12.14 37.42 29.37
CA LYS D 214 12.97 38.09 30.37
C LYS D 214 14.37 37.48 30.40
N VAL D 215 14.47 36.17 30.16
CA VAL D 215 15.76 35.50 30.15
C VAL D 215 16.47 35.84 28.84
N ILE D 216 15.90 35.40 27.72
CA ILE D 216 16.40 35.75 26.38
C ILE D 216 15.55 36.91 25.89
N LYS D 217 16.16 38.10 25.75
CA LYS D 217 15.43 39.28 25.31
C LYS D 217 15.75 39.54 23.84
N PRO D 218 14.91 39.14 22.91
CA PRO D 218 15.14 39.49 21.50
C PRO D 218 14.70 40.91 21.23
N SER D 219 15.26 41.48 20.15
CA SER D 219 14.92 42.83 19.75
C SER D 219 13.56 42.94 19.06
N ALA D 220 12.91 41.81 18.75
CA ALA D 220 11.68 41.89 17.98
C ALA D 220 10.89 40.60 18.16
N LEU D 221 9.57 40.74 18.07
CA LEU D 221 8.64 39.63 17.96
C LEU D 221 8.04 39.62 16.56
N PHE D 222 7.41 38.51 16.20
CA PHE D 222 6.81 38.36 14.88
C PHE D 222 5.41 37.79 15.01
N VAL D 223 4.56 38.08 14.04
CA VAL D 223 3.19 37.60 14.02
C VAL D 223 2.88 37.05 12.64
N GLU D 224 2.13 35.95 12.59
CA GLU D 224 1.84 35.27 11.35
C GLU D 224 0.62 35.87 10.67
N SER D 225 0.63 35.80 9.32
CA SER D 225 -0.51 36.34 8.56
C SER D 225 -1.80 35.55 8.77
N SER D 226 -1.73 34.33 9.33
CA SER D 226 -2.86 33.41 9.39
C SER D 226 -3.37 33.19 10.80
N VAL D 227 -3.00 34.05 11.75
CA VAL D 227 -3.41 33.88 13.14
C VAL D 227 -4.01 35.19 13.63
N ASP D 228 -4.87 35.08 14.63
CA ASP D 228 -5.37 36.27 15.31
C ASP D 228 -4.21 36.98 15.99
N ARG D 229 -4.10 38.29 15.78
CA ARG D 229 -2.95 39.04 16.27
C ARG D 229 -3.08 39.45 17.73
N ARG D 230 -4.28 39.42 18.31
CA ARG D 230 -4.46 39.89 19.68
C ARG D 230 -3.54 39.22 20.70
N PRO D 231 -3.31 37.88 20.68
CA PRO D 231 -2.37 37.30 21.64
C PRO D 231 -0.95 37.87 21.53
N MET D 232 -0.37 37.89 20.34
CA MET D 232 0.99 38.40 20.20
C MET D 232 1.07 39.88 20.55
N GLU D 233 0.02 40.66 20.22
CA GLU D 233 -0.02 42.06 20.60
C GLU D 233 -0.03 42.22 22.12
N THR D 234 -0.67 41.29 22.84
CA THR D 234 -0.63 41.32 24.29
C THR D 234 0.78 41.05 24.80
N VAL D 235 1.45 40.04 24.24
CA VAL D 235 2.84 39.78 24.58
C VAL D 235 3.70 40.99 24.27
N SER D 236 3.43 41.64 23.12
CA SER D 236 4.20 42.81 22.72
C SER D 236 3.94 43.98 23.67
N LYS D 237 2.68 44.23 24.02
CA LYS D 237 2.38 45.30 24.96
C LYS D 237 3.06 45.05 26.30
N ASP D 238 2.99 43.81 26.79
CA ASP D 238 3.49 43.52 28.12
C ASP D 238 5.00 43.51 28.17
N SER D 239 5.63 42.87 27.18
CA SER D 239 7.09 42.78 27.17
C SER D 239 7.76 44.07 26.74
N GLY D 240 7.04 44.93 26.01
CA GLY D 240 7.64 46.13 25.45
C GLY D 240 8.50 45.89 24.24
N ILE D 241 8.50 44.67 23.69
CA ILE D 241 9.28 44.33 22.51
C ILE D 241 8.33 44.41 21.31
N PRO D 242 8.45 45.42 20.46
CA PRO D 242 7.51 45.56 19.33
C PRO D 242 7.58 44.39 18.36
N ILE D 243 6.43 44.07 17.77
CA ILE D 243 6.34 43.12 16.67
C ILE D 243 6.91 43.81 15.43
N TYR D 244 8.08 43.34 14.98
CA TYR D 244 8.81 44.05 13.93
C TYR D 244 8.15 43.88 12.56
N SER D 245 7.48 42.76 12.33
CA SER D 245 6.96 42.52 10.98
C SER D 245 5.98 41.36 11.00
N GLU D 246 5.03 41.43 10.08
CA GLU D 246 4.21 40.28 9.77
C GLU D 246 5.10 39.27 9.03
N ILE D 247 4.94 37.99 9.36
CA ILE D 247 5.63 36.92 8.67
C ILE D 247 4.60 35.91 8.17
N PHE D 248 5.08 35.00 7.31
CA PHE D 248 4.21 34.05 6.62
C PHE D 248 4.66 32.65 6.98
N THR D 249 3.75 31.89 7.59
CA THR D 249 4.06 30.53 8.03
C THR D 249 3.11 29.54 7.39
N ASP D 250 1.83 29.51 7.77
CA ASP D 250 0.86 28.55 7.27
C ASP D 250 0.20 28.96 5.95
N SER D 251 0.60 30.08 5.36
CA SER D 251 -0.03 30.55 4.14
C SER D 251 0.91 31.52 3.46
N ILE D 252 0.71 31.70 2.16
CA ILE D 252 1.38 32.77 1.43
C ILE D 252 0.52 34.02 1.55
N ALA D 253 0.99 35.12 0.98
CA ALA D 253 0.25 36.37 0.99
C ALA D 253 -0.72 36.41 -0.17
N LYS D 254 -1.69 37.32 -0.09
CA LYS D 254 -2.63 37.51 -1.18
C LYS D 254 -1.88 37.94 -2.45
N LYS D 255 -2.41 37.51 -3.60
CA LYS D 255 -1.81 37.83 -4.90
C LYS D 255 -1.60 39.33 -5.01
N GLY D 256 -0.33 39.73 -5.18
CA GLY D 256 0.04 41.13 -5.32
C GLY D 256 0.74 41.70 -4.10
N LYS D 257 0.40 41.21 -2.93
CA LYS D 257 1.08 41.65 -1.72
C LYS D 257 2.45 40.98 -1.62
N PRO D 258 3.39 41.58 -0.89
CA PRO D 258 4.70 40.96 -0.73
C PRO D 258 4.58 39.60 -0.07
N GLY D 259 5.37 38.66 -0.54
CA GLY D 259 5.30 37.30 -0.02
C GLY D 259 4.25 36.40 -0.64
N ASP D 260 3.74 36.74 -1.83
CA ASP D 260 2.65 36.03 -2.47
C ASP D 260 3.08 34.75 -3.17
N SER D 261 4.23 34.17 -2.80
CA SER D 261 4.70 32.91 -3.35
C SER D 261 5.52 32.23 -2.26
N TYR D 262 5.64 30.91 -2.33
CA TYR D 262 6.44 30.20 -1.32
C TYR D 262 7.87 30.74 -1.27
N TYR D 263 8.50 30.95 -2.45
CA TYR D 263 9.81 31.60 -2.45
C TYR D 263 9.74 33.00 -1.86
N ALA D 264 8.70 33.75 -2.19
CA ALA D 264 8.61 35.13 -1.74
C ALA D 264 8.40 35.20 -0.23
N MET D 265 7.60 34.28 0.33
CA MET D 265 7.34 34.36 1.77
C MET D 265 8.57 33.98 2.56
N MET D 266 9.41 33.09 2.03
CA MET D 266 10.62 32.70 2.73
C MET D 266 11.64 33.83 2.70
N LYS D 267 11.89 34.40 1.51
CA LYS D 267 12.82 35.52 1.42
C LYS D 267 12.33 36.68 2.29
N TRP D 268 11.03 36.94 2.26
CA TRP D 268 10.46 37.91 3.17
C TRP D 268 10.78 37.54 4.63
N ASN D 269 10.51 36.28 5.00
CA ASN D 269 10.80 35.84 6.37
C ASN D 269 12.26 36.04 6.71
N LEU D 270 13.17 35.61 5.81
CA LEU D 270 14.59 35.81 6.04
C LEU D 270 14.93 37.28 6.21
N ASP D 271 14.37 38.12 5.35
CA ASP D 271 14.68 39.55 5.39
C ASP D 271 14.18 40.17 6.69
N LYS D 272 12.92 39.94 7.03
CA LYS D 272 12.32 40.64 8.17
C LYS D 272 12.84 40.11 9.51
N ILE D 273 13.04 38.79 9.61
CA ILE D 273 13.44 38.24 10.90
C ILE D 273 14.88 38.61 11.23
N SER D 274 15.76 38.59 10.22
CA SER D 274 17.13 39.04 10.46
C SER D 274 17.17 40.53 10.78
N GLU D 275 16.35 41.34 10.08
CA GLU D 275 16.29 42.77 10.37
C GLU D 275 15.78 43.02 11.78
N GLY D 276 14.75 42.29 12.19
CA GLY D 276 14.20 42.48 13.51
C GLY D 276 15.12 41.99 14.63
N LEU D 277 15.70 40.80 14.44
CA LEU D 277 16.57 40.26 15.47
C LEU D 277 17.85 41.07 15.64
N ALA D 278 18.20 41.89 14.65
CA ALA D 278 19.38 42.75 14.73
C ALA D 278 19.17 43.86 15.76
N LYS D 279 18.34 44.84 15.42
CA LYS D 279 18.03 45.93 16.35
C LYS D 279 16.55 46.01 16.66
N ASP E 1 7.94 -24.58 -52.60
CA ASP E 1 9.32 -24.12 -52.58
C ASP E 1 9.48 -22.96 -51.60
N LYS E 2 10.65 -22.32 -51.64
CA LYS E 2 10.94 -21.19 -50.78
C LYS E 2 11.36 -19.99 -51.62
N LEU E 3 10.87 -18.81 -51.24
CA LEU E 3 11.17 -17.60 -51.98
C LEU E 3 12.63 -17.21 -51.77
N LYS E 4 13.30 -16.85 -52.86
CA LYS E 4 14.70 -16.45 -52.81
C LYS E 4 14.75 -14.92 -52.75
N VAL E 5 15.26 -14.39 -51.64
CA VAL E 5 15.35 -12.96 -51.40
C VAL E 5 16.80 -12.58 -51.24
N VAL E 6 17.16 -11.41 -51.78
CA VAL E 6 18.50 -10.84 -51.64
C VAL E 6 18.35 -9.43 -51.10
N ALA E 7 18.97 -9.16 -49.96
CA ALA E 7 19.09 -7.82 -49.41
C ALA E 7 20.52 -7.32 -49.59
N THR E 8 20.67 -6.01 -49.74
CA THR E 8 21.99 -5.46 -50.01
C THR E 8 22.84 -5.35 -48.75
N ASN E 9 22.22 -5.15 -47.58
CA ASN E 9 22.96 -4.98 -46.34
C ASN E 9 22.19 -5.63 -45.20
N SER E 10 22.89 -5.81 -44.07
CA SER E 10 22.34 -6.55 -42.94
C SER E 10 21.19 -5.81 -42.26
N ILE E 11 21.10 -4.49 -42.43
CA ILE E 11 19.99 -3.76 -41.83
C ILE E 11 18.68 -4.11 -42.52
N ILE E 12 18.68 -4.07 -43.85
CA ILE E 12 17.51 -4.49 -44.61
C ILE E 12 17.28 -5.99 -44.44
N ALA E 13 18.37 -6.75 -44.36
CA ALA E 13 18.24 -8.20 -44.21
C ALA E 13 17.61 -8.57 -42.86
N ASP E 14 17.96 -7.85 -41.79
CA ASP E 14 17.37 -8.13 -40.49
C ASP E 14 15.89 -7.77 -40.49
N MET E 15 15.53 -6.68 -41.16
CA MET E 15 14.12 -6.32 -41.30
C MET E 15 13.35 -7.42 -42.01
N THR E 16 13.94 -8.00 -43.05
CA THR E 16 13.28 -9.06 -43.77
C THR E 16 13.14 -10.32 -42.91
N LYS E 17 14.16 -10.64 -42.11
CA LYS E 17 14.05 -11.79 -41.23
C LYS E 17 12.91 -11.62 -40.22
N ALA E 18 12.72 -10.39 -39.74
CA ALA E 18 11.66 -10.11 -38.77
C ALA E 18 10.27 -10.30 -39.36
N ILE E 19 10.14 -10.20 -40.69
CA ILE E 19 8.87 -10.38 -41.36
C ILE E 19 8.69 -11.80 -41.85
N ALA E 20 9.68 -12.33 -42.58
CA ALA E 20 9.54 -13.63 -43.23
C ALA E 20 9.84 -14.80 -42.30
N GLY E 21 10.74 -14.62 -41.34
CA GLY E 21 11.12 -15.74 -40.50
C GLY E 21 11.85 -16.80 -41.32
N ASP E 22 11.45 -18.05 -41.13
CA ASP E 22 12.10 -19.18 -41.79
C ASP E 22 11.44 -19.54 -43.12
N LYS E 23 10.58 -18.68 -43.66
CA LYS E 23 9.80 -19.02 -44.85
C LYS E 23 10.49 -18.64 -46.16
N ILE E 24 11.68 -18.06 -46.10
CA ILE E 24 12.35 -17.56 -47.31
C ILE E 24 13.81 -18.01 -47.30
N ASP E 25 14.43 -17.88 -48.47
CA ASP E 25 15.88 -18.00 -48.61
C ASP E 25 16.43 -16.58 -48.64
N LEU E 26 17.08 -16.16 -47.57
CA LEU E 26 17.59 -14.80 -47.47
C LEU E 26 19.09 -14.79 -47.73
N HIS E 27 19.54 -13.82 -48.52
CA HIS E 27 20.96 -13.57 -48.71
C HIS E 27 21.23 -12.09 -48.51
N SER E 28 22.21 -11.76 -47.67
CA SER E 28 22.62 -10.38 -47.45
C SER E 28 23.96 -10.16 -48.11
N ILE E 29 24.05 -9.11 -48.94
CA ILE E 29 25.25 -8.89 -49.76
C ILE E 29 26.39 -8.34 -48.92
N VAL E 30 26.20 -7.15 -48.36
CA VAL E 30 27.23 -6.48 -47.57
C VAL E 30 27.36 -7.18 -46.22
N PRO E 31 28.50 -7.81 -45.95
CA PRO E 31 28.66 -8.51 -44.67
C PRO E 31 28.69 -7.54 -43.50
N ILE E 32 28.32 -8.08 -42.32
CA ILE E 32 28.21 -7.25 -41.13
C ILE E 32 29.53 -6.54 -40.87
N GLY E 33 29.43 -5.22 -40.66
CA GLY E 33 30.59 -4.39 -40.35
C GLY E 33 31.21 -3.70 -41.53
N GLN E 34 30.87 -4.09 -42.75
CA GLN E 34 31.42 -3.48 -43.94
C GLN E 34 30.61 -2.26 -44.37
N ASP E 35 31.29 -1.36 -45.07
CA ASP E 35 30.64 -0.15 -45.58
C ASP E 35 29.73 -0.51 -46.74
N PRO E 36 28.42 -0.23 -46.64
CA PRO E 36 27.53 -0.54 -47.77
C PRO E 36 27.58 0.48 -48.89
N HIS E 37 28.22 1.64 -48.67
CA HIS E 37 28.37 2.60 -49.74
C HIS E 37 29.28 2.07 -50.83
N GLU E 38 30.39 1.43 -50.44
CA GLU E 38 31.47 1.11 -51.37
C GLU E 38 31.90 -0.34 -51.23
N TYR E 39 30.97 -1.23 -50.95
CA TYR E 39 31.30 -2.65 -50.91
C TYR E 39 31.26 -3.24 -52.31
N GLU E 40 32.19 -4.15 -52.60
CA GLU E 40 32.25 -4.78 -53.91
C GLU E 40 31.64 -6.18 -53.81
N PRO E 41 30.53 -6.45 -54.48
CA PRO E 41 29.91 -7.77 -54.37
C PRO E 41 30.85 -8.87 -54.85
N LEU E 42 30.74 -10.03 -54.23
CA LEU E 42 31.52 -11.19 -54.59
C LEU E 42 30.75 -12.08 -55.55
N PRO E 43 31.41 -13.02 -56.23
CA PRO E 43 30.69 -13.88 -57.20
C PRO E 43 29.41 -14.51 -56.62
N GLU E 44 29.45 -14.97 -55.36
CA GLU E 44 28.27 -15.56 -54.76
C GLU E 44 27.14 -14.55 -54.64
N ASP E 45 27.47 -13.26 -54.43
CA ASP E 45 26.44 -12.23 -54.37
C ASP E 45 25.82 -12.02 -55.74
N VAL E 46 26.64 -11.98 -56.79
CA VAL E 46 26.14 -11.88 -58.14
C VAL E 46 25.26 -13.07 -58.47
N GLU E 47 25.66 -14.26 -58.02
CA GLU E 47 24.92 -15.48 -58.33
C GLU E 47 23.54 -15.44 -57.70
N LYS E 48 23.49 -15.19 -56.39
CA LYS E 48 22.20 -15.21 -55.70
C LYS E 48 21.31 -14.05 -56.14
N THR E 49 21.92 -12.94 -56.57
CA THR E 49 21.15 -11.83 -57.13
C THR E 49 20.48 -12.24 -58.42
N SER E 50 21.21 -12.96 -59.28
CA SER E 50 20.64 -13.34 -60.57
C SER E 50 19.49 -14.31 -60.42
N ASN E 51 19.47 -15.08 -59.34
CA ASN E 51 18.43 -16.07 -59.10
C ASN E 51 17.42 -15.63 -58.05
N ALA E 52 17.49 -14.38 -57.61
CA ALA E 52 16.60 -13.88 -56.57
C ALA E 52 15.21 -13.61 -57.14
N ASP E 53 14.18 -14.10 -56.44
CA ASP E 53 12.81 -13.78 -56.81
C ASP E 53 12.46 -12.33 -56.48
N VAL E 54 13.15 -11.73 -55.51
CA VAL E 54 12.94 -10.34 -55.13
C VAL E 54 14.22 -9.82 -54.48
N ILE E 55 14.59 -8.58 -54.84
CA ILE E 55 15.78 -7.93 -54.31
C ILE E 55 15.34 -6.66 -53.58
N PHE E 56 15.93 -6.41 -52.42
CA PHE E 56 15.65 -5.22 -51.64
C PHE E 56 16.95 -4.44 -51.44
N TYR E 57 16.93 -3.16 -51.81
CA TYR E 57 18.07 -2.27 -51.58
C TYR E 57 17.57 -0.98 -50.95
N ASN E 58 18.50 -0.26 -50.31
CA ASN E 58 18.12 0.97 -49.61
C ASN E 58 17.79 2.09 -50.60
N GLY E 59 18.69 2.34 -51.55
CA GLY E 59 18.52 3.45 -52.47
C GLY E 59 19.02 4.75 -51.87
N ILE E 60 18.43 5.85 -52.31
CA ILE E 60 18.75 7.22 -51.89
C ILE E 60 20.23 7.45 -51.62
N ASN E 61 21.09 7.07 -52.56
CA ASN E 61 22.53 7.31 -52.49
C ASN E 61 23.23 6.50 -51.40
N LEU E 62 22.72 5.30 -51.10
CA LEU E 62 23.51 4.38 -50.28
C LEU E 62 24.34 3.47 -51.17
N GLU E 63 23.68 2.77 -52.08
CA GLU E 63 24.35 1.86 -53.00
C GLU E 63 23.85 2.00 -54.44
N ASP E 64 22.96 2.97 -54.72
CA ASP E 64 22.31 3.09 -56.02
C ASP E 64 22.81 4.29 -56.81
N GLY E 65 23.99 4.80 -56.48
CA GLY E 65 24.54 5.90 -57.24
C GLY E 65 24.73 5.57 -58.72
N GLY E 66 25.11 6.59 -59.48
CA GLY E 66 25.36 6.39 -60.89
C GLY E 66 26.47 5.38 -61.15
N GLN E 67 27.58 5.50 -60.43
CA GLN E 67 28.70 4.59 -60.59
C GLN E 67 28.83 3.65 -59.39
N ALA E 68 27.71 3.35 -58.74
CA ALA E 68 27.73 2.54 -57.53
C ALA E 68 27.54 1.06 -57.86
N TRP E 69 27.83 0.22 -56.86
CA TRP E 69 27.96 -1.21 -57.10
C TRP E 69 26.60 -1.86 -57.39
N PHE E 70 25.54 -1.41 -56.71
CA PHE E 70 24.23 -2.01 -56.94
C PHE E 70 23.68 -1.70 -58.33
N THR E 71 23.90 -0.47 -58.81
CA THR E 71 23.46 -0.11 -60.15
C THR E 71 24.14 -0.97 -61.20
N LYS E 72 25.42 -1.30 -60.98
CA LYS E 72 26.10 -2.25 -61.85
C LYS E 72 25.50 -3.65 -61.72
N LEU E 73 25.16 -4.04 -60.49
CA LEU E 73 24.70 -5.40 -60.23
C LEU E 73 23.40 -5.69 -60.97
N VAL E 74 22.41 -4.81 -60.82
CA VAL E 74 21.13 -5.02 -61.48
C VAL E 74 21.23 -4.81 -62.99
N LYS E 75 22.16 -3.96 -63.44
CA LYS E 75 22.36 -3.77 -64.87
C LYS E 75 22.97 -5.01 -65.52
N ASN E 76 23.94 -5.64 -64.84
CA ASN E 76 24.54 -6.85 -65.36
C ASN E 76 23.56 -8.01 -65.29
N ALA E 77 22.80 -8.10 -64.20
CA ALA E 77 21.76 -9.12 -64.08
C ALA E 77 20.55 -8.83 -64.94
N GLN E 78 20.49 -7.66 -65.60
CA GLN E 78 19.37 -7.30 -66.46
C GLN E 78 18.04 -7.38 -65.71
N LYS E 79 18.03 -6.82 -64.50
CA LYS E 79 16.84 -6.78 -63.66
C LYS E 79 16.07 -5.49 -63.87
N THR E 80 14.79 -5.51 -63.50
CA THR E 80 13.88 -4.41 -63.75
C THR E 80 13.44 -3.80 -62.43
N LYS E 81 13.50 -2.47 -62.34
CA LYS E 81 13.09 -1.79 -61.12
C LYS E 81 11.61 -1.98 -60.89
N ASN E 82 11.23 -2.11 -59.61
CA ASN E 82 9.86 -2.32 -59.16
C ASN E 82 9.22 -3.59 -59.72
N LYS E 83 10.02 -4.49 -60.28
CA LYS E 83 9.60 -5.84 -60.64
C LYS E 83 10.48 -6.90 -60.01
N ASP E 84 11.80 -6.73 -60.05
CA ASP E 84 12.74 -7.61 -59.38
C ASP E 84 13.28 -6.97 -58.11
N TYR E 85 13.87 -5.78 -58.22
CA TYR E 85 14.47 -5.10 -57.09
C TYR E 85 13.62 -3.89 -56.68
N PHE E 86 13.54 -3.65 -55.38
CA PHE E 86 12.73 -2.60 -54.81
C PHE E 86 13.56 -1.80 -53.83
N ALA E 87 13.45 -0.47 -53.91
CA ALA E 87 14.07 0.40 -52.93
C ALA E 87 13.17 0.47 -51.70
N VAL E 88 13.66 -0.04 -50.57
CA VAL E 88 12.86 -0.11 -49.35
C VAL E 88 12.64 1.25 -48.71
N SER E 89 13.28 2.30 -49.24
CA SER E 89 13.08 3.66 -48.77
C SER E 89 12.01 4.42 -49.57
N ASP E 90 11.38 3.78 -50.54
CA ASP E 90 10.36 4.45 -51.33
C ASP E 90 9.19 4.81 -50.44
N GLY E 91 8.89 6.11 -50.33
CA GLY E 91 7.82 6.59 -49.50
C GLY E 91 8.25 7.40 -48.29
N ILE E 92 9.51 7.85 -48.23
CA ILE E 92 10.02 8.61 -47.11
C ILE E 92 10.31 10.04 -47.55
N ASP E 93 10.26 10.96 -46.60
CA ASP E 93 10.67 12.33 -46.87
C ASP E 93 12.20 12.35 -46.92
N VAL E 94 12.75 12.57 -48.11
CA VAL E 94 14.18 12.49 -48.32
C VAL E 94 14.87 13.74 -47.79
N ILE E 95 16.03 13.56 -47.15
CA ILE E 95 16.90 14.64 -46.71
C ILE E 95 18.17 14.59 -47.54
N TYR E 96 18.66 15.76 -47.94
CA TYR E 96 19.78 15.86 -48.87
C TYR E 96 21.07 16.23 -48.14
N LEU E 97 22.19 15.91 -48.79
CA LEU E 97 23.50 16.22 -48.23
C LEU E 97 23.85 17.69 -48.47
N GLU E 98 24.28 18.36 -47.39
CA GLU E 98 24.56 19.80 -47.51
C GLU E 98 25.85 20.08 -48.26
N GLY E 99 26.95 19.46 -47.83
CA GLY E 99 28.29 19.81 -48.26
C GLY E 99 28.47 20.00 -49.75
N ALA E 100 29.14 21.07 -50.15
CA ALA E 100 29.39 21.34 -51.56
C ALA E 100 30.20 20.21 -52.18
N SER E 101 30.21 20.19 -53.52
CA SER E 101 30.79 19.09 -54.29
C SER E 101 30.03 17.78 -54.07
N GLU E 102 29.98 17.31 -52.82
CA GLU E 102 29.09 16.21 -52.43
C GLU E 102 27.65 16.68 -52.24
N LYS E 103 27.20 17.63 -53.08
CA LYS E 103 25.86 18.20 -53.01
C LYS E 103 25.10 17.83 -54.27
N GLY E 104 23.77 17.82 -54.14
CA GLY E 104 22.88 17.31 -55.15
C GLY E 104 22.40 15.91 -54.86
N LYS E 105 23.24 15.10 -54.19
CA LYS E 105 22.85 13.76 -53.78
C LYS E 105 22.07 13.85 -52.47
N GLU E 106 21.45 12.73 -52.10
CA GLU E 106 20.60 12.64 -50.92
C GLU E 106 21.29 11.85 -49.80
N ASP E 107 20.95 12.18 -48.55
CA ASP E 107 21.47 11.40 -47.43
C ASP E 107 20.74 10.07 -47.37
N PRO E 108 21.45 8.93 -47.33
CA PRO E 108 20.79 7.62 -47.37
C PRO E 108 20.40 7.05 -46.02
N HIS E 109 20.91 7.61 -44.92
CA HIS E 109 20.78 6.99 -43.61
C HIS E 109 19.40 7.23 -42.99
N ALA E 110 18.37 6.83 -43.74
CA ALA E 110 16.99 7.07 -43.33
C ALA E 110 16.54 6.14 -42.22
N TRP E 111 17.13 4.95 -42.10
CA TRP E 111 16.68 3.97 -41.12
C TRP E 111 16.93 4.42 -39.69
N LEU E 112 17.73 5.47 -39.49
CA LEU E 112 17.97 5.99 -38.14
C LEU E 112 16.78 6.76 -37.59
N ASN E 113 15.77 7.03 -38.40
CA ASN E 113 14.47 7.49 -37.94
C ASN E 113 13.54 6.28 -37.95
N LEU E 114 13.02 5.92 -36.78
CA LEU E 114 12.27 4.67 -36.65
C LEU E 114 10.99 4.69 -37.50
N GLU E 115 10.42 5.88 -37.73
CA GLU E 115 9.26 5.97 -38.60
C GLU E 115 9.63 5.58 -40.02
N ASN E 116 10.86 5.86 -40.43
CA ASN E 116 11.31 5.40 -41.75
C ASN E 116 11.52 3.89 -41.74
N GLY E 117 12.01 3.34 -40.62
CA GLY E 117 12.17 1.90 -40.52
C GLY E 117 10.86 1.16 -40.66
N ILE E 118 9.76 1.77 -40.19
CA ILE E 118 8.42 1.21 -40.42
C ILE E 118 8.11 1.17 -41.91
N ILE E 119 8.42 2.24 -42.63
CA ILE E 119 8.19 2.27 -44.08
C ILE E 119 9.04 1.22 -44.78
N TYR E 120 10.31 1.09 -44.36
CA TYR E 120 11.16 0.05 -44.88
C TYR E 120 10.52 -1.33 -44.73
N SER E 121 9.96 -1.59 -43.55
CA SER E 121 9.36 -2.89 -43.29
C SER E 121 8.04 -3.07 -44.05
N LYS E 122 7.21 -2.03 -44.09
CA LYS E 122 5.98 -2.09 -44.88
C LYS E 122 6.29 -2.40 -46.34
N ASN E 123 7.33 -1.76 -46.89
CA ASN E 123 7.67 -2.00 -48.28
C ASN E 123 8.21 -3.41 -48.48
N ILE E 124 8.98 -3.91 -47.49
CA ILE E 124 9.49 -5.27 -47.58
C ILE E 124 8.34 -6.27 -47.61
N ALA E 125 7.42 -6.14 -46.65
CA ALA E 125 6.30 -7.07 -46.58
C ALA E 125 5.44 -6.97 -47.84
N LYS E 126 5.15 -5.73 -48.28
CA LYS E 126 4.31 -5.51 -49.45
C LYS E 126 4.71 -6.41 -50.60
N GLN E 127 6.02 -6.57 -50.81
CA GLN E 127 6.51 -7.37 -51.92
C GLN E 127 6.63 -8.85 -51.58
N LEU E 128 6.85 -9.18 -50.31
CA LEU E 128 6.86 -10.58 -49.91
C LEU E 128 5.47 -11.20 -50.07
N ILE E 129 4.42 -10.43 -49.78
CA ILE E 129 3.06 -10.93 -49.95
C ILE E 129 2.72 -11.06 -51.43
N ALA E 130 3.18 -10.11 -52.26
CA ALA E 130 2.84 -10.12 -53.68
C ALA E 130 3.51 -11.28 -54.41
N LYS E 131 4.72 -11.65 -54.00
CA LYS E 131 5.48 -12.69 -54.69
C LYS E 131 5.38 -14.06 -54.04
N ASP E 132 5.00 -14.13 -52.78
CA ASP E 132 4.77 -15.40 -52.09
C ASP E 132 3.41 -15.37 -51.41
N PRO E 133 2.32 -15.34 -52.20
CA PRO E 133 0.99 -15.30 -51.56
C PRO E 133 0.67 -16.52 -50.73
N LYS E 134 1.39 -17.63 -50.93
CA LYS E 134 1.17 -18.81 -50.09
C LYS E 134 1.36 -18.49 -48.61
N ASN E 135 2.21 -17.52 -48.30
CA ASN E 135 2.50 -17.12 -46.93
C ASN E 135 2.01 -15.72 -46.61
N LYS E 136 0.91 -15.30 -47.24
CA LYS E 136 0.32 -13.99 -46.93
C LYS E 136 -0.01 -13.88 -45.44
N GLU E 137 -0.45 -14.98 -44.83
CA GLU E 137 -0.82 -14.99 -43.42
C GLU E 137 0.39 -14.68 -42.54
N THR E 138 1.52 -15.34 -42.81
CA THR E 138 2.69 -15.19 -41.94
C THR E 138 3.30 -13.80 -42.06
N TYR E 139 3.33 -13.24 -43.27
CA TYR E 139 3.99 -11.95 -43.46
C TYR E 139 3.21 -10.83 -42.79
N GLU E 140 1.88 -10.88 -42.84
CA GLU E 140 1.07 -9.82 -42.24
C GLU E 140 1.13 -9.88 -40.72
N LYS E 141 1.09 -11.09 -40.14
CA LYS E 141 1.15 -11.21 -38.69
C LYS E 141 2.50 -10.75 -38.14
N ASN E 142 3.58 -10.96 -38.92
CA ASN E 142 4.89 -10.52 -38.47
C ASN E 142 5.14 -9.05 -38.73
N LEU E 143 4.59 -8.50 -39.83
CA LEU E 143 4.66 -7.05 -40.04
C LEU E 143 3.94 -6.32 -38.92
N LYS E 144 2.71 -6.74 -38.61
CA LYS E 144 1.93 -6.09 -37.56
C LYS E 144 2.68 -6.11 -36.22
N ALA E 145 3.35 -7.22 -35.90
CA ALA E 145 4.11 -7.29 -34.65
C ALA E 145 5.34 -6.39 -34.70
N TYR E 146 6.12 -6.49 -35.78
CA TYR E 146 7.33 -5.67 -35.90
C TYR E 146 6.99 -4.19 -35.92
N VAL E 147 5.98 -3.80 -36.72
CA VAL E 147 5.55 -2.41 -36.75
C VAL E 147 5.24 -1.91 -35.34
N ALA E 148 4.42 -2.68 -34.61
CA ALA E 148 4.07 -2.28 -33.24
C ALA E 148 5.30 -2.21 -32.34
N LYS E 149 6.19 -3.20 -32.45
CA LYS E 149 7.40 -3.18 -31.64
C LYS E 149 8.25 -1.94 -31.95
N LEU E 150 8.24 -1.48 -33.20
CA LEU E 150 9.02 -0.29 -33.56
C LEU E 150 8.30 0.99 -33.18
N GLU E 151 6.96 0.98 -33.19
CA GLU E 151 6.21 2.19 -32.84
C GLU E 151 6.44 2.55 -31.39
N LYS E 152 6.52 1.55 -30.51
CA LYS E 152 6.81 1.83 -29.10
C LYS E 152 8.20 2.45 -28.94
N LEU E 153 9.19 1.92 -29.67
CA LEU E 153 10.54 2.44 -29.58
C LEU E 153 10.62 3.86 -30.13
N ASP E 154 9.87 4.13 -31.20
CA ASP E 154 9.84 5.48 -31.78
C ASP E 154 9.38 6.50 -30.73
N LYS E 155 8.37 6.14 -29.93
CA LYS E 155 7.87 7.05 -28.90
C LYS E 155 8.96 7.40 -27.91
N GLU E 156 9.78 6.41 -27.52
CA GLU E 156 10.85 6.66 -26.56
C GLU E 156 11.80 7.73 -27.08
N ALA E 157 12.23 7.59 -28.34
CA ALA E 157 13.21 8.52 -28.89
C ALA E 157 12.68 9.94 -28.98
N LYS E 158 11.36 10.11 -29.08
CA LYS E 158 10.78 11.44 -29.13
C LYS E 158 11.04 12.20 -27.82
N SER E 159 11.17 11.48 -26.70
CA SER E 159 11.30 12.10 -25.40
C SER E 159 12.50 11.57 -24.63
N LYS E 160 13.43 10.88 -25.30
CA LYS E 160 14.55 10.28 -24.59
C LYS E 160 15.62 11.29 -24.19
N PHE E 161 15.81 12.34 -24.99
CA PHE E 161 16.91 13.29 -24.81
C PHE E 161 16.42 14.61 -24.22
N ASP E 162 15.24 14.60 -23.61
CA ASP E 162 14.63 15.84 -23.11
C ASP E 162 15.44 16.42 -21.97
N ALA E 163 15.91 15.59 -21.04
CA ALA E 163 16.61 16.06 -19.84
C ALA E 163 17.93 16.74 -20.16
N ILE E 164 18.40 16.66 -21.38
CA ILE E 164 19.74 17.14 -21.75
C ILE E 164 19.68 18.59 -22.19
N ALA E 165 20.68 19.36 -21.78
CA ALA E 165 20.74 20.77 -22.13
C ALA E 165 20.86 20.93 -23.65
N GLU E 166 20.20 21.96 -24.18
CA GLU E 166 20.23 22.17 -25.63
C GLU E 166 21.62 22.49 -26.13
N ASN E 167 22.43 23.20 -25.33
CA ASN E 167 23.78 23.56 -25.73
C ASN E 167 24.76 22.39 -25.63
N LYS E 168 24.29 21.20 -25.26
CA LYS E 168 25.13 20.00 -25.22
C LYS E 168 24.49 18.81 -25.94
N LYS E 169 23.43 19.06 -26.72
CA LYS E 169 22.79 18.00 -27.52
C LYS E 169 23.42 18.03 -28.91
N LEU E 170 24.56 17.34 -29.04
CA LEU E 170 25.25 17.24 -30.33
C LEU E 170 25.81 15.83 -30.46
N ILE E 171 25.24 15.04 -31.35
CA ILE E 171 25.75 13.70 -31.63
C ILE E 171 26.92 13.84 -32.59
N VAL E 172 28.13 13.60 -32.11
CA VAL E 172 29.33 13.62 -32.94
C VAL E 172 29.66 12.19 -33.36
N THR E 173 29.75 11.97 -34.67
CA THR E 173 30.04 10.66 -35.23
C THR E 173 31.04 10.84 -36.37
N SER E 174 31.67 9.74 -36.76
CA SER E 174 32.68 9.80 -37.82
C SER E 174 32.06 10.23 -39.14
N GLU E 175 30.91 9.67 -39.47
CA GLU E 175 30.19 9.98 -40.69
C GLU E 175 28.94 10.78 -40.35
N GLY E 176 28.59 11.71 -41.25
CA GLY E 176 27.38 12.52 -41.09
C GLY E 176 26.12 11.74 -41.41
N CYS E 177 25.87 10.66 -40.68
CA CYS E 177 24.78 9.74 -40.96
C CYS E 177 23.56 10.00 -40.11
N PHE E 178 23.59 11.00 -39.24
CA PHE E 178 22.53 11.22 -38.26
C PHE E 178 21.56 12.34 -38.66
N LYS E 179 21.41 12.60 -39.96
CA LYS E 179 20.50 13.66 -40.39
C LYS E 179 19.05 13.27 -40.10
N TYR E 180 18.68 12.03 -40.42
CA TYR E 180 17.31 11.59 -40.21
C TYR E 180 16.98 11.44 -38.74
N PHE E 181 17.94 11.04 -37.95
CA PHE E 181 17.74 10.95 -36.51
C PHE E 181 17.64 12.32 -35.89
N SER E 182 18.41 13.29 -36.40
CA SER E 182 18.37 14.64 -35.86
C SER E 182 17.00 15.27 -36.10
N LYS E 183 16.51 15.20 -37.34
CA LYS E 183 15.21 15.80 -37.65
C LYS E 183 14.09 15.13 -36.86
N ALA E 184 14.15 13.81 -36.70
CA ALA E 184 13.05 13.07 -36.11
C ALA E 184 13.00 13.21 -34.59
N TYR E 185 14.15 13.35 -33.94
CA TYR E 185 14.21 13.30 -32.48
C TYR E 185 14.82 14.56 -31.86
N GLY E 186 15.07 15.59 -32.65
CA GLY E 186 15.51 16.88 -32.11
C GLY E 186 16.87 16.88 -31.46
N VAL E 187 17.82 16.11 -32.00
CA VAL E 187 19.19 16.11 -31.49
C VAL E 187 20.14 16.42 -32.64
N PRO E 188 20.66 17.65 -32.73
CA PRO E 188 21.60 17.98 -33.81
C PRO E 188 22.84 17.09 -33.77
N SER E 189 23.53 17.04 -34.92
CA SER E 189 24.67 16.15 -35.09
C SER E 189 25.78 16.87 -35.85
N ALA E 190 27.01 16.42 -35.60
CA ALA E 190 28.20 16.89 -36.31
C ALA E 190 29.02 15.68 -36.74
N TYR E 191 30.04 15.91 -37.56
CA TYR E 191 30.76 14.80 -38.18
C TYR E 191 32.19 15.19 -38.50
N ILE E 192 32.95 14.20 -38.95
CA ILE E 192 34.27 14.42 -39.55
C ILE E 192 34.11 14.53 -41.07
N TRP E 193 33.58 13.47 -41.68
CA TRP E 193 33.21 13.46 -43.10
C TRP E 193 31.71 13.24 -43.23
N GLU E 194 31.09 13.85 -44.26
CA GLU E 194 29.64 13.82 -44.35
C GLU E 194 29.12 12.45 -44.79
N ILE E 195 29.78 11.82 -45.75
CA ILE E 195 29.36 10.54 -46.27
C ILE E 195 30.60 9.69 -46.53
N ASN E 196 30.43 8.37 -46.48
CA ASN E 196 31.60 7.49 -46.55
C ASN E 196 32.32 7.57 -47.90
N THR E 197 31.66 8.08 -48.93
CA THR E 197 32.31 8.15 -50.25
C THR E 197 33.44 9.19 -50.30
N GLU E 198 33.48 10.12 -49.35
CA GLU E 198 34.56 11.08 -49.28
C GLU E 198 35.79 10.42 -48.66
N GLU E 199 36.91 11.16 -48.67
CA GLU E 199 38.10 10.69 -47.97
C GLU E 199 37.86 10.79 -46.47
N GLU E 200 38.22 9.73 -45.75
CA GLU E 200 37.77 9.53 -44.36
C GLU E 200 38.88 9.90 -43.39
N GLY E 201 38.82 11.13 -42.87
CA GLY E 201 39.70 11.53 -41.78
C GLY E 201 40.89 12.39 -42.18
N THR E 202 40.64 13.44 -42.96
CA THR E 202 41.71 14.34 -43.37
C THR E 202 42.00 15.32 -42.26
N PRO E 203 43.21 15.89 -42.23
CA PRO E 203 43.52 16.91 -41.22
C PRO E 203 42.58 18.10 -41.25
N ASP E 204 42.09 18.49 -42.44
CA ASP E 204 41.14 19.59 -42.50
C ASP E 204 39.82 19.22 -41.84
N GLN E 205 39.31 18.01 -42.11
CA GLN E 205 38.04 17.59 -41.54
C GLN E 205 38.15 17.44 -40.03
N ILE E 206 39.29 16.93 -39.54
CA ILE E 206 39.48 16.76 -38.11
C ILE E 206 39.51 18.11 -37.42
N SER E 207 40.32 19.04 -37.95
CA SER E 207 40.47 20.36 -37.34
C SER E 207 39.14 21.11 -37.32
N SER E 208 38.37 20.99 -38.41
CA SER E 208 37.06 21.63 -38.44
C SER E 208 36.20 21.17 -37.26
N LEU E 209 35.97 19.85 -37.16
CA LEU E 209 35.16 19.31 -36.07
C LEU E 209 35.63 19.79 -34.70
N ILE E 210 36.95 19.84 -34.49
CA ILE E 210 37.49 20.34 -33.23
C ILE E 210 36.99 21.75 -32.93
N GLU E 211 36.97 22.62 -33.96
CA GLU E 211 36.48 23.98 -33.77
C GLU E 211 35.00 23.99 -33.43
N LYS E 212 34.21 23.12 -34.06
CA LYS E 212 32.79 23.06 -33.76
C LYS E 212 32.55 22.65 -32.31
N LEU E 213 33.43 21.82 -31.76
CA LEU E 213 33.27 21.28 -30.41
C LEU E 213 33.61 22.29 -29.31
N LYS E 214 34.27 23.40 -29.65
CA LYS E 214 34.55 24.41 -28.65
C LYS E 214 33.32 25.26 -28.37
N VAL E 215 32.55 25.58 -29.42
CA VAL E 215 31.33 26.37 -29.24
C VAL E 215 30.26 25.55 -28.54
N ILE E 216 29.88 24.43 -29.13
CA ILE E 216 28.95 23.49 -28.52
C ILE E 216 29.76 22.26 -28.10
N LYS E 217 29.95 22.09 -26.79
CA LYS E 217 30.77 21.00 -26.26
C LYS E 217 29.90 19.94 -25.57
N PRO E 218 29.58 18.84 -26.24
CA PRO E 218 28.70 17.83 -25.62
C PRO E 218 29.50 16.96 -24.65
N SER E 219 28.75 16.18 -23.87
CA SER E 219 29.38 15.38 -22.83
C SER E 219 30.18 14.21 -23.41
N ALA E 220 29.79 13.68 -24.57
CA ALA E 220 30.43 12.48 -25.09
C ALA E 220 30.40 12.45 -26.60
N LEU E 221 31.39 11.77 -27.18
CA LEU E 221 31.47 11.49 -28.61
C LEU E 221 31.15 10.02 -28.88
N PHE E 222 30.94 9.70 -30.16
CA PHE E 222 30.50 8.37 -30.55
C PHE E 222 31.23 7.95 -31.81
N VAL E 223 31.39 6.64 -31.98
CA VAL E 223 32.07 6.07 -33.14
C VAL E 223 31.27 4.89 -33.65
N GLU E 224 31.20 4.76 -34.98
CA GLU E 224 30.39 3.71 -35.59
C GLU E 224 31.15 2.39 -35.66
N SER E 225 30.40 1.30 -35.60
CA SER E 225 30.97 -0.01 -35.73
C SER E 225 31.57 -0.25 -37.11
N SER E 226 31.11 0.50 -38.12
CA SER E 226 31.43 0.21 -39.51
C SER E 226 32.49 1.15 -40.09
N VAL E 227 33.21 1.89 -39.24
CA VAL E 227 34.21 2.83 -39.71
C VAL E 227 35.50 2.61 -38.94
N ASP E 228 36.61 2.97 -39.56
CA ASP E 228 37.88 3.02 -38.84
C ASP E 228 37.76 4.02 -37.70
N ARG E 229 38.21 3.61 -36.51
CA ARG E 229 38.08 4.46 -35.33
C ARG E 229 39.22 5.47 -35.18
N ARG E 230 40.30 5.32 -35.94
CA ARG E 230 41.44 6.23 -35.84
C ARG E 230 41.11 7.71 -36.02
N PRO E 231 40.18 8.14 -36.89
CA PRO E 231 39.92 9.59 -36.97
C PRO E 231 39.15 10.10 -35.78
N MET E 232 38.13 9.37 -35.34
CA MET E 232 37.38 9.79 -34.15
C MET E 232 38.24 9.72 -32.89
N GLU E 233 39.19 8.79 -32.83
CA GLU E 233 40.06 8.72 -31.67
C GLU E 233 40.98 9.94 -31.60
N THR E 234 41.42 10.45 -32.76
CA THR E 234 42.22 11.68 -32.77
C THR E 234 41.37 12.88 -32.41
N VAL E 235 40.11 12.89 -32.85
CA VAL E 235 39.19 13.96 -32.46
C VAL E 235 38.93 13.91 -30.96
N SER E 236 38.74 12.70 -30.42
CA SER E 236 38.51 12.56 -28.99
C SER E 236 39.76 12.91 -28.17
N LYS E 237 40.94 12.51 -28.66
CA LYS E 237 42.19 12.82 -27.97
C LYS E 237 42.45 14.33 -27.95
N ASP E 238 42.16 15.02 -29.07
CA ASP E 238 42.45 16.45 -29.15
C ASP E 238 41.41 17.25 -28.38
N SER E 239 40.15 16.84 -28.43
CA SER E 239 39.10 17.59 -27.76
C SER E 239 39.03 17.32 -26.27
N GLY E 240 39.57 16.18 -25.82
CA GLY E 240 39.47 15.81 -24.43
C GLY E 240 38.13 15.24 -24.03
N ILE E 241 37.23 15.01 -24.98
CA ILE E 241 35.91 14.45 -24.74
C ILE E 241 35.96 12.98 -25.11
N PRO E 242 35.66 12.06 -24.20
CA PRO E 242 35.89 10.64 -24.48
C PRO E 242 34.76 10.08 -25.33
N ILE E 243 35.12 9.11 -26.17
CA ILE E 243 34.11 8.37 -26.93
C ILE E 243 33.37 7.46 -25.96
N TYR E 244 32.10 7.78 -25.69
CA TYR E 244 31.37 7.06 -24.65
C TYR E 244 30.99 5.66 -25.09
N SER E 245 30.70 5.47 -26.38
CA SER E 245 30.15 4.20 -26.79
C SER E 245 30.30 4.00 -28.29
N GLU E 246 30.51 2.74 -28.66
CA GLU E 246 30.33 2.34 -30.04
C GLU E 246 28.84 2.41 -30.39
N ILE E 247 28.53 2.90 -31.58
CA ILE E 247 27.16 2.94 -32.06
C ILE E 247 27.08 2.25 -33.41
N PHE E 248 25.85 1.91 -33.80
CA PHE E 248 25.59 1.18 -35.03
C PHE E 248 24.82 2.08 -35.97
N THR E 249 25.40 2.33 -37.15
CA THR E 249 24.80 3.22 -38.13
C THR E 249 24.60 2.50 -39.46
N ASP E 250 25.67 2.12 -40.15
CA ASP E 250 25.57 1.50 -41.46
C ASP E 250 25.50 -0.03 -41.41
N SER E 251 25.40 -0.61 -40.22
CA SER E 251 25.37 -2.06 -40.09
C SER E 251 24.90 -2.42 -38.68
N ILE E 252 24.40 -3.64 -38.55
CA ILE E 252 24.12 -4.22 -37.24
C ILE E 252 25.40 -4.79 -36.67
N ALA E 253 25.32 -5.36 -35.45
CA ALA E 253 26.44 -6.04 -34.83
C ALA E 253 26.48 -7.48 -35.27
N LYS E 254 27.62 -8.13 -35.01
CA LYS E 254 27.74 -9.55 -35.31
C LYS E 254 26.79 -10.35 -34.42
N LYS E 255 26.18 -11.38 -35.01
CA LYS E 255 25.16 -12.17 -34.31
C LYS E 255 25.68 -12.62 -32.96
N GLY E 256 24.93 -12.30 -31.90
CA GLY E 256 25.27 -12.63 -30.54
C GLY E 256 25.75 -11.44 -29.73
N LYS E 257 26.38 -10.47 -30.39
CA LYS E 257 26.79 -9.26 -29.71
C LYS E 257 25.57 -8.38 -29.45
N PRO E 258 25.68 -7.43 -28.51
CA PRO E 258 24.59 -6.47 -28.33
C PRO E 258 24.39 -5.65 -29.58
N GLY E 259 23.13 -5.55 -30.02
CA GLY E 259 22.79 -4.82 -31.23
C GLY E 259 22.82 -5.64 -32.52
N ASP E 260 22.62 -6.95 -32.43
CA ASP E 260 22.65 -7.82 -33.60
C ASP E 260 21.30 -7.88 -34.32
N SER E 261 20.54 -6.79 -34.30
CA SER E 261 19.32 -6.68 -35.07
C SER E 261 19.01 -5.19 -35.23
N TYR E 262 18.08 -4.87 -36.13
CA TYR E 262 17.71 -3.47 -36.34
C TYR E 262 17.08 -2.88 -35.09
N TYR E 263 16.11 -3.59 -34.50
CA TYR E 263 15.52 -3.11 -33.27
C TYR E 263 16.59 -2.97 -32.19
N ALA E 264 17.42 -4.02 -32.02
CA ALA E 264 18.43 -3.99 -30.98
C ALA E 264 19.45 -2.89 -31.23
N MET E 265 19.84 -2.67 -32.48
CA MET E 265 20.75 -1.58 -32.79
C MET E 265 20.14 -0.23 -32.42
N MET E 266 18.85 -0.05 -32.67
CA MET E 266 18.23 1.25 -32.42
C MET E 266 18.05 1.46 -30.93
N LYS E 267 17.58 0.42 -30.21
CA LYS E 267 17.50 0.48 -28.75
C LYS E 267 18.87 0.77 -28.15
N TRP E 268 19.89 0.04 -28.60
CA TRP E 268 21.25 0.28 -28.13
C TRP E 268 21.65 1.74 -28.30
N ASN E 269 21.42 2.29 -29.51
CA ASN E 269 21.76 3.68 -29.77
C ASN E 269 20.98 4.62 -28.86
N LEU E 270 19.66 4.44 -28.80
CA LEU E 270 18.82 5.26 -27.93
C LEU E 270 19.35 5.27 -26.51
N ASP E 271 19.79 4.11 -26.02
CA ASP E 271 20.35 4.02 -24.67
C ASP E 271 21.71 4.72 -24.60
N LYS E 272 22.59 4.41 -25.53
CA LYS E 272 23.98 4.84 -25.39
C LYS E 272 24.13 6.33 -25.66
N ILE E 273 23.37 6.84 -26.63
CA ILE E 273 23.48 8.25 -26.95
C ILE E 273 22.83 9.11 -25.87
N SER E 274 21.73 8.63 -25.29
CA SER E 274 21.12 9.37 -24.19
C SER E 274 21.97 9.29 -22.93
N GLU E 275 22.57 8.14 -22.66
CA GLU E 275 23.46 8.01 -21.51
C GLU E 275 24.70 8.89 -21.67
N GLY E 276 25.31 8.86 -22.85
CA GLY E 276 26.52 9.64 -23.05
C GLY E 276 26.28 11.13 -23.02
N LEU E 277 25.20 11.60 -23.67
CA LEU E 277 24.95 13.04 -23.77
C LEU E 277 24.52 13.66 -22.45
N ALA E 278 24.09 12.87 -21.48
CA ALA E 278 23.70 13.41 -20.18
C ALA E 278 24.90 13.98 -19.43
N LYS E 279 25.87 13.13 -19.09
CA LYS E 279 27.09 13.60 -18.45
C LYS E 279 28.29 12.79 -18.94
N GLN F 1 53.41 -20.54 -17.78
CA GLN F 1 54.57 -20.32 -16.93
C GLN F 1 54.68 -18.86 -16.46
N SER F 2 54.30 -17.90 -17.31
CA SER F 2 54.51 -16.49 -16.98
C SER F 2 53.74 -15.60 -17.96
N LEU F 3 53.09 -14.57 -17.43
CA LEU F 3 52.38 -13.56 -18.22
C LEU F 3 52.92 -12.16 -17.91
N GLU F 4 52.99 -11.32 -18.94
CA GLU F 4 53.59 -9.99 -18.80
C GLU F 4 52.72 -8.99 -19.54
N GLU F 5 52.09 -8.09 -18.79
CA GLU F 5 51.34 -6.98 -19.38
C GLU F 5 52.26 -5.81 -19.60
N SER F 6 52.02 -5.07 -20.69
CA SER F 6 52.82 -3.90 -21.02
C SER F 6 51.94 -2.91 -21.74
N GLY F 7 52.39 -1.65 -21.79
CA GLY F 7 51.74 -0.61 -22.53
C GLY F 7 51.09 0.47 -21.68
N GLY F 8 50.76 0.17 -20.43
CA GLY F 8 50.13 1.17 -19.58
C GLY F 8 51.07 2.33 -19.30
N ARG F 9 50.50 3.53 -19.25
CA ARG F 9 51.26 4.74 -18.98
C ARG F 9 50.29 5.83 -18.54
N LEU F 10 50.82 7.06 -18.37
CA LEU F 10 50.02 8.21 -17.98
C LEU F 10 49.53 8.93 -19.23
N VAL F 11 48.21 9.02 -19.40
CA VAL F 11 47.61 9.60 -20.59
C VAL F 11 46.48 10.53 -20.20
N THR F 12 46.06 11.37 -21.15
CA THR F 12 44.96 12.30 -20.97
C THR F 12 43.64 11.64 -21.37
N PRO F 13 42.52 12.14 -20.85
CA PRO F 13 41.22 11.59 -21.27
C PRO F 13 41.04 11.68 -22.78
N GLY F 14 40.46 10.61 -23.35
CA GLY F 14 40.27 10.50 -24.79
C GLY F 14 41.40 9.84 -25.54
N THR F 15 42.53 9.61 -24.90
CA THR F 15 43.66 8.99 -25.57
C THR F 15 43.39 7.51 -25.79
N PRO F 16 43.61 6.98 -26.99
CA PRO F 16 43.54 5.54 -27.18
C PRO F 16 44.82 4.89 -26.70
N LEU F 17 44.71 3.62 -26.32
CA LEU F 17 45.85 2.90 -25.81
C LEU F 17 45.65 1.40 -26.03
N THR F 18 46.74 0.70 -26.33
CA THR F 18 46.74 -0.74 -26.55
C THR F 18 47.65 -1.39 -25.52
N LEU F 19 47.10 -2.32 -24.75
CA LEU F 19 47.86 -3.10 -23.79
C LEU F 19 48.16 -4.47 -24.36
N THR F 20 49.31 -5.02 -23.99
CA THR F 20 49.77 -6.29 -24.53
C THR F 20 50.11 -7.24 -23.40
N CYS F 21 49.55 -8.45 -23.48
CA CYS F 21 49.82 -9.53 -22.55
C CYS F 21 50.62 -10.58 -23.31
N THR F 22 51.89 -10.73 -22.96
CA THR F 22 52.79 -11.65 -23.64
C THR F 22 52.97 -12.92 -22.81
N ALA F 23 52.94 -14.06 -23.47
CA ALA F 23 53.14 -15.34 -22.81
C ALA F 23 54.59 -15.78 -22.94
N SER F 24 55.11 -16.39 -21.88
CA SER F 24 56.49 -16.88 -21.86
C SER F 24 56.47 -18.29 -21.27
N GLY F 25 56.95 -19.25 -22.06
CA GLY F 25 56.99 -20.64 -21.65
C GLY F 25 55.81 -21.47 -22.09
N PHE F 26 54.87 -20.89 -22.83
CA PHE F 26 53.71 -21.61 -23.33
C PHE F 26 53.06 -20.82 -24.45
N THR F 27 52.08 -21.43 -25.10
CA THR F 27 51.40 -20.83 -26.24
C THR F 27 50.01 -20.40 -25.80
N ILE F 28 49.70 -19.11 -26.02
CA ILE F 28 48.40 -18.59 -25.64
C ILE F 28 47.27 -19.27 -26.40
N SER F 29 47.56 -19.79 -27.61
CA SER F 29 46.53 -20.23 -28.54
C SER F 29 45.58 -21.26 -27.93
N ARG F 30 46.08 -22.13 -27.06
CA ARG F 30 45.22 -23.18 -26.52
C ARG F 30 44.42 -22.73 -25.30
N HIS F 31 44.55 -21.48 -24.85
CA HIS F 31 43.99 -21.04 -23.58
C HIS F 31 43.10 -19.82 -23.77
N HIS F 32 42.02 -19.78 -23.00
CA HIS F 32 41.22 -18.56 -22.90
C HIS F 32 41.99 -17.49 -22.14
N MET F 33 41.80 -16.24 -22.55
CA MET F 33 42.47 -15.11 -21.93
C MET F 33 41.45 -14.05 -21.52
N GLN F 34 41.51 -13.61 -20.27
CA GLN F 34 40.62 -12.61 -19.74
C GLN F 34 41.39 -11.31 -19.50
N TRP F 35 40.68 -10.20 -19.53
CA TRP F 35 41.24 -8.89 -19.16
C TRP F 35 40.43 -8.37 -17.99
N VAL F 36 41.12 -8.07 -16.90
CA VAL F 36 40.51 -7.62 -15.66
C VAL F 36 41.24 -6.35 -15.23
N ARG F 37 40.47 -5.35 -14.82
CA ARG F 37 41.04 -4.11 -14.33
C ARG F 37 40.71 -3.93 -12.85
N GLN F 38 41.51 -3.10 -12.18
CA GLN F 38 41.36 -2.88 -10.75
C GLN F 38 41.84 -1.47 -10.44
N ALA F 39 40.92 -0.61 -10.01
CA ALA F 39 41.28 0.73 -9.60
C ALA F 39 42.15 0.68 -8.33
N PRO F 40 42.87 1.77 -8.01
CA PRO F 40 43.82 1.71 -6.89
C PRO F 40 43.20 1.25 -5.57
N GLY F 41 42.07 1.84 -5.18
CA GLY F 41 41.47 1.42 -3.93
C GLY F 41 40.38 0.40 -4.14
N LYS F 42 39.80 0.41 -5.34
CA LYS F 42 38.68 -0.45 -5.65
C LYS F 42 39.16 -1.88 -5.95
N GLY F 43 38.20 -2.79 -6.10
CA GLY F 43 38.49 -4.19 -6.30
C GLY F 43 38.59 -4.59 -7.76
N LEU F 44 38.43 -5.90 -8.01
CA LEU F 44 38.63 -6.46 -9.35
C LEU F 44 37.37 -6.32 -10.17
N GLU F 45 37.54 -6.02 -11.46
CA GLU F 45 36.41 -5.82 -12.39
C GLU F 45 36.72 -6.43 -13.74
N TRP F 46 35.95 -7.45 -14.12
CA TRP F 46 36.14 -8.14 -15.40
C TRP F 46 35.73 -7.23 -16.55
N ILE F 47 36.58 -7.19 -17.59
CA ILE F 47 36.27 -6.45 -18.82
C ILE F 47 35.75 -7.37 -19.91
N GLY F 48 36.45 -8.46 -20.15
CA GLY F 48 36.07 -9.35 -21.24
C GLY F 48 37.03 -10.51 -21.34
N LEU F 49 36.70 -11.43 -22.23
CA LEU F 49 37.48 -12.65 -22.43
C LEU F 49 37.57 -12.91 -23.93
N ILE F 50 38.71 -13.45 -24.36
CA ILE F 50 38.87 -13.97 -25.71
C ILE F 50 38.96 -15.50 -25.62
N ASP F 51 38.10 -16.18 -26.35
CA ASP F 51 38.09 -17.63 -26.35
C ASP F 51 39.34 -18.17 -27.04
N SER F 52 39.73 -19.38 -26.68
CA SER F 52 40.84 -20.04 -27.36
C SER F 52 40.60 -20.16 -28.86
N SER F 53 39.32 -20.20 -29.28
CA SER F 53 38.97 -20.32 -30.69
C SER F 53 38.69 -18.99 -31.37
N GLY F 54 38.67 -17.87 -30.63
CA GLY F 54 38.57 -16.54 -31.22
C GLY F 54 37.37 -15.74 -30.78
N SER F 55 36.36 -16.37 -30.16
CA SER F 55 35.17 -15.63 -29.72
C SER F 55 35.55 -14.58 -28.69
N THR F 56 34.82 -13.47 -28.69
CA THR F 56 35.01 -12.42 -27.71
C THR F 56 33.71 -12.22 -26.94
N TYR F 57 33.83 -11.94 -25.65
CA TYR F 57 32.72 -11.54 -24.82
C TYR F 57 33.17 -10.39 -23.92
N TYR F 58 32.25 -9.48 -23.62
CA TYR F 58 32.59 -8.33 -22.80
C TYR F 58 31.48 -8.08 -21.81
N ALA F 59 31.80 -7.30 -20.77
CA ALA F 59 30.79 -6.85 -19.82
C ALA F 59 29.85 -5.82 -20.46
N ASN F 60 28.65 -5.70 -19.89
CA ASN F 60 27.65 -4.82 -20.47
C ASN F 60 28.08 -3.35 -20.45
N TRP F 61 28.98 -2.97 -19.54
CA TRP F 61 29.45 -1.60 -19.46
C TRP F 61 30.56 -1.29 -20.46
N ALA F 62 31.05 -2.29 -21.20
CA ALA F 62 32.17 -2.05 -22.10
C ALA F 62 31.82 -1.06 -23.21
N LYS F 63 30.55 -1.00 -23.61
CA LYS F 63 30.06 -0.04 -24.63
C LYS F 63 30.91 -0.08 -25.91
N GLY F 64 31.58 -1.21 -26.17
CA GLY F 64 32.47 -1.30 -27.32
C GLY F 64 33.73 -0.46 -27.24
N ARG F 65 34.06 0.11 -26.08
CA ARG F 65 35.28 0.90 -25.94
C ARG F 65 36.52 0.05 -25.75
N PHE F 66 36.36 -1.24 -25.48
CA PHE F 66 37.48 -2.15 -25.23
C PHE F 66 37.33 -3.36 -26.13
N THR F 67 38.37 -3.68 -26.88
CA THR F 67 38.35 -4.80 -27.82
C THR F 67 39.58 -5.67 -27.59
N ILE F 68 39.37 -6.99 -27.54
CA ILE F 68 40.42 -7.96 -27.29
C ILE F 68 40.72 -8.72 -28.58
N SER F 69 41.99 -8.77 -28.95
CA SER F 69 42.45 -9.59 -30.07
C SER F 69 43.52 -10.54 -29.58
N ARG F 70 43.79 -11.59 -30.36
CA ARG F 70 44.71 -12.64 -29.92
C ARG F 70 45.66 -13.01 -31.06
N THR F 71 46.92 -13.28 -30.70
CA THR F 71 47.91 -13.88 -31.60
C THR F 71 48.41 -15.20 -30.98
N SER F 72 49.40 -15.81 -31.63
CA SER F 72 49.97 -17.03 -31.09
C SER F 72 50.80 -16.77 -29.84
N THR F 73 51.22 -15.54 -29.60
CA THR F 73 52.09 -15.20 -28.49
C THR F 73 51.62 -14.03 -27.65
N THR F 74 50.69 -13.21 -28.14
CA THR F 74 50.24 -12.01 -27.44
C THR F 74 48.72 -11.93 -27.45
N VAL F 75 48.17 -11.32 -26.40
CA VAL F 75 46.76 -10.96 -26.32
C VAL F 75 46.69 -9.46 -26.08
N ASP F 76 45.91 -8.76 -26.91
CA ASP F 76 45.87 -7.30 -26.91
C ASP F 76 44.53 -6.80 -26.39
N LEU F 77 44.57 -5.63 -25.76
CA LEU F 77 43.38 -4.95 -25.26
C LEU F 77 43.39 -3.52 -25.81
N LYS F 78 42.61 -3.28 -26.86
CA LYS F 78 42.56 -1.97 -27.50
C LYS F 78 41.51 -1.14 -26.79
N MET F 79 41.97 -0.10 -26.09
CA MET F 79 41.09 0.85 -25.44
C MET F 79 41.01 2.09 -26.33
N THR F 80 39.81 2.38 -26.84
CA THR F 80 39.68 3.37 -27.91
C THR F 80 39.58 4.80 -27.40
N SER F 81 39.09 5.02 -26.18
CA SER F 81 38.97 6.36 -25.65
C SER F 81 38.88 6.26 -24.13
N LEU F 82 39.98 6.61 -23.45
CA LEU F 82 40.09 6.45 -22.00
C LEU F 82 39.49 7.63 -21.25
N THR F 83 38.80 7.33 -20.17
CA THR F 83 38.30 8.32 -19.22
C THR F 83 39.08 8.20 -17.92
N THR F 84 38.95 9.22 -17.07
CA THR F 84 39.61 9.16 -15.77
C THR F 84 39.11 7.98 -14.93
N GLU F 85 37.83 7.60 -15.11
CA GLU F 85 37.26 6.45 -14.43
C GLU F 85 37.89 5.13 -14.87
N ASP F 86 38.66 5.14 -15.96
CA ASP F 86 39.35 3.96 -16.43
C ASP F 86 40.72 3.80 -15.78
N THR F 87 41.13 4.75 -14.93
CA THR F 87 42.40 4.62 -14.23
C THR F 87 42.37 3.40 -13.33
N ALA F 88 43.28 2.45 -13.59
CA ALA F 88 43.28 1.16 -12.92
C ALA F 88 44.52 0.40 -13.36
N THR F 89 44.74 -0.75 -12.71
CA THR F 89 45.75 -1.71 -13.14
C THR F 89 45.05 -2.79 -13.95
N TYR F 90 45.61 -3.14 -15.08
CA TYR F 90 44.95 -3.99 -16.06
C TYR F 90 45.63 -5.36 -16.11
N PHE F 91 44.84 -6.39 -15.79
CA PHE F 91 45.34 -7.75 -15.69
C PHE F 91 44.89 -8.59 -16.88
N CYS F 92 45.73 -9.55 -17.26
CA CYS F 92 45.31 -10.67 -18.09
C CYS F 92 45.38 -11.94 -17.25
N ALA F 93 44.36 -12.78 -17.39
CA ALA F 93 44.29 -14.05 -16.69
C ALA F 93 44.01 -15.14 -17.72
N ARG F 94 44.46 -16.35 -17.41
CA ARG F 94 44.39 -17.46 -18.36
C ARG F 94 43.35 -18.48 -17.90
N GLY F 95 42.44 -18.82 -18.82
CA GLY F 95 41.49 -19.88 -18.60
C GLY F 95 40.21 -19.39 -17.96
N GLY F 96 39.15 -20.18 -18.16
CA GLY F 96 37.87 -19.87 -17.52
C GLY F 96 38.00 -19.69 -16.02
N SER F 97 38.94 -20.39 -15.40
CA SER F 97 39.18 -20.32 -13.97
C SER F 97 40.15 -19.22 -13.58
N MET F 98 40.77 -18.53 -14.54
CA MET F 98 41.79 -17.52 -14.26
C MET F 98 42.89 -18.09 -13.36
N ASP F 99 43.47 -19.21 -13.79
CA ASP F 99 44.40 -19.94 -12.94
C ASP F 99 45.62 -19.09 -12.62
N PHE F 100 46.20 -18.44 -13.62
CA PHE F 100 47.37 -17.61 -13.37
C PHE F 100 47.27 -16.29 -14.12
N TRP F 101 47.73 -15.22 -13.46
CA TRP F 101 47.54 -13.85 -13.89
C TRP F 101 48.89 -13.20 -14.18
N GLY F 102 48.85 -12.12 -14.93
CA GLY F 102 50.04 -11.34 -15.17
C GLY F 102 50.28 -10.37 -14.04
N GLN F 103 51.44 -9.70 -14.10
CA GLN F 103 51.81 -8.76 -13.03
C GLN F 103 50.90 -7.54 -12.99
N GLY F 104 50.25 -7.22 -14.11
CA GLY F 104 49.44 -6.03 -14.22
C GLY F 104 50.23 -4.85 -14.77
N THR F 105 49.53 -3.99 -15.49
CA THR F 105 50.10 -2.77 -16.03
C THR F 105 49.24 -1.57 -15.63
N LEU F 106 49.89 -0.49 -15.20
CA LEU F 106 49.18 0.65 -14.62
C LEU F 106 48.79 1.65 -15.70
N VAL F 107 47.51 1.98 -15.74
CA VAL F 107 46.97 2.95 -16.70
C VAL F 107 46.35 4.08 -15.90
N THR F 108 46.91 5.28 -16.04
CA THR F 108 46.45 6.45 -15.29
C THR F 108 45.94 7.48 -16.28
N VAL F 109 44.67 7.87 -16.11
CA VAL F 109 44.05 8.90 -16.91
C VAL F 109 43.77 10.10 -16.01
N SER F 110 44.37 11.24 -16.34
CA SER F 110 44.46 12.36 -15.40
C SER F 110 43.78 13.60 -15.98
N SER F 111 42.73 14.07 -15.29
CA SER F 111 42.13 15.38 -15.50
C SER F 111 40.98 15.61 -14.52
N THR F 139 25.75 -9.25 -11.22
CA THR F 139 26.67 -8.80 -10.18
C THR F 139 26.62 -9.70 -8.95
N GLN F 140 27.75 -9.77 -8.23
CA GLN F 140 27.85 -10.61 -7.01
C GLN F 140 28.17 -9.69 -5.83
N THR F 141 27.64 -10.00 -4.65
CA THR F 141 27.91 -9.17 -3.46
C THR F 141 28.37 -10.01 -2.27
N PRO F 142 29.66 -10.02 -1.90
CA PRO F 142 30.11 -10.67 -0.66
C PRO F 142 29.66 -9.62 0.36
N SER F 143 28.87 -10.02 1.35
CA SER F 143 28.32 -8.97 2.22
C SER F 143 29.39 -8.28 3.07
N PRO F 144 30.18 -9.01 3.87
CA PRO F 144 31.19 -8.31 4.69
C PRO F 144 32.36 -7.78 3.87
N VAL F 145 32.91 -6.67 4.35
CA VAL F 145 34.15 -6.12 3.80
C VAL F 145 35.39 -6.67 4.51
N SER F 146 35.26 -7.08 5.78
CA SER F 146 36.39 -7.60 6.56
C SER F 146 35.95 -8.80 7.39
N ALA F 147 36.93 -9.61 7.77
CA ALA F 147 36.75 -10.75 8.67
C ALA F 147 38.06 -10.94 9.43
N ALA F 148 37.97 -11.41 10.69
CA ALA F 148 39.16 -11.43 11.54
C ALA F 148 39.11 -12.55 12.57
N VAL F 149 40.26 -13.20 12.79
CA VAL F 149 40.60 -14.02 13.97
C VAL F 149 42.12 -14.05 14.09
N GLY F 150 42.65 -14.94 14.94
CA GLY F 150 44.09 -14.98 15.17
C GLY F 150 44.80 -16.28 14.76
N GLY F 151 44.05 -17.35 14.65
CA GLY F 151 44.59 -18.64 14.30
C GLY F 151 43.47 -19.67 14.18
N THR F 152 42.25 -19.19 13.96
CA THR F 152 41.04 -20.00 13.97
C THR F 152 40.39 -19.98 12.57
N VAL F 153 39.09 -19.78 12.47
CA VAL F 153 38.33 -19.96 11.24
C VAL F 153 37.57 -18.68 10.92
N THR F 154 37.55 -18.31 9.65
CA THR F 154 36.73 -17.22 9.14
C THR F 154 35.80 -17.73 8.04
N ILE F 155 34.88 -16.88 7.62
CA ILE F 155 33.86 -17.24 6.63
C ILE F 155 33.60 -16.03 5.72
N SER F 156 33.88 -16.18 4.43
CA SER F 156 33.63 -15.13 3.44
C SER F 156 32.44 -15.55 2.58
N CYS F 157 31.35 -14.78 2.66
CA CYS F 157 30.11 -15.14 2.01
C CYS F 157 30.08 -14.63 0.56
N GLN F 158 29.10 -15.11 -0.21
CA GLN F 158 28.92 -14.69 -1.58
C GLN F 158 27.45 -14.83 -1.97
N SER F 159 26.87 -13.73 -2.46
CA SER F 159 25.48 -13.72 -2.95
C SER F 159 25.48 -13.26 -4.39
N SER F 160 24.74 -13.97 -5.23
CA SER F 160 24.70 -13.69 -6.67
C SER F 160 23.30 -13.29 -7.11
N GLN F 161 23.23 -12.32 -8.03
CA GLN F 161 21.94 -11.91 -8.56
C GLN F 161 21.32 -12.96 -9.46
N SER F 162 22.12 -13.83 -10.05
CA SER F 162 21.65 -14.84 -11.00
C SER F 162 22.41 -16.13 -10.75
N VAL F 163 21.78 -17.26 -11.10
CA VAL F 163 22.44 -18.56 -10.96
C VAL F 163 23.63 -18.63 -11.91
N ALA F 164 24.65 -19.43 -11.55
CA ALA F 164 25.97 -19.37 -12.21
C ALA F 164 26.44 -20.76 -12.68
N GLY F 165 25.84 -21.28 -13.76
CA GLY F 165 26.10 -22.67 -14.15
C GLY F 165 25.87 -23.63 -12.99
N ASN F 166 25.16 -23.12 -11.96
CA ASN F 166 25.00 -23.73 -10.63
C ASN F 166 26.31 -23.85 -9.86
N ASN F 167 27.43 -24.04 -10.56
CA ASN F 167 28.69 -24.34 -9.89
C ASN F 167 29.89 -23.52 -10.35
N PHE F 168 29.76 -22.71 -11.40
N PHE F 168 29.77 -22.73 -11.41
N PHE F 168 29.81 -22.80 -11.47
CA PHE F 168 30.86 -21.87 -11.86
CA PHE F 168 30.85 -21.86 -11.86
CA PHE F 168 30.97 -21.97 -11.80
C PHE F 168 31.05 -20.69 -10.91
C PHE F 168 31.04 -20.69 -10.90
C PHE F 168 30.98 -20.78 -10.85
N LEU F 169 31.84 -20.89 -9.86
CA LEU F 169 32.19 -19.83 -8.92
C LEU F 169 33.64 -20.12 -8.55
N SER F 170 34.44 -19.07 -8.47
CA SER F 170 35.85 -19.22 -8.14
C SER F 170 36.22 -18.22 -7.06
N TRP F 171 37.23 -18.55 -6.28
CA TRP F 171 37.71 -17.69 -5.21
C TRP F 171 39.17 -17.35 -5.45
N TYR F 172 39.53 -16.09 -5.24
CA TYR F 172 40.87 -15.59 -5.51
C TYR F 172 41.45 -14.89 -4.29
N GLN F 173 42.74 -15.11 -4.06
CA GLN F 173 43.47 -14.46 -2.99
C GLN F 173 44.37 -13.40 -3.61
N GLN F 174 44.32 -12.18 -3.08
CA GLN F 174 45.15 -11.10 -3.59
C GLN F 174 45.80 -10.36 -2.43
N LYS F 175 47.07 -10.67 -2.18
CA LYS F 175 47.85 -9.89 -1.26
C LYS F 175 48.23 -8.57 -1.92
N PRO F 176 48.37 -7.50 -1.14
CA PRO F 176 48.53 -6.16 -1.74
C PRO F 176 49.76 -6.07 -2.65
N GLY F 177 49.56 -5.50 -3.83
CA GLY F 177 50.64 -5.31 -4.76
C GLY F 177 50.99 -6.53 -5.59
N GLN F 178 50.27 -7.63 -5.45
CA GLN F 178 50.54 -8.86 -6.16
C GLN F 178 49.35 -9.25 -7.03
N PRO F 179 49.57 -10.09 -8.04
CA PRO F 179 48.43 -10.58 -8.82
C PRO F 179 47.55 -11.46 -7.99
N PRO F 180 46.25 -11.56 -8.31
CA PRO F 180 45.39 -12.51 -7.61
C PRO F 180 45.82 -13.94 -7.90
N THR F 181 45.84 -14.76 -6.86
CA THR F 181 46.07 -16.19 -7.01
C THR F 181 44.74 -16.92 -6.83
N GLN F 182 44.50 -17.92 -7.68
CA GLN F 182 43.27 -18.68 -7.56
C GLN F 182 43.39 -19.72 -6.46
N LEU F 183 42.33 -19.84 -5.66
CA LEU F 183 42.28 -20.83 -4.59
C LEU F 183 41.36 -21.98 -4.95
N ILE F 184 40.10 -21.70 -5.24
CA ILE F 184 39.09 -22.75 -5.42
C ILE F 184 38.29 -22.43 -6.68
N GLY F 185 38.31 -23.35 -7.64
CA GLY F 185 37.50 -23.21 -8.83
C GLY F 185 36.34 -24.19 -8.81
N ALA F 186 35.34 -23.98 -9.66
CA ALA F 186 34.15 -24.87 -9.74
C ALA F 186 33.43 -24.96 -8.40
N THR F 187 33.59 -23.97 -7.50
CA THR F 187 32.85 -23.84 -6.22
C THR F 187 33.37 -24.69 -5.06
N SER F 188 34.28 -25.62 -5.30
CA SER F 188 34.70 -26.53 -4.21
C SER F 188 36.02 -27.18 -4.59
N THR F 189 36.41 -27.06 -5.87
CA THR F 189 37.60 -27.79 -6.27
C THR F 189 38.82 -26.93 -5.97
N LEU F 190 39.69 -27.41 -5.08
CA LEU F 190 40.90 -26.68 -4.73
C LEU F 190 41.88 -26.68 -5.89
N ALA F 191 42.61 -25.58 -6.03
CA ALA F 191 43.57 -25.47 -7.10
C ALA F 191 44.85 -26.23 -6.76
N SER F 192 45.77 -26.28 -7.73
CA SER F 192 47.01 -27.03 -7.57
C SER F 192 47.88 -26.42 -6.47
N GLY F 193 48.05 -27.16 -5.38
CA GLY F 193 48.91 -26.74 -4.29
C GLY F 193 48.25 -25.92 -3.20
N VAL F 194 46.92 -25.86 -3.19
CA VAL F 194 46.19 -25.08 -2.18
C VAL F 194 45.77 -26.04 -1.08
N PRO F 195 45.98 -25.68 0.20
CA PRO F 195 45.65 -26.62 1.29
C PRO F 195 44.15 -26.81 1.42
N SER F 196 43.77 -28.00 1.88
CA SER F 196 42.37 -28.25 2.22
C SER F 196 41.87 -27.31 3.29
N ARG F 197 42.79 -26.58 3.93
CA ARG F 197 42.43 -25.55 4.90
C ARG F 197 41.41 -24.56 4.32
N PHE F 198 41.51 -24.26 3.02
CA PHE F 198 40.53 -23.44 2.32
C PHE F 198 39.42 -24.35 1.79
N LYS F 199 38.19 -24.10 2.22
CA LYS F 199 37.04 -24.88 1.80
C LYS F 199 36.02 -23.94 1.17
N GLY F 200 35.69 -24.20 -0.09
CA GLY F 200 34.61 -23.49 -0.77
C GLY F 200 33.36 -24.35 -0.79
N SER F 201 32.21 -23.71 -0.59
CA SER F 201 30.94 -24.40 -0.49
C SER F 201 29.85 -23.56 -1.15
N GLY F 202 28.72 -24.19 -1.42
CA GLY F 202 27.55 -23.51 -1.92
C GLY F 202 27.13 -23.98 -3.30
N SER F 203 25.97 -23.47 -3.71
CA SER F 203 25.40 -23.83 -5.01
C SER F 203 24.44 -22.72 -5.41
N GLY F 204 24.17 -22.65 -6.72
CA GLY F 204 23.25 -21.66 -7.24
C GLY F 204 23.69 -20.22 -7.05
N THR F 205 23.10 -19.54 -6.07
CA THR F 205 23.36 -18.12 -5.86
C THR F 205 24.11 -17.81 -4.58
N GLN F 206 24.21 -18.74 -3.64
CA GLN F 206 24.90 -18.52 -2.36
C GLN F 206 26.11 -19.44 -2.30
N PHE F 207 27.28 -18.85 -2.06
CA PHE F 207 28.52 -19.60 -1.92
C PHE F 207 29.30 -19.10 -0.71
N THR F 208 30.19 -19.94 -0.18
CA THR F 208 30.90 -19.64 1.04
C THR F 208 32.34 -20.11 0.96
N LEU F 209 33.27 -19.23 1.31
CA LEU F 209 34.68 -19.58 1.46
C LEU F 209 35.00 -19.63 2.95
N THR F 210 35.44 -20.80 3.41
CA THR F 210 35.77 -21.01 4.81
C THR F 210 37.27 -21.28 4.91
N ILE F 211 37.96 -20.46 5.69
CA ILE F 211 39.40 -20.60 5.90
C ILE F 211 39.62 -21.01 7.34
N SER F 212 40.04 -22.27 7.54
CA SER F 212 40.34 -22.77 8.87
C SER F 212 41.80 -22.48 9.21
N ASP F 213 42.22 -22.89 10.41
CA ASP F 213 43.62 -22.83 10.86
C ASP F 213 44.33 -21.58 10.35
N LEU F 214 43.74 -20.43 10.66
CA LEU F 214 44.20 -19.17 10.08
C LEU F 214 45.68 -18.93 10.36
N GLU F 215 46.35 -18.29 9.41
CA GLU F 215 47.77 -18.01 9.48
C GLU F 215 48.01 -16.52 9.26
N SER F 216 49.24 -16.10 9.59
CA SER F 216 49.61 -14.71 9.39
C SER F 216 49.55 -14.34 7.92
N ASP F 217 49.98 -15.24 7.04
CA ASP F 217 50.07 -14.96 5.61
C ASP F 217 48.75 -15.18 4.87
N ASP F 218 47.66 -15.44 5.60
CA ASP F 218 46.35 -15.41 5.00
C ASP F 218 45.80 -13.98 4.90
N ALA F 219 46.54 -12.99 5.38
CA ALA F 219 46.15 -11.59 5.27
C ALA F 219 46.09 -11.17 3.80
N ALA F 220 44.88 -11.09 3.26
CA ALA F 220 44.66 -10.72 1.87
C ALA F 220 43.20 -10.35 1.71
N THR F 221 42.89 -9.73 0.57
CA THR F 221 41.52 -9.40 0.21
C THR F 221 41.01 -10.48 -0.75
N TYR F 222 40.04 -11.27 -0.28
CA TYR F 222 39.58 -12.45 -1.00
C TYR F 222 38.44 -12.08 -1.93
N TYR F 223 38.67 -12.20 -3.23
CA TYR F 223 37.68 -11.92 -4.24
C TYR F 223 37.06 -13.22 -4.70
N CYS F 224 36.26 -13.14 -5.75
CA CYS F 224 35.39 -14.23 -6.14
C CYS F 224 34.68 -13.92 -7.46
N ALA F 225 34.76 -14.85 -8.41
CA ALA F 225 34.27 -14.61 -9.76
C ALA F 225 33.26 -15.68 -10.13
N GLY F 226 32.17 -15.26 -10.73
CA GLY F 226 31.16 -16.17 -11.25
C GLY F 226 31.12 -16.12 -12.77
N GLY F 227 30.71 -17.23 -13.37
CA GLY F 227 30.47 -17.31 -14.80
C GLY F 227 29.00 -17.59 -15.05
N TYR F 228 28.43 -16.92 -16.05
CA TYR F 228 26.99 -16.95 -16.26
C TYR F 228 26.68 -17.30 -17.71
N SER F 229 25.39 -17.48 -17.99
CA SER F 229 24.95 -17.68 -19.36
C SER F 229 25.48 -16.55 -20.24
N GLY F 230 25.86 -16.91 -21.46
CA GLY F 230 26.45 -15.94 -22.37
C GLY F 230 27.92 -15.69 -22.15
N ASN F 231 28.58 -16.51 -21.33
CA ASN F 231 30.02 -16.42 -21.12
C ASN F 231 30.43 -15.07 -20.54
N ILE F 232 29.63 -14.57 -19.61
CA ILE F 232 29.94 -13.33 -18.91
C ILE F 232 30.50 -13.67 -17.55
N PHE F 233 31.56 -12.99 -17.15
CA PHE F 233 32.16 -13.15 -15.83
C PHE F 233 31.95 -11.88 -15.02
N ALA F 234 32.03 -12.03 -13.71
CA ALA F 234 31.84 -10.91 -12.81
C ALA F 234 32.58 -11.19 -11.53
N PHE F 235 33.03 -10.13 -10.87
CA PHE F 235 33.67 -10.24 -9.56
C PHE F 235 32.78 -9.57 -8.52
N GLY F 236 32.85 -10.10 -7.30
CA GLY F 236 32.25 -9.42 -6.17
C GLY F 236 33.18 -8.40 -5.56
N GLY F 237 32.67 -7.70 -4.54
CA GLY F 237 33.51 -6.80 -3.79
C GLY F 237 34.56 -7.54 -2.99
N GLY F 238 35.54 -6.77 -2.53
CA GLY F 238 36.61 -7.36 -1.76
C GLY F 238 36.20 -7.66 -0.32
N THR F 239 36.77 -8.75 0.21
CA THR F 239 36.61 -9.13 1.61
C THR F 239 38.00 -9.36 2.19
N GLU F 240 38.54 -8.33 2.86
CA GLU F 240 39.87 -8.41 3.43
C GLU F 240 39.88 -9.30 4.68
N LEU F 241 41.02 -9.94 4.94
CA LEU F 241 41.18 -10.89 6.02
C LEU F 241 42.29 -10.44 6.96
N GLU F 242 42.24 -10.96 8.20
CA GLU F 242 43.18 -10.57 9.27
C GLU F 242 43.89 -11.79 9.90
N GLN G 1 -36.77 -42.11 -5.96
CA GLN G 1 -37.45 -41.00 -5.31
C GLN G 1 -38.20 -41.48 -4.07
N SER G 2 -37.78 -42.62 -3.53
CA SER G 2 -38.47 -43.19 -2.37
C SER G 2 -37.58 -44.26 -1.75
N LEU G 3 -37.55 -44.30 -0.42
CA LEU G 3 -36.79 -45.29 0.35
C LEU G 3 -37.71 -45.93 1.38
N GLU G 4 -37.56 -47.24 1.55
CA GLU G 4 -38.45 -48.00 2.41
C GLU G 4 -37.65 -49.01 3.22
N GLU G 5 -37.68 -48.85 4.54
CA GLU G 5 -37.00 -49.77 5.46
C GLU G 5 -37.97 -50.85 5.91
N SER G 6 -37.40 -52.00 6.28
CA SER G 6 -38.20 -53.15 6.68
C SER G 6 -37.34 -54.08 7.52
N GLY G 7 -38.00 -55.00 8.21
CA GLY G 7 -37.35 -55.99 9.04
C GLY G 7 -37.52 -55.77 10.52
N GLY G 8 -37.93 -54.57 10.94
CA GLY G 8 -38.08 -54.29 12.35
C GLY G 8 -39.22 -55.07 12.97
N ARG G 9 -39.01 -55.50 14.21
CA ARG G 9 -40.00 -56.29 14.94
C ARG G 9 -39.66 -56.21 16.43
N LEU G 10 -40.42 -56.96 17.23
CA LEU G 10 -40.15 -57.09 18.66
C LEU G 10 -39.31 -58.34 18.86
N VAL G 11 -38.18 -58.18 19.55
CA VAL G 11 -37.25 -59.29 19.79
C VAL G 11 -36.73 -59.21 21.20
N THR G 12 -36.12 -60.32 21.65
CA THR G 12 -35.51 -60.38 22.97
C THR G 12 -34.05 -59.97 22.90
N PRO G 13 -33.45 -59.54 24.02
CA PRO G 13 -32.02 -59.21 24.01
C PRO G 13 -31.18 -60.38 23.54
N GLY G 14 -30.15 -60.07 22.73
CA GLY G 14 -29.30 -61.06 22.10
C GLY G 14 -29.77 -61.55 20.76
N THR G 15 -30.97 -61.15 20.33
CA THR G 15 -31.50 -61.61 19.05
C THR G 15 -30.75 -60.93 17.91
N PRO G 16 -30.25 -61.69 16.94
CA PRO G 16 -29.76 -61.06 15.71
C PRO G 16 -30.91 -60.71 14.78
N LEU G 17 -30.72 -59.63 14.02
CA LEU G 17 -31.78 -59.09 13.19
C LEU G 17 -31.16 -58.28 12.05
N THR G 18 -31.69 -58.46 10.85
CA THR G 18 -31.23 -57.77 9.66
C THR G 18 -32.31 -56.83 9.15
N LEU G 19 -31.93 -55.57 8.93
CA LEU G 19 -32.84 -54.55 8.43
C LEU G 19 -32.51 -54.28 6.96
N THR G 20 -33.55 -54.01 6.17
CA THR G 20 -33.42 -53.84 4.73
C THR G 20 -33.94 -52.48 4.32
N CYS G 21 -33.15 -51.75 3.54
CA CYS G 21 -33.54 -50.46 2.98
C CYS G 21 -33.67 -50.64 1.47
N THR G 22 -34.91 -50.61 0.97
CA THR G 22 -35.19 -50.87 -0.44
C THR G 22 -35.46 -49.56 -1.17
N ALA G 23 -34.86 -49.41 -2.35
CA ALA G 23 -34.99 -48.20 -3.15
C ALA G 23 -36.07 -48.37 -4.21
N SER G 24 -36.81 -47.30 -4.47
CA SER G 24 -37.85 -47.30 -5.48
C SER G 24 -37.74 -46.00 -6.28
N GLY G 25 -37.46 -46.12 -7.58
CA GLY G 25 -37.36 -44.97 -8.45
C GLY G 25 -35.95 -44.52 -8.80
N PHE G 26 -34.94 -45.28 -8.42
CA PHE G 26 -33.55 -44.95 -8.68
C PHE G 26 -32.67 -46.10 -8.20
N THR G 27 -31.36 -46.00 -8.44
CA THR G 27 -30.44 -47.06 -8.10
C THR G 27 -29.52 -46.62 -6.98
N ILE G 28 -29.03 -47.59 -6.21
CA ILE G 28 -28.17 -47.34 -5.06
C ILE G 28 -26.69 -47.31 -5.42
N SER G 29 -26.32 -47.81 -6.61
CA SER G 29 -24.92 -48.04 -6.94
C SER G 29 -24.06 -46.77 -6.93
N ARG G 30 -24.68 -45.59 -7.10
CA ARG G 30 -23.92 -44.35 -7.21
C ARG G 30 -24.27 -43.35 -6.11
N HIS G 31 -24.64 -43.84 -4.93
CA HIS G 31 -24.99 -42.98 -3.81
C HIS G 31 -24.43 -43.59 -2.53
N HIS G 32 -23.98 -42.75 -1.61
CA HIS G 32 -23.65 -43.20 -0.27
C HIS G 32 -24.93 -43.38 0.53
N MET G 33 -24.95 -44.39 1.39
CA MET G 33 -26.12 -44.69 2.19
C MET G 33 -25.71 -44.77 3.66
N GLN G 34 -26.48 -44.08 4.51
CA GLN G 34 -26.26 -44.06 5.95
C GLN G 34 -27.40 -44.80 6.64
N TRP G 35 -27.09 -45.36 7.81
CA TRP G 35 -28.09 -45.94 8.69
C TRP G 35 -28.11 -45.10 9.97
N VAL G 36 -29.29 -44.55 10.29
CA VAL G 36 -29.45 -43.67 11.44
C VAL G 36 -30.60 -44.19 12.27
N ARG G 37 -30.40 -44.29 13.57
CA ARG G 37 -31.45 -44.74 14.48
C ARG G 37 -31.87 -43.61 15.42
N GLN G 38 -33.05 -43.76 15.99
CA GLN G 38 -33.62 -42.74 16.87
C GLN G 38 -34.58 -43.43 17.82
N ALA G 39 -34.21 -43.50 19.08
CA ALA G 39 -35.11 -44.06 20.06
C ALA G 39 -36.30 -43.11 20.25
N PRO G 40 -37.48 -43.65 20.64
CA PRO G 40 -38.76 -42.92 20.44
C PRO G 40 -38.80 -41.44 20.81
N GLY G 41 -38.48 -41.10 22.06
CA GLY G 41 -38.43 -39.72 22.47
C GLY G 41 -37.05 -39.09 22.39
N LYS G 42 -36.07 -39.85 21.93
CA LYS G 42 -34.67 -39.45 21.94
C LYS G 42 -34.31 -38.85 20.57
N GLY G 43 -33.07 -38.40 20.44
CA GLY G 43 -32.62 -37.73 19.23
C GLY G 43 -32.03 -38.68 18.21
N LEU G 44 -31.46 -38.09 17.15
CA LEU G 44 -30.89 -38.88 16.06
C LEU G 44 -29.49 -39.34 16.42
N GLU G 45 -29.17 -40.59 16.04
CA GLU G 45 -27.90 -41.21 16.34
C GLU G 45 -27.38 -41.88 15.08
N TRP G 46 -26.17 -41.51 14.66
CA TRP G 46 -25.55 -42.09 13.47
C TRP G 46 -24.93 -43.44 13.79
N ILE G 47 -25.14 -44.40 12.87
CA ILE G 47 -24.59 -45.75 13.01
C ILE G 47 -23.40 -45.96 12.10
N GLY G 48 -23.58 -45.73 10.81
CA GLY G 48 -22.51 -45.97 9.85
C GLY G 48 -22.97 -45.65 8.44
N LEU G 49 -22.02 -45.69 7.52
CA LEU G 49 -22.28 -45.36 6.12
C LEU G 49 -21.58 -46.40 5.25
N ILE G 50 -22.22 -46.77 4.14
CA ILE G 50 -21.59 -47.58 3.10
C ILE G 50 -21.25 -46.64 1.94
N ASP G 51 -19.95 -46.41 1.73
CA ASP G 51 -19.53 -45.55 0.63
C ASP G 51 -19.93 -46.18 -0.70
N SER G 52 -20.19 -45.33 -1.69
CA SER G 52 -20.75 -45.81 -2.95
C SER G 52 -19.84 -46.81 -3.65
N SER G 53 -18.53 -46.74 -3.39
CA SER G 53 -17.60 -47.73 -3.92
C SER G 53 -17.48 -48.96 -3.03
N GLY G 54 -18.08 -48.95 -1.84
CA GLY G 54 -18.09 -50.11 -0.97
C GLY G 54 -17.49 -49.93 0.42
N SER G 55 -16.73 -48.87 0.67
CA SER G 55 -16.07 -48.69 1.96
C SER G 55 -17.11 -48.55 3.08
N THR G 56 -16.77 -49.07 4.26
CA THR G 56 -17.64 -49.09 5.42
C THR G 56 -17.02 -48.25 6.53
N TYR G 57 -17.83 -47.44 7.18
CA TYR G 57 -17.40 -46.64 8.33
C TYR G 57 -18.52 -46.69 9.35
N TYR G 58 -18.17 -46.78 10.62
CA TYR G 58 -19.16 -46.92 11.69
C TYR G 58 -18.84 -46.00 12.85
N ALA G 59 -19.84 -45.75 13.69
CA ALA G 59 -19.63 -44.98 14.89
C ALA G 59 -18.81 -45.79 15.88
N ASN G 60 -18.19 -45.09 16.84
CA ASN G 60 -17.28 -45.74 17.77
C ASN G 60 -17.99 -46.71 18.73
N TRP G 61 -19.28 -46.51 18.98
CA TRP G 61 -20.01 -47.36 19.91
C TRP G 61 -20.54 -48.64 19.27
N ALA G 62 -20.40 -48.80 17.94
CA ALA G 62 -20.96 -49.98 17.28
C ALA G 62 -20.30 -51.27 17.78
N LYS G 63 -19.02 -51.22 18.14
CA LYS G 63 -18.29 -52.37 18.64
C LYS G 63 -18.33 -53.54 17.65
N GLY G 64 -18.46 -53.26 16.36
CA GLY G 64 -18.62 -54.31 15.38
C GLY G 64 -19.90 -55.10 15.47
N ARG G 65 -20.89 -54.61 16.22
CA ARG G 65 -22.17 -55.29 16.33
C ARG G 65 -23.11 -54.98 15.17
N PHE G 66 -22.81 -53.96 14.37
CA PHE G 66 -23.64 -53.57 13.23
C PHE G 66 -22.78 -53.59 11.98
N THR G 67 -23.30 -54.16 10.92
CA THR G 67 -22.58 -54.28 9.66
C THR G 67 -23.50 -53.85 8.51
N ILE G 68 -22.95 -53.07 7.58
CA ILE G 68 -23.71 -52.52 6.47
C ILE G 68 -23.21 -53.13 5.16
N SER G 69 -24.13 -53.69 4.37
CA SER G 69 -23.82 -54.24 3.07
C SER G 69 -24.81 -53.70 2.04
N ARG G 70 -24.44 -53.81 0.76
CA ARG G 70 -25.16 -53.12 -0.30
C ARG G 70 -25.26 -54.00 -1.53
N THR G 71 -26.41 -53.93 -2.21
CA THR G 71 -26.61 -54.47 -3.55
C THR G 71 -27.01 -53.34 -4.48
N SER G 72 -27.40 -53.69 -5.71
CA SER G 72 -27.80 -52.67 -6.67
C SER G 72 -29.12 -52.00 -6.29
N THR G 73 -29.90 -52.62 -5.39
CA THR G 73 -31.24 -52.13 -5.05
C THR G 73 -31.54 -52.08 -3.56
N THR G 74 -30.79 -52.77 -2.71
CA THR G 74 -31.09 -52.78 -1.28
C THR G 74 -29.81 -52.60 -0.48
N VAL G 75 -29.95 -51.94 0.67
CA VAL G 75 -28.88 -51.76 1.64
C VAL G 75 -29.27 -52.46 2.93
N ASP G 76 -28.39 -53.33 3.44
CA ASP G 76 -28.67 -54.16 4.59
C ASP G 76 -27.96 -53.63 5.83
N LEU G 77 -28.59 -53.83 6.99
CA LEU G 77 -28.00 -53.51 8.29
C LEU G 77 -28.08 -54.77 9.16
N LYS G 78 -26.96 -55.50 9.27
CA LYS G 78 -26.92 -56.77 9.99
C LYS G 78 -26.57 -56.46 11.44
N MET G 79 -27.53 -56.71 12.34
CA MET G 79 -27.35 -56.46 13.76
C MET G 79 -27.19 -57.82 14.43
N THR G 80 -26.00 -58.08 14.97
CA THR G 80 -25.66 -59.42 15.43
C THR G 80 -26.17 -59.75 16.82
N SER G 81 -26.44 -58.75 17.65
CA SER G 81 -26.91 -59.01 19.01
C SER G 81 -27.54 -57.71 19.53
N LEU G 82 -28.85 -57.74 19.70
CA LEU G 82 -29.59 -56.56 20.11
C LEU G 82 -29.73 -56.48 21.62
N THR G 83 -29.67 -55.28 22.14
CA THR G 83 -29.93 -54.99 23.55
C THR G 83 -31.15 -54.09 23.65
N THR G 84 -31.65 -53.94 24.87
CA THR G 84 -32.80 -53.06 25.10
C THR G 84 -32.45 -51.61 24.76
N GLU G 85 -31.18 -51.24 24.89
CA GLU G 85 -30.76 -49.90 24.50
C GLU G 85 -30.76 -49.71 22.99
N ASP G 86 -30.86 -50.78 22.22
CA ASP G 86 -30.95 -50.70 20.76
C ASP G 86 -32.40 -50.58 20.28
N THR G 87 -33.34 -50.34 21.19
CA THR G 87 -34.72 -50.08 20.81
C THR G 87 -34.79 -48.68 20.19
N ALA G 88 -35.22 -48.60 18.94
CA ALA G 88 -35.26 -47.34 18.20
C ALA G 88 -35.92 -47.55 16.85
N THR G 89 -36.19 -46.44 16.17
CA THR G 89 -36.59 -46.46 14.77
C THR G 89 -35.35 -46.23 13.92
N TYR G 90 -35.14 -47.12 12.94
CA TYR G 90 -33.91 -47.16 12.16
C TYR G 90 -34.19 -46.64 10.75
N PHE G 91 -33.47 -45.60 10.36
CA PHE G 91 -33.65 -44.94 9.08
C PHE G 91 -32.46 -45.26 8.17
N CYS G 92 -32.69 -45.21 6.88
CA CYS G 92 -31.60 -45.09 5.91
C CYS G 92 -31.69 -43.74 5.23
N ALA G 93 -30.56 -43.22 4.79
CA ALA G 93 -30.52 -41.90 4.19
C ALA G 93 -29.44 -41.85 3.11
N ARG G 94 -29.74 -41.17 2.02
CA ARG G 94 -28.90 -41.20 0.83
C ARG G 94 -27.94 -40.01 0.84
N GLY G 95 -26.73 -40.26 0.37
CA GLY G 95 -25.80 -39.20 0.03
C GLY G 95 -25.05 -38.69 1.24
N GLY G 96 -23.92 -38.01 0.96
CA GLY G 96 -23.11 -37.46 2.02
C GLY G 96 -23.85 -36.43 2.84
N SER G 97 -24.82 -35.72 2.24
CA SER G 97 -25.61 -34.73 2.94
C SER G 97 -26.94 -35.26 3.45
N MET G 98 -27.20 -36.57 3.32
CA MET G 98 -28.45 -37.20 3.79
C MET G 98 -29.68 -36.51 3.21
N ASP G 99 -29.67 -36.34 1.89
CA ASP G 99 -30.69 -35.51 1.22
C ASP G 99 -32.06 -36.17 1.24
N PHE G 100 -32.13 -37.49 1.26
CA PHE G 100 -33.39 -38.22 1.23
C PHE G 100 -33.37 -39.29 2.32
N TRP G 101 -34.47 -39.39 3.05
CA TRP G 101 -34.62 -40.32 4.16
C TRP G 101 -35.81 -41.24 3.94
N GLY G 102 -35.68 -42.47 4.42
CA GLY G 102 -36.79 -43.39 4.41
C GLY G 102 -37.72 -43.20 5.59
N GLN G 103 -38.83 -43.94 5.58
CA GLN G 103 -39.85 -43.79 6.61
C GLN G 103 -39.38 -44.29 7.97
N GLY G 104 -38.46 -45.24 8.00
CA GLY G 104 -37.99 -45.83 9.24
C GLY G 104 -38.76 -47.08 9.63
N THR G 105 -38.06 -48.06 10.19
CA THR G 105 -38.69 -49.28 10.69
C THR G 105 -38.42 -49.40 12.19
N LEU G 106 -39.43 -49.83 12.93
CA LEU G 106 -39.35 -49.85 14.40
C LEU G 106 -38.78 -51.18 14.88
N VAL G 107 -37.68 -51.10 15.62
CA VAL G 107 -37.07 -52.26 16.28
C VAL G 107 -37.20 -52.04 17.77
N THR G 108 -37.88 -52.96 18.46
CA THR G 108 -38.08 -52.87 19.89
C THR G 108 -37.53 -54.13 20.53
N VAL G 109 -36.67 -53.96 21.54
CA VAL G 109 -36.03 -55.06 22.25
C VAL G 109 -36.50 -54.99 23.70
N SER G 110 -36.91 -56.14 24.24
CA SER G 110 -37.47 -56.17 25.58
C SER G 110 -36.77 -57.20 26.47
N THR G 139 -18.30 -35.73 19.31
CA THR G 139 -19.64 -35.32 19.75
C THR G 139 -19.94 -33.84 19.43
N GLN G 140 -21.23 -33.56 19.21
CA GLN G 140 -21.66 -32.20 18.85
C GLN G 140 -22.74 -31.76 19.83
N THR G 141 -22.63 -30.55 20.38
CA THR G 141 -23.60 -30.10 21.41
C THR G 141 -24.39 -28.90 20.92
N PRO G 142 -25.71 -29.01 20.71
CA PRO G 142 -26.54 -27.85 20.38
C PRO G 142 -26.85 -27.22 21.74
N SER G 143 -26.25 -26.05 22.01
CA SER G 143 -26.40 -25.39 23.33
C SER G 143 -27.84 -25.38 23.86
N PRO G 144 -28.85 -24.94 23.11
CA PRO G 144 -30.20 -24.93 23.68
C PRO G 144 -30.97 -26.20 23.33
N VAL G 145 -31.92 -26.54 24.21
CA VAL G 145 -32.83 -27.63 23.94
C VAL G 145 -34.13 -27.15 23.28
N SER G 146 -34.53 -25.89 23.53
CA SER G 146 -35.78 -25.38 22.99
C SER G 146 -35.64 -23.88 22.72
N ALA G 147 -36.57 -23.37 21.91
CA ALA G 147 -36.69 -21.95 21.58
C ALA G 147 -38.12 -21.70 21.11
N ALA G 148 -38.54 -20.43 21.16
CA ALA G 148 -39.95 -20.14 20.87
C ALA G 148 -40.14 -18.66 20.51
N VAL G 149 -40.55 -18.39 19.26
CA VAL G 149 -40.98 -17.06 18.81
C VAL G 149 -42.23 -17.21 17.94
N GLY G 150 -42.99 -16.13 17.82
CA GLY G 150 -44.28 -16.17 17.14
C GLY G 150 -44.26 -15.84 15.66
N GLY G 151 -43.54 -14.80 15.29
CA GLY G 151 -43.41 -14.45 13.89
C GLY G 151 -42.09 -13.74 13.59
N THR G 152 -41.09 -13.92 14.47
CA THR G 152 -39.83 -13.19 14.32
C THR G 152 -38.66 -14.11 13.97
N VAL G 153 -37.62 -14.15 14.81
CA VAL G 153 -36.36 -14.80 14.48
C VAL G 153 -35.91 -15.69 15.64
N THR G 154 -35.35 -16.85 15.30
CA THR G 154 -34.82 -17.83 16.26
C THR G 154 -33.40 -18.20 15.84
N ILE G 155 -32.61 -18.66 16.80
CA ILE G 155 -31.22 -19.04 16.57
C ILE G 155 -30.97 -20.40 17.21
N SER G 156 -30.61 -21.40 16.40
CA SER G 156 -30.16 -22.70 16.88
C SER G 156 -28.66 -22.78 16.70
N CYS G 157 -27.94 -22.96 17.79
CA CYS G 157 -26.49 -22.91 17.79
C CYS G 157 -25.89 -24.31 17.92
N GLN G 158 -24.60 -24.40 17.63
CA GLN G 158 -23.91 -25.68 17.66
C GLN G 158 -22.42 -25.58 17.92
N SER G 159 -21.94 -26.38 18.87
CA SER G 159 -20.52 -26.52 19.15
C SER G 159 -20.11 -27.97 18.90
N SER G 160 -18.88 -28.16 18.41
CA SER G 160 -18.36 -29.47 18.09
C SER G 160 -17.09 -29.76 18.88
N GLN G 161 -16.90 -31.05 19.21
CA GLN G 161 -15.75 -31.45 20.00
C GLN G 161 -14.44 -31.16 19.25
N SER G 162 -14.38 -31.55 17.98
CA SER G 162 -13.23 -31.29 17.13
C SER G 162 -13.70 -30.54 15.89
N VAL G 163 -12.74 -29.95 15.16
CA VAL G 163 -13.09 -29.25 13.92
C VAL G 163 -13.68 -30.23 12.93
N ALA G 164 -14.66 -29.77 12.15
CA ALA G 164 -15.32 -30.58 11.11
C ALA G 164 -14.38 -30.75 9.92
N GLY G 165 -14.89 -31.34 8.83
CA GLY G 165 -14.12 -31.41 7.60
C GLY G 165 -14.02 -30.03 6.95
N ASN G 166 -13.23 -29.12 7.55
CA ASN G 166 -13.15 -27.71 7.17
C ASN G 166 -14.51 -27.01 7.36
N ASN G 167 -15.57 -27.50 6.69
CA ASN G 167 -16.89 -26.93 6.85
C ASN G 167 -18.03 -27.94 6.72
N PHE G 168 -17.75 -29.25 6.72
N PHE G 168 -17.75 -29.25 6.67
CA PHE G 168 -18.81 -30.25 6.58
CA PHE G 168 -18.84 -30.22 6.58
C PHE G 168 -19.78 -30.21 7.75
C PHE G 168 -19.72 -30.06 7.81
N LEU G 169 -20.90 -29.49 7.59
CA LEU G 169 -21.92 -29.45 8.63
C LEU G 169 -23.27 -29.23 7.96
N SER G 170 -24.30 -29.86 8.50
CA SER G 170 -25.62 -29.82 7.89
C SER G 170 -26.68 -29.67 8.97
N TRP G 171 -27.80 -29.08 8.58
CA TRP G 171 -28.93 -28.91 9.46
C TRP G 171 -30.12 -29.67 8.90
N TYR G 172 -30.88 -30.31 9.80
CA TYR G 172 -32.04 -31.11 9.44
C TYR G 172 -33.23 -30.72 10.30
N GLN G 173 -34.42 -30.77 9.70
CA GLN G 173 -35.67 -30.48 10.38
C GLN G 173 -36.47 -31.77 10.48
N GLN G 174 -37.07 -32.02 11.65
CA GLN G 174 -37.86 -33.24 11.83
C GLN G 174 -39.13 -32.92 12.61
N LYS G 175 -40.25 -32.85 11.89
CA LYS G 175 -41.55 -32.81 12.55
C LYS G 175 -41.85 -34.19 13.14
N PRO G 176 -42.47 -34.25 14.32
CA PRO G 176 -42.53 -35.51 15.08
C PRO G 176 -43.27 -36.61 14.31
N GLY G 177 -42.70 -37.82 14.37
CA GLY G 177 -43.25 -38.96 13.69
C GLY G 177 -42.87 -39.08 12.23
N GLN G 178 -42.16 -38.10 11.68
CA GLN G 178 -41.80 -38.11 10.27
C GLN G 178 -40.28 -38.13 10.11
N PRO G 179 -39.79 -38.67 8.99
CA PRO G 179 -38.35 -38.65 8.74
C PRO G 179 -37.83 -37.22 8.74
N PRO G 180 -36.56 -37.04 9.08
CA PRO G 180 -35.95 -35.69 9.01
C PRO G 180 -35.78 -35.25 7.58
N THR G 181 -35.90 -33.94 7.37
CA THR G 181 -35.68 -33.32 6.07
C THR G 181 -34.46 -32.41 6.14
N GLN G 182 -33.57 -32.51 5.15
CA GLN G 182 -32.38 -31.68 5.13
C GLN G 182 -32.71 -30.25 4.71
N LEU G 183 -32.12 -29.29 5.43
CA LEU G 183 -32.32 -27.88 5.16
C LEU G 183 -31.09 -27.23 4.52
N ILE G 184 -29.95 -27.28 5.22
CA ILE G 184 -28.73 -26.61 4.78
C ILE G 184 -27.59 -27.62 4.85
N GLY G 185 -26.95 -27.88 3.70
CA GLY G 185 -25.74 -28.67 3.65
C GLY G 185 -24.54 -27.76 3.52
N ALA G 186 -23.37 -28.27 3.92
CA ALA G 186 -22.17 -27.44 4.08
C ALA G 186 -22.48 -26.28 5.03
N THR G 187 -21.59 -25.31 5.17
CA THR G 187 -21.86 -24.30 6.19
C THR G 187 -23.14 -23.51 5.88
N SER G 188 -23.41 -23.23 4.60
CA SER G 188 -24.47 -22.28 4.30
C SER G 188 -25.29 -22.59 3.06
N THR G 189 -25.12 -23.74 2.41
CA THR G 189 -25.79 -24.00 1.15
C THR G 189 -27.19 -24.57 1.41
N LEU G 190 -28.21 -23.82 0.99
CA LEU G 190 -29.58 -24.27 1.13
C LEU G 190 -29.88 -25.39 0.14
N ALA G 191 -30.68 -26.36 0.57
CA ALA G 191 -31.12 -27.41 -0.33
C ALA G 191 -32.22 -26.88 -1.23
N SER G 192 -32.50 -27.61 -2.30
CA SER G 192 -33.55 -27.18 -3.21
C SER G 192 -34.89 -27.22 -2.49
N GLY G 193 -35.68 -26.16 -2.68
CA GLY G 193 -36.98 -26.05 -2.05
C GLY G 193 -36.98 -25.37 -0.70
N VAL G 194 -35.81 -25.18 -0.09
CA VAL G 194 -35.73 -24.56 1.24
C VAL G 194 -35.64 -23.05 1.08
N PRO G 195 -36.50 -22.29 1.75
CA PRO G 195 -36.50 -20.82 1.58
C PRO G 195 -35.22 -20.21 2.12
N SER G 196 -34.80 -19.10 1.50
CA SER G 196 -33.70 -18.29 2.01
C SER G 196 -33.99 -17.75 3.40
N ARG G 197 -35.23 -17.92 3.87
CA ARG G 197 -35.61 -17.60 5.25
C ARG G 197 -34.70 -18.32 6.25
N PHE G 198 -34.41 -19.59 5.99
CA PHE G 198 -33.45 -20.35 6.78
C PHE G 198 -32.03 -20.01 6.33
N LYS G 199 -31.20 -19.55 7.24
CA LYS G 199 -29.84 -19.16 6.94
C LYS G 199 -28.89 -19.89 7.88
N GLY G 200 -27.87 -20.51 7.33
CA GLY G 200 -26.86 -21.21 8.12
C GLY G 200 -25.49 -20.57 7.96
N SER G 201 -24.73 -20.54 9.05
CA SER G 201 -23.38 -20.00 9.02
C SER G 201 -22.51 -20.80 9.98
N GLY G 202 -21.23 -20.47 10.02
CA GLY G 202 -20.31 -21.15 10.91
C GLY G 202 -19.07 -21.66 10.22
N SER G 203 -18.03 -21.96 10.99
CA SER G 203 -16.78 -22.47 10.47
C SER G 203 -16.00 -23.10 11.61
N GLY G 204 -15.27 -24.17 11.30
CA GLY G 204 -14.45 -24.84 12.29
C GLY G 204 -15.23 -25.71 13.26
N THR G 205 -15.63 -25.12 14.39
CA THR G 205 -16.33 -25.85 15.43
C THR G 205 -17.65 -25.23 15.84
N GLN G 206 -17.92 -23.97 15.47
CA GLN G 206 -19.10 -23.23 15.90
C GLN G 206 -19.92 -22.87 14.67
N PHE G 207 -21.21 -23.26 14.69
CA PHE G 207 -22.09 -23.04 13.56
C PHE G 207 -23.45 -22.59 14.07
N THR G 208 -24.18 -21.89 13.20
CA THR G 208 -25.41 -21.22 13.59
C THR G 208 -26.47 -21.38 12.51
N LEU G 209 -27.65 -21.83 12.91
CA LEU G 209 -28.84 -21.86 12.05
C LEU G 209 -29.78 -20.75 12.49
N THR G 210 -30.18 -19.91 11.55
CA THR G 210 -31.06 -18.77 11.82
C THR G 210 -32.32 -18.90 10.98
N ILE G 211 -33.47 -18.76 11.63
CA ILE G 211 -34.78 -18.85 10.97
C ILE G 211 -35.46 -17.50 11.15
N SER G 212 -35.73 -16.81 10.03
CA SER G 212 -36.02 -15.38 10.08
C SER G 212 -37.51 -15.01 10.08
N ASP G 213 -38.41 -15.92 9.70
CA ASP G 213 -39.84 -15.68 9.86
C ASP G 213 -40.46 -16.91 10.48
N LEU G 214 -41.02 -16.75 11.68
CA LEU G 214 -41.48 -17.90 12.44
C LEU G 214 -42.90 -18.23 11.98
N GLU G 215 -43.01 -19.26 11.15
CA GLU G 215 -44.29 -19.78 10.72
C GLU G 215 -44.72 -20.91 11.64
N SER G 216 -46.04 -21.17 11.64
CA SER G 216 -46.58 -22.18 12.54
C SER G 216 -46.01 -23.56 12.24
N ASP G 217 -45.80 -23.87 10.96
CA ASP G 217 -45.31 -25.17 10.57
C ASP G 217 -43.79 -25.26 10.59
N ASP G 218 -43.13 -24.29 11.23
CA ASP G 218 -41.72 -24.45 11.55
C ASP G 218 -41.50 -25.21 12.85
N ALA G 219 -42.58 -25.51 13.59
CA ALA G 219 -42.51 -26.24 14.84
C ALA G 219 -41.92 -27.64 14.61
N ALA G 220 -40.63 -27.78 14.89
CA ALA G 220 -39.94 -29.05 14.70
C ALA G 220 -38.68 -29.05 15.55
N THR G 221 -38.10 -30.24 15.73
CA THR G 221 -36.86 -30.41 16.47
C THR G 221 -35.72 -30.42 15.46
N TYR G 222 -34.93 -29.36 15.45
CA TYR G 222 -33.88 -29.17 14.46
C TYR G 222 -32.61 -29.86 14.93
N TYR G 223 -32.16 -30.84 14.18
CA TYR G 223 -30.91 -31.53 14.46
C TYR G 223 -29.84 -31.02 13.52
N CYS G 224 -28.64 -31.47 13.78
CA CYS G 224 -27.52 -31.02 12.99
C CYS G 224 -26.48 -32.14 12.93
N ALA G 225 -25.73 -32.16 11.84
CA ALA G 225 -24.80 -33.26 11.61
C ALA G 225 -23.50 -32.68 11.08
N GLY G 226 -22.41 -33.32 11.46
CA GLY G 226 -21.09 -32.94 10.99
C GLY G 226 -20.39 -34.12 10.35
N GLY G 227 -19.51 -33.81 9.40
CA GLY G 227 -18.62 -34.81 8.82
C GLY G 227 -17.20 -34.55 9.26
N TYR G 228 -16.47 -35.65 9.53
CA TYR G 228 -15.15 -35.57 10.13
C TYR G 228 -14.14 -36.40 9.35
N SER G 229 -12.87 -36.22 9.69
CA SER G 229 -11.84 -37.07 9.11
C SER G 229 -12.10 -38.51 9.49
N GLY G 230 -11.66 -39.43 8.63
CA GLY G 230 -12.04 -40.82 8.76
C GLY G 230 -13.46 -41.12 8.34
N ASN G 231 -14.14 -40.17 7.69
CA ASN G 231 -15.49 -40.37 7.15
C ASN G 231 -16.50 -40.74 8.23
N ILE G 232 -16.42 -40.06 9.39
CA ILE G 232 -17.33 -40.28 10.51
C ILE G 232 -18.34 -39.15 10.54
N PHE G 233 -19.59 -39.50 10.87
CA PHE G 233 -20.67 -38.53 10.98
C PHE G 233 -21.19 -38.55 12.40
N ALA G 234 -21.84 -37.44 12.78
CA ALA G 234 -22.36 -37.32 14.14
C ALA G 234 -23.52 -36.33 14.14
N PHE G 235 -24.56 -36.65 14.90
CA PHE G 235 -25.68 -35.74 15.10
C PHE G 235 -25.62 -35.12 16.50
N GLY G 236 -26.17 -33.91 16.62
CA GLY G 236 -26.31 -33.25 17.91
C GLY G 236 -27.57 -33.68 18.63
N GLY G 237 -27.74 -33.11 19.83
CA GLY G 237 -28.81 -33.55 20.72
C GLY G 237 -30.21 -33.20 20.24
N GLY G 238 -30.36 -32.04 19.58
CA GLY G 238 -31.67 -31.59 19.14
C GLY G 238 -32.00 -30.21 19.66
N THR G 239 -32.94 -29.53 19.00
CA THR G 239 -33.30 -28.17 19.38
C THR G 239 -34.72 -27.89 18.89
N GLU G 240 -35.67 -27.85 19.82
CA GLU G 240 -37.08 -27.67 19.45
C GLU G 240 -37.40 -26.22 19.14
N LEU G 241 -38.40 -26.03 18.28
CA LEU G 241 -38.85 -24.72 17.83
C LEU G 241 -40.35 -24.62 18.07
N GLU G 242 -40.79 -23.48 18.58
CA GLU G 242 -42.22 -23.24 18.75
C GLU G 242 -42.58 -21.76 18.64
N GLN H 1 -19.91 27.83 21.24
CA GLN H 1 -20.69 27.29 22.35
C GLN H 1 -22.14 27.76 22.24
N SER H 2 -22.36 28.94 21.65
CA SER H 2 -23.71 29.48 21.55
C SER H 2 -23.78 30.47 20.39
N LEU H 3 -24.86 30.39 19.61
CA LEU H 3 -25.16 31.34 18.54
C LEU H 3 -26.51 32.00 18.81
N GLU H 4 -26.60 33.30 18.54
CA GLU H 4 -27.80 34.07 18.87
C GLU H 4 -28.09 35.08 17.76
N GLU H 5 -29.28 34.97 17.17
CA GLU H 5 -29.74 35.90 16.16
C GLU H 5 -30.53 37.03 16.79
N SER H 6 -30.61 38.15 16.08
CA SER H 6 -31.32 39.32 16.56
C SER H 6 -31.67 40.19 15.37
N GLY H 7 -32.60 41.13 15.62
CA GLY H 7 -32.98 42.10 14.62
C GLY H 7 -34.34 41.89 13.99
N GLY H 8 -34.94 40.71 14.18
CA GLY H 8 -36.24 40.45 13.57
C GLY H 8 -37.32 41.36 14.14
N ARG H 9 -38.22 41.80 13.27
CA ARG H 9 -39.25 42.77 13.63
C ARG H 9 -40.49 42.53 12.78
N LEU H 10 -41.54 43.29 13.08
CA LEU H 10 -42.71 43.37 12.23
C LEU H 10 -42.51 44.55 11.28
N VAL H 11 -42.60 44.30 9.99
CA VAL H 11 -42.32 45.32 8.98
C VAL H 11 -43.36 45.25 7.87
N THR H 12 -43.43 46.33 7.09
CA THR H 12 -44.25 46.39 5.90
C THR H 12 -43.41 46.01 4.68
N PRO H 13 -44.04 45.61 3.57
CA PRO H 13 -43.26 45.30 2.35
C PRO H 13 -42.43 46.50 1.93
N GLY H 14 -41.20 46.21 1.47
CA GLY H 14 -40.26 47.23 1.06
C GLY H 14 -39.32 47.72 2.14
N THR H 15 -39.54 47.33 3.38
CA THR H 15 -38.69 47.75 4.49
C THR H 15 -37.38 46.99 4.46
N PRO H 16 -36.23 47.67 4.47
CA PRO H 16 -34.96 46.97 4.66
C PRO H 16 -34.75 46.64 6.12
N LEU H 17 -34.00 45.56 6.36
CA LEU H 17 -33.74 45.12 7.72
C LEU H 17 -32.41 44.37 7.73
N THR H 18 -31.68 44.50 8.83
CA THR H 18 -30.40 43.82 9.03
C THR H 18 -30.51 42.89 10.23
N LEU H 19 -30.30 41.61 10.00
CA LEU H 19 -30.22 40.62 11.06
C LEU H 19 -28.77 40.40 11.46
N THR H 20 -28.56 40.06 12.73
CA THR H 20 -27.23 39.84 13.26
C THR H 20 -27.20 38.47 13.92
N CYS H 21 -26.15 37.70 13.64
CA CYS H 21 -25.88 36.43 14.29
C CYS H 21 -24.65 36.62 15.16
N THR H 22 -24.85 36.61 16.47
CA THR H 22 -23.77 36.87 17.42
C THR H 22 -23.29 35.56 18.02
N ALA H 23 -21.97 35.39 18.08
CA ALA H 23 -21.35 34.18 18.61
C ALA H 23 -20.95 34.39 20.07
N SER H 24 -21.13 33.34 20.87
CA SER H 24 -20.85 33.38 22.30
C SER H 24 -20.07 32.13 22.65
N GLY H 25 -18.80 32.30 23.00
CA GLY H 25 -17.97 31.19 23.41
C GLY H 25 -16.96 30.73 22.38
N PHE H 26 -16.78 31.46 21.29
CA PHE H 26 -15.81 31.11 20.26
C PHE H 26 -15.74 32.25 19.26
N THR H 27 -14.84 32.12 18.29
CA THR H 27 -14.66 33.09 17.23
C THR H 27 -15.23 32.57 15.93
N ILE H 28 -15.73 33.48 15.11
CA ILE H 28 -16.31 33.11 13.82
C ILE H 28 -15.27 33.14 12.70
N SER H 29 -14.12 33.77 12.93
CA SER H 29 -13.08 33.95 11.91
C SER H 29 -12.58 32.65 11.30
N ARG H 30 -12.94 31.49 11.85
CA ARG H 30 -12.47 30.22 11.31
C ARG H 30 -13.60 29.24 11.10
N HIS H 31 -14.79 29.75 10.80
CA HIS H 31 -15.96 28.91 10.57
C HIS H 31 -16.78 29.50 9.42
N HIS H 32 -17.26 28.63 8.54
CA HIS H 32 -18.27 29.06 7.57
C HIS H 32 -19.57 29.31 8.30
N MET H 33 -20.29 30.34 7.89
CA MET H 33 -21.58 30.68 8.46
C MET H 33 -22.64 30.74 7.36
N GLN H 34 -23.83 30.24 7.66
CA GLN H 34 -24.89 30.12 6.69
C GLN H 34 -26.13 30.80 7.23
N TRP H 35 -26.93 31.36 6.33
CA TRP H 35 -28.24 31.90 6.71
C TRP H 35 -29.33 31.03 6.09
N VAL H 36 -30.23 30.55 6.94
CA VAL H 36 -31.29 29.61 6.57
C VAL H 36 -32.58 30.17 7.16
N ARG H 37 -33.63 30.22 6.34
CA ARG H 37 -34.92 30.71 6.80
C ARG H 37 -35.97 29.59 6.73
N GLN H 38 -37.09 29.81 7.42
CA GLN H 38 -38.15 28.81 7.51
C GLN H 38 -39.49 29.52 7.72
N ALA H 39 -40.34 29.50 6.69
CA ALA H 39 -41.69 29.99 6.88
C ALA H 39 -42.41 29.14 7.92
N PRO H 40 -43.37 29.71 8.65
CA PRO H 40 -43.87 29.04 9.87
C PRO H 40 -44.34 27.59 9.67
N GLY H 41 -45.23 27.35 8.73
CA GLY H 41 -45.68 25.99 8.51
C GLY H 41 -44.94 25.30 7.39
N LYS H 42 -43.74 25.77 7.07
CA LYS H 42 -43.01 25.30 5.91
C LYS H 42 -41.63 24.82 6.32
N GLY H 43 -40.87 24.32 5.34
CA GLY H 43 -39.59 23.71 5.61
C GLY H 43 -38.42 24.70 5.53
N LEU H 44 -37.22 24.15 5.66
CA LEU H 44 -36.01 24.96 5.72
C LEU H 44 -35.62 25.40 4.32
N GLU H 45 -35.21 26.64 4.20
CA GLU H 45 -34.81 27.23 2.93
C GLU H 45 -33.45 27.91 3.11
N TRP H 46 -32.47 27.49 2.32
CA TRP H 46 -31.15 28.07 2.36
C TRP H 46 -31.16 29.41 1.63
N ILE H 47 -30.42 30.36 2.20
CA ILE H 47 -30.28 31.70 1.64
C ILE H 47 -28.89 31.93 1.07
N GLY H 48 -27.87 31.69 1.88
CA GLY H 48 -26.50 31.93 1.44
C GLY H 48 -25.53 31.57 2.56
N LEU H 49 -24.25 31.67 2.22
CA LEU H 49 -23.19 31.32 3.15
C LEU H 49 -22.07 32.35 2.99
N ILE H 50 -21.49 32.78 4.10
CA ILE H 50 -20.23 33.51 4.09
C ILE H 50 -19.12 32.52 4.45
N ASP H 51 -18.21 32.30 3.52
CA ASP H 51 -17.13 31.37 3.77
C ASP H 51 -16.16 31.98 4.75
N SER H 52 -15.40 31.11 5.44
CA SER H 52 -14.55 31.58 6.53
C SER H 52 -13.58 32.66 6.08
N SER H 53 -13.00 32.51 4.89
CA SER H 53 -12.11 33.55 4.35
C SER H 53 -12.89 34.81 4.00
N GLY H 54 -14.12 34.66 3.52
CA GLY H 54 -14.95 35.82 3.26
C GLY H 54 -15.76 35.75 1.97
N SER H 55 -15.66 34.63 1.24
CA SER H 55 -16.42 34.47 0.01
C SER H 55 -17.91 34.33 0.32
N THR H 56 -18.75 34.85 -0.56
CA THR H 56 -20.19 34.77 -0.38
C THR H 56 -20.81 33.98 -1.53
N TYR H 57 -21.81 33.17 -1.19
CA TYR H 57 -22.59 32.43 -2.16
C TYR H 57 -24.04 32.51 -1.72
N TYR H 58 -24.95 32.54 -2.71
CA TYR H 58 -26.37 32.72 -2.41
C TYR H 58 -27.20 31.78 -3.27
N ALA H 59 -28.41 31.51 -2.80
CA ALA H 59 -29.37 30.79 -3.61
C ALA H 59 -29.72 31.60 -4.85
N ASN H 60 -30.25 30.91 -5.88
CA ASN H 60 -30.56 31.57 -7.14
C ASN H 60 -31.67 32.61 -6.98
N TRP H 61 -32.53 32.45 -5.97
CA TRP H 61 -33.70 33.30 -5.78
C TRP H 61 -33.41 34.60 -5.03
N ALA H 62 -32.19 34.75 -4.46
CA ALA H 62 -31.90 35.94 -3.64
C ALA H 62 -31.96 37.21 -4.48
N LYS H 63 -31.64 37.12 -5.78
CA LYS H 63 -31.65 38.28 -6.67
C LYS H 63 -30.82 39.45 -6.13
N GLY H 64 -29.82 39.16 -5.29
CA GLY H 64 -29.07 40.21 -4.67
C GLY H 64 -29.83 40.98 -3.62
N ARG H 65 -31.04 40.56 -3.26
CA ARG H 65 -31.82 41.22 -2.23
C ARG H 65 -31.38 40.85 -0.81
N PHE H 66 -30.51 39.85 -0.68
CA PHE H 66 -29.98 39.39 0.61
C PHE H 66 -28.47 39.39 0.52
N THR H 67 -27.81 39.99 1.50
CA THR H 67 -26.36 40.15 1.47
C THR H 67 -25.77 39.77 2.82
N ILE H 68 -24.71 38.96 2.81
CA ILE H 68 -24.12 38.42 4.02
C ILE H 68 -22.74 39.01 4.21
N SER H 69 -22.49 39.59 5.38
CA SER H 69 -21.19 40.13 5.74
C SER H 69 -20.79 39.58 7.11
N ARG H 70 -19.50 39.66 7.40
CA ARG H 70 -18.96 39.06 8.61
C ARG H 70 -17.99 40.01 9.27
N THR H 71 -17.95 39.95 10.60
CA THR H 71 -16.92 40.55 11.42
C THR H 71 -16.26 39.43 12.25
N SER H 72 -15.45 39.83 13.24
CA SER H 72 -14.80 38.83 14.08
C SER H 72 -15.81 38.05 14.91
N THR H 73 -16.85 38.74 15.41
CA THR H 73 -17.81 38.13 16.32
C THR H 73 -19.23 38.00 15.78
N THR H 74 -19.61 38.78 14.77
CA THR H 74 -20.99 38.77 14.29
C THR H 74 -21.03 38.52 12.79
N VAL H 75 -22.15 37.93 12.35
CA VAL H 75 -22.44 37.69 10.94
C VAL H 75 -23.76 38.38 10.62
N ASP H 76 -23.74 39.23 9.58
CA ASP H 76 -24.91 40.04 9.23
C ASP H 76 -25.62 39.45 8.02
N LEU H 77 -26.93 39.64 7.98
CA LEU H 77 -27.76 39.31 6.83
C LEU H 77 -28.56 40.59 6.50
N LYS H 78 -28.07 41.35 5.53
CA LYS H 78 -28.74 42.58 5.09
C LYS H 78 -29.80 42.22 4.07
N MET H 79 -31.06 42.44 4.42
CA MET H 79 -32.19 42.20 3.53
C MET H 79 -32.66 43.53 3.02
N THR H 80 -32.44 43.78 1.73
CA THR H 80 -32.59 45.12 1.19
C THR H 80 -34.05 45.52 0.98
N SER H 81 -34.93 44.57 0.72
CA SER H 81 -36.33 44.90 0.46
C SER H 81 -37.16 43.65 0.75
N LEU H 82 -37.95 43.71 1.81
CA LEU H 82 -38.70 42.54 2.27
C LEU H 82 -40.08 42.49 1.61
N THR H 83 -40.50 41.28 1.26
CA THR H 83 -41.85 41.00 0.77
C THR H 83 -42.59 40.16 1.79
N THR H 84 -43.91 40.03 1.58
CA THR H 84 -44.69 39.17 2.48
C THR H 84 -44.19 37.73 2.45
N GLU H 85 -43.64 37.29 1.32
CA GLU H 85 -43.10 35.94 1.20
C GLU H 85 -41.81 35.76 2.00
N ASP H 86 -41.20 36.85 2.45
CA ASP H 86 -40.01 36.75 3.30
C ASP H 86 -40.37 36.55 4.77
N THR H 87 -41.66 36.51 5.10
CA THR H 87 -42.08 36.21 6.45
C THR H 87 -41.63 34.80 6.84
N ALA H 88 -40.67 34.70 7.75
CA ALA H 88 -40.08 33.42 8.13
C ALA H 88 -39.19 33.63 9.35
N THR H 89 -38.76 32.52 9.93
CA THR H 89 -37.76 32.53 10.98
C THR H 89 -36.39 32.39 10.33
N TYR H 90 -35.44 33.22 10.76
CA TYR H 90 -34.13 33.30 10.14
C TYR H 90 -33.07 32.75 11.10
N PHE H 91 -32.37 31.70 10.67
CA PHE H 91 -31.32 31.07 11.45
C PHE H 91 -29.96 31.36 10.85
N CYS H 92 -28.94 31.33 11.70
CA CYS H 92 -27.57 31.20 11.24
C CYS H 92 -27.02 29.83 11.69
N ALA H 93 -26.18 29.24 10.86
CA ALA H 93 -25.66 27.91 11.13
C ALA H 93 -24.16 27.89 10.83
N ARG H 94 -23.42 27.20 11.69
CA ARG H 94 -21.96 27.24 11.66
C ARG H 94 -21.44 26.01 10.92
N GLY H 95 -20.49 26.24 10.03
CA GLY H 95 -19.77 25.18 9.35
C GLY H 95 -20.44 24.70 8.08
N GLY H 96 -19.64 24.07 7.23
CA GLY H 96 -20.16 23.51 6.00
C GLY H 96 -21.20 22.43 6.24
N SER H 97 -21.18 21.80 7.40
CA SER H 97 -22.14 20.75 7.74
C SER H 97 -23.32 21.29 8.54
N MET H 98 -23.34 22.60 8.83
CA MET H 98 -24.34 23.23 9.70
C MET H 98 -24.54 22.46 10.99
N ASP H 99 -23.44 22.27 11.72
CA ASP H 99 -23.48 21.46 12.93
C ASP H 99 -24.05 22.23 14.11
N PHE H 100 -24.12 23.56 14.01
CA PHE H 100 -24.54 24.38 15.14
C PHE H 100 -25.48 25.46 14.63
N TRP H 101 -26.65 25.56 15.25
CA TRP H 101 -27.69 26.50 14.85
C TRP H 101 -28.08 27.39 16.02
N GLY H 102 -28.38 28.66 15.72
CA GLY H 102 -28.94 29.55 16.69
C GLY H 102 -30.43 29.28 16.90
N GLN H 103 -31.03 30.07 17.80
CA GLN H 103 -32.43 29.89 18.12
C GLN H 103 -33.34 30.42 17.02
N GLY H 104 -32.86 31.39 16.24
CA GLY H 104 -33.66 31.96 15.18
C GLY H 104 -34.28 33.30 15.57
N THR H 105 -34.59 34.10 14.55
CA THR H 105 -35.22 35.40 14.75
C THR H 105 -36.41 35.53 13.80
N LEU H 106 -37.54 36.00 14.31
CA LEU H 106 -38.79 36.02 13.56
C LEU H 106 -38.94 37.34 12.81
N VAL H 107 -39.10 37.23 11.49
CA VAL H 107 -39.36 38.37 10.63
C VAL H 107 -40.74 38.16 10.04
N THR H 108 -41.63 39.12 10.25
CA THR H 108 -42.97 39.08 9.68
C THR H 108 -43.19 40.35 8.86
N VAL H 109 -43.59 40.16 7.60
CA VAL H 109 -43.88 41.26 6.68
C VAL H 109 -45.36 41.20 6.33
N SER H 110 -46.07 42.33 6.46
CA SER H 110 -47.53 42.26 6.42
C SER H 110 -48.19 43.18 5.40
N SER H 111 -48.79 44.28 5.86
CA SER H 111 -49.67 45.07 5.01
C SER H 111 -48.91 45.80 3.91
N THR H 139 -32.63 21.41 -6.71
CA THR H 139 -33.61 21.08 -5.68
C THR H 139 -33.51 19.61 -5.23
N GLN H 140 -34.04 19.37 -4.04
CA GLN H 140 -33.98 18.02 -3.44
C GLN H 140 -35.41 17.64 -3.06
N THR H 141 -35.87 16.47 -3.52
CA THR H 141 -37.27 16.05 -3.23
C THR H 141 -37.28 14.81 -2.34
N PRO H 142 -37.67 14.92 -1.05
CA PRO H 142 -37.87 13.74 -0.21
C PRO H 142 -39.26 13.26 -0.61
N SER H 143 -39.36 12.08 -1.23
CA SER H 143 -40.67 11.63 -1.77
C SER H 143 -41.79 11.64 -0.70
N PRO H 144 -41.66 11.07 0.54
CA PRO H 144 -42.80 11.10 1.46
C PRO H 144 -42.86 12.38 2.29
N VAL H 145 -44.10 12.79 2.58
CA VAL H 145 -44.32 13.88 3.52
C VAL H 145 -44.27 13.37 4.96
N SER H 146 -44.73 12.13 5.21
CA SER H 146 -44.80 11.58 6.56
C SER H 146 -44.50 10.08 6.55
N ALA H 147 -44.04 9.59 7.70
CA ALA H 147 -43.81 8.17 7.93
C ALA H 147 -44.07 7.90 9.40
N ALA H 148 -44.39 6.64 9.74
CA ALA H 148 -44.78 6.33 11.11
C ALA H 148 -44.72 4.85 11.42
N VAL H 149 -44.08 4.48 12.53
CA VAL H 149 -44.15 3.16 13.14
C VAL H 149 -44.11 3.33 14.66
N GLY H 150 -44.07 2.21 15.38
CA GLY H 150 -44.01 2.25 16.83
C GLY H 150 -42.94 1.35 17.42
N GLY H 151 -41.77 1.91 17.73
CA GLY H 151 -40.66 1.10 18.21
C GLY H 151 -39.90 0.35 17.15
N THR H 152 -40.14 0.61 15.86
CA THR H 152 -39.55 -0.18 14.79
C THR H 152 -38.64 0.66 13.89
N VAL H 153 -38.83 0.55 12.57
CA VAL H 153 -37.92 1.13 11.59
C VAL H 153 -38.73 1.99 10.61
N THR H 154 -38.24 3.18 10.32
CA THR H 154 -38.78 4.06 9.28
C THR H 154 -37.71 4.33 8.22
N ILE H 155 -38.13 4.98 7.14
CA ILE H 155 -37.24 5.28 6.02
C ILE H 155 -37.62 6.64 5.45
N SER H 156 -36.71 7.59 5.52
CA SER H 156 -36.84 8.88 4.84
C SER H 156 -35.89 8.84 3.65
N CYS H 157 -36.44 8.88 2.45
CA CYS H 157 -35.66 8.84 1.23
C CYS H 157 -35.58 10.22 0.61
N GLN H 158 -34.64 10.39 -0.31
CA GLN H 158 -34.37 11.71 -0.88
C GLN H 158 -33.78 11.60 -2.27
N SER H 159 -34.34 12.35 -3.22
CA SER H 159 -33.82 12.42 -4.57
C SER H 159 -33.40 13.85 -4.85
N SER H 160 -32.26 14.01 -5.52
CA SER H 160 -31.70 15.31 -5.86
C SER H 160 -31.69 15.51 -7.38
N GLN H 161 -31.98 16.74 -7.82
CA GLN H 161 -31.93 17.06 -9.24
C GLN H 161 -30.55 16.81 -9.82
N SER H 162 -29.51 17.28 -9.14
CA SER H 162 -28.13 17.12 -9.55
C SER H 162 -27.41 16.27 -8.53
N VAL H 163 -26.24 15.76 -8.91
CA VAL H 163 -25.37 15.10 -7.93
C VAL H 163 -24.77 16.16 -6.99
N ALA H 164 -24.31 15.73 -5.81
CA ALA H 164 -24.00 16.64 -4.72
C ALA H 164 -22.61 16.35 -4.12
N GLY H 165 -21.53 16.73 -4.83
CA GLY H 165 -20.19 16.28 -4.42
C GLY H 165 -20.04 14.75 -4.48
N ASN H 166 -21.16 14.09 -4.83
CA ASN H 166 -21.44 12.65 -4.81
C ASN H 166 -21.59 12.08 -3.41
N ASN H 167 -21.43 12.90 -2.37
CA ASN H 167 -21.51 12.44 -0.97
C ASN H 167 -21.88 13.58 -0.05
N PHE H 168 -21.81 14.84 -0.50
N PHE H 168 -21.73 14.83 -0.49
CA PHE H 168 -22.19 15.95 0.36
CA PHE H 168 -22.23 15.91 0.35
C PHE H 168 -23.69 15.96 0.59
C PHE H 168 -23.72 15.75 0.46
N LEU H 169 -24.17 15.20 1.57
CA LEU H 169 -25.59 15.10 1.86
C LEU H 169 -25.71 14.91 3.37
N SER H 170 -26.52 15.74 4.00
CA SER H 170 -26.64 15.74 5.46
C SER H 170 -28.10 15.62 5.83
N TRP H 171 -28.34 15.05 7.01
CA TRP H 171 -29.68 14.90 7.54
C TRP H 171 -29.78 15.72 8.83
N TYR H 172 -30.89 16.44 8.97
CA TYR H 172 -31.14 17.25 10.15
C TYR H 172 -32.47 16.86 10.76
N GLN H 173 -32.53 16.87 12.08
CA GLN H 173 -33.75 16.60 12.84
C GLN H 173 -34.23 17.90 13.47
N GLN H 174 -35.53 18.17 13.38
CA GLN H 174 -36.06 19.41 13.91
C GLN H 174 -37.37 19.11 14.63
N LYS H 175 -37.28 18.97 15.96
CA LYS H 175 -38.48 18.95 16.78
C LYS H 175 -39.09 20.34 16.77
N PRO H 176 -40.41 20.46 16.68
CA PRO H 176 -41.02 21.77 16.41
C PRO H 176 -40.76 22.77 17.53
N GLY H 177 -40.52 24.03 17.13
CA GLY H 177 -40.20 25.10 18.06
C GLY H 177 -38.73 25.27 18.34
N GLN H 178 -37.89 24.35 17.88
CA GLN H 178 -36.48 24.31 18.21
C GLN H 178 -35.65 24.44 16.95
N PRO H 179 -34.37 24.79 17.08
CA PRO H 179 -33.51 24.81 15.90
C PRO H 179 -33.28 23.40 15.39
N PRO H 180 -32.94 23.25 14.12
CA PRO H 180 -32.58 21.92 13.61
C PRO H 180 -31.28 21.44 14.23
N THR H 181 -31.21 20.15 14.53
CA THR H 181 -29.99 19.53 15.01
C THR H 181 -29.51 18.55 13.95
N GLN H 182 -28.20 18.55 13.72
CA GLN H 182 -27.62 17.68 12.72
C GLN H 182 -27.42 16.26 13.27
N LEU H 183 -27.87 15.27 12.50
CA LEU H 183 -27.65 13.88 12.83
C LEU H 183 -26.53 13.26 12.03
N ILE H 184 -26.52 13.48 10.71
CA ILE H 184 -25.59 12.81 9.82
C ILE H 184 -25.06 13.82 8.80
N GLY H 185 -23.75 13.84 8.62
CA GLY H 185 -23.13 14.63 7.58
C GLY H 185 -22.39 13.72 6.63
N ALA H 186 -22.09 14.20 5.41
CA ALA H 186 -21.28 13.47 4.44
C ALA H 186 -21.86 12.09 4.12
N THR H 187 -23.19 12.04 4.00
CA THR H 187 -24.04 10.90 3.61
C THR H 187 -24.11 9.69 4.55
N SER H 188 -23.24 9.60 5.55
CA SER H 188 -23.24 8.38 6.36
C SER H 188 -22.59 8.62 7.71
N THR H 189 -21.81 9.69 7.83
CA THR H 189 -21.04 9.94 9.04
C THR H 189 -21.94 10.51 10.12
N LEU H 190 -22.10 9.75 11.21
CA LEU H 190 -22.91 10.19 12.34
C LEU H 190 -22.24 11.39 13.02
N ALA H 191 -23.07 12.30 13.52
CA ALA H 191 -22.55 13.47 14.21
C ALA H 191 -22.25 13.14 15.67
N SER H 192 -21.48 14.01 16.31
CA SER H 192 -21.08 13.84 17.70
C SER H 192 -22.30 13.71 18.60
N GLY H 193 -22.50 12.53 19.18
CA GLY H 193 -23.57 12.30 20.13
C GLY H 193 -24.80 11.62 19.60
N VAL H 194 -24.84 11.30 18.31
CA VAL H 194 -26.06 10.76 17.70
C VAL H 194 -25.96 9.24 17.68
N PRO H 195 -27.03 8.52 18.03
CA PRO H 195 -26.94 7.05 18.12
C PRO H 195 -26.79 6.41 16.76
N SER H 196 -26.10 5.25 16.74
CA SER H 196 -26.00 4.44 15.53
C SER H 196 -27.37 3.98 15.05
N ARG H 197 -28.38 4.07 15.91
CA ARG H 197 -29.76 3.88 15.52
C ARG H 197 -30.10 4.66 14.24
N PHE H 198 -29.52 5.84 14.07
CA PHE H 198 -29.73 6.67 12.89
C PHE H 198 -28.67 6.27 11.86
N LYS H 199 -29.11 5.69 10.74
CA LYS H 199 -28.21 5.25 9.69
C LYS H 199 -28.56 5.96 8.38
N GLY H 200 -27.57 6.53 7.74
CA GLY H 200 -27.75 7.18 6.45
C GLY H 200 -26.92 6.50 5.38
N SER H 201 -27.51 6.35 4.19
CA SER H 201 -26.82 5.77 3.05
C SER H 201 -27.21 6.56 1.80
N GLY H 202 -26.57 6.19 0.69
CA GLY H 202 -26.84 6.85 -0.57
C GLY H 202 -25.61 7.43 -1.25
N SER H 203 -25.73 7.73 -2.53
CA SER H 203 -24.65 8.35 -3.28
C SER H 203 -25.21 9.04 -4.50
N GLY H 204 -24.54 10.11 -4.91
CA GLY H 204 -24.94 10.83 -6.11
C GLY H 204 -26.23 11.59 -5.94
N THR H 205 -27.35 10.97 -6.31
CA THR H 205 -28.64 11.65 -6.30
C THR H 205 -29.66 11.04 -5.35
N GLN H 206 -29.49 9.79 -4.93
CA GLN H 206 -30.44 9.12 -4.07
C GLN H 206 -29.81 8.87 -2.71
N PHE H 207 -30.48 9.29 -1.65
CA PHE H 207 -30.00 9.11 -0.30
C PHE H 207 -31.15 8.68 0.61
N THR H 208 -30.82 7.97 1.67
CA THR H 208 -31.83 7.39 2.54
C THR H 208 -31.42 7.54 3.99
N LEU H 209 -32.35 7.97 4.82
CA LEU H 209 -32.17 7.96 6.27
C LEU H 209 -33.06 6.89 6.86
N THR H 210 -32.47 5.95 7.59
CA THR H 210 -33.20 4.85 8.20
C THR H 210 -33.05 4.93 9.70
N ILE H 211 -34.17 4.93 10.41
CA ILE H 211 -34.20 5.08 11.87
C ILE H 211 -34.69 3.76 12.46
N SER H 212 -33.81 3.05 13.16
CA SER H 212 -34.18 1.83 13.83
C SER H 212 -34.67 2.13 15.25
N ASP H 213 -35.04 1.08 15.98
CA ASP H 213 -35.55 1.16 17.36
C ASP H 213 -36.22 2.49 17.65
N LEU H 214 -37.27 2.80 16.89
CA LEU H 214 -37.90 4.11 16.99
C LEU H 214 -38.34 4.41 18.43
N GLU H 215 -38.05 5.64 18.87
CA GLU H 215 -38.40 6.10 20.20
C GLU H 215 -39.44 7.19 20.10
N SER H 216 -40.17 7.40 21.21
CA SER H 216 -41.21 8.42 21.21
C SER H 216 -40.62 9.80 20.95
N ASP H 217 -39.42 10.05 21.46
CA ASP H 217 -38.75 11.34 21.29
C ASP H 217 -38.10 11.50 19.93
N ASP H 218 -38.37 10.58 19.00
CA ASP H 218 -37.94 10.73 17.62
C ASP H 218 -38.98 11.44 16.76
N ALA H 219 -40.14 11.77 17.33
CA ALA H 219 -41.16 12.52 16.62
C ALA H 219 -40.61 13.88 16.23
N ALA H 220 -40.30 14.04 14.95
CA ALA H 220 -39.74 15.27 14.43
C ALA H 220 -39.86 15.26 12.91
N THR H 221 -39.62 16.41 12.31
CA THR H 221 -39.64 16.55 10.86
C THR H 221 -38.18 16.55 10.39
N TYR H 222 -37.79 15.49 9.68
CA TYR H 222 -36.40 15.29 9.29
C TYR H 222 -36.14 15.94 7.93
N TYR H 223 -35.20 16.88 7.91
CA TYR H 223 -34.79 17.56 6.70
C TYR H 223 -33.45 16.99 6.23
N CYS H 224 -33.05 17.45 5.07
CA CYS H 224 -31.83 16.96 4.44
C CYS H 224 -31.29 18.07 3.54
N ALA H 225 -29.97 18.29 3.62
CA ALA H 225 -29.34 19.36 2.90
C ALA H 225 -28.18 18.79 2.10
N GLY H 226 -28.03 19.27 0.88
CA GLY H 226 -26.95 18.85 0.00
C GLY H 226 -26.11 20.05 -0.39
N GLY H 227 -24.82 19.81 -0.58
CA GLY H 227 -23.90 20.81 -1.09
C GLY H 227 -23.56 20.47 -2.54
N TYR H 228 -23.42 21.52 -3.35
CA TYR H 228 -23.29 21.35 -4.80
C TYR H 228 -22.11 22.16 -5.30
N SER H 229 -21.77 21.92 -6.56
CA SER H 229 -20.78 22.76 -7.22
C SER H 229 -21.21 24.22 -7.17
N GLY H 230 -20.22 25.11 -7.10
CA GLY H 230 -20.50 26.51 -6.90
C GLY H 230 -20.80 26.85 -5.47
N ASN H 231 -20.62 25.91 -4.56
CA ASN H 231 -20.80 26.15 -3.12
C ASN H 231 -22.25 26.53 -2.80
N ILE H 232 -23.19 25.86 -3.42
CA ILE H 232 -24.61 26.10 -3.18
C ILE H 232 -25.16 25.01 -2.29
N PHE H 233 -26.04 25.39 -1.37
CA PHE H 233 -26.73 24.46 -0.51
C PHE H 233 -28.21 24.53 -0.80
N ALA H 234 -28.90 23.43 -0.48
CA ALA H 234 -30.34 23.37 -0.67
C ALA H 234 -30.90 22.33 0.30
N PHE H 235 -32.05 22.66 0.89
CA PHE H 235 -32.76 21.73 1.76
C PHE H 235 -33.89 21.08 0.98
N GLY H 236 -34.09 19.81 1.22
CA GLY H 236 -35.28 19.16 0.73
C GLY H 236 -36.48 19.54 1.56
N GLY H 237 -37.66 19.10 1.10
CA GLY H 237 -38.88 19.29 1.88
C GLY H 237 -38.78 18.57 3.21
N GLY H 238 -39.77 18.82 4.06
CA GLY H 238 -39.84 18.07 5.29
C GLY H 238 -40.25 16.63 5.07
N THR H 239 -39.82 15.75 5.98
CA THR H 239 -40.38 14.41 6.12
C THR H 239 -40.69 14.23 7.59
N GLU H 240 -41.97 14.37 7.94
CA GLU H 240 -42.40 14.28 9.33
C GLU H 240 -42.47 12.83 9.77
N LEU H 241 -42.21 12.60 11.06
CA LEU H 241 -42.23 11.29 11.66
C LEU H 241 -43.22 11.25 12.82
N GLU H 242 -43.87 10.09 12.99
CA GLU H 242 -44.83 9.89 14.07
C GLU H 242 -44.57 8.55 14.75
N ILE H 243 -44.89 8.48 16.03
CA ILE H 243 -44.72 7.26 16.81
C ILE H 243 -46.09 6.63 17.03
N LEU H 244 -46.21 5.34 16.70
CA LEU H 244 -47.44 4.60 16.89
C LEU H 244 -47.30 3.64 18.06
#